data_7JTA
# 
_entry.id   7JTA 
# 
_audit_conform.dict_name       mmcif_pdbx.dic 
_audit_conform.dict_version    5.397 
_audit_conform.dict_location   http://mmcif.pdb.org/dictionaries/ascii/mmcif_pdbx.dic 
# 
loop_
_database_2.database_id 
_database_2.database_code 
_database_2.pdbx_database_accession 
_database_2.pdbx_DOI 
PDB   7JTA         pdb_00007jta 10.2210/pdb7jta/pdb 
WWPDB D_1000251301 ?            ?                   
# 
loop_
_pdbx_audit_revision_history.ordinal 
_pdbx_audit_revision_history.data_content_type 
_pdbx_audit_revision_history.major_revision 
_pdbx_audit_revision_history.minor_revision 
_pdbx_audit_revision_history.revision_date 
1 'Structure model' 1 0 2021-09-22 
2 'Structure model' 1 1 2022-04-06 
3 'Structure model' 1 2 2024-04-03 
4 'Structure model' 1 3 2024-10-30 
# 
_pdbx_audit_revision_details.ordinal             1 
_pdbx_audit_revision_details.revision_ordinal    1 
_pdbx_audit_revision_details.data_content_type   'Structure model' 
_pdbx_audit_revision_details.provider            repository 
_pdbx_audit_revision_details.type                'Initial release' 
_pdbx_audit_revision_details.description         ? 
_pdbx_audit_revision_details.details             ? 
# 
loop_
_pdbx_audit_revision_group.ordinal 
_pdbx_audit_revision_group.revision_ordinal 
_pdbx_audit_revision_group.data_content_type 
_pdbx_audit_revision_group.group 
1 2 'Structure model' 'Database references'    
2 3 'Structure model' 'Data collection'        
3 3 'Structure model' 'Refinement description' 
4 4 'Structure model' 'Structure summary'      
# 
loop_
_pdbx_audit_revision_category.ordinal 
_pdbx_audit_revision_category.revision_ordinal 
_pdbx_audit_revision_category.data_content_type 
_pdbx_audit_revision_category.category 
1 2 'Structure model' citation                      
2 2 'Structure model' citation_author               
3 3 'Structure model' chem_comp_atom                
4 3 'Structure model' chem_comp_bond                
5 3 'Structure model' pdbx_initial_refinement_model 
6 3 'Structure model' struct_ncs_dom_lim            
7 4 'Structure model' pdbx_entry_details            
8 4 'Structure model' pdbx_modification_feature     
# 
loop_
_pdbx_audit_revision_item.ordinal 
_pdbx_audit_revision_item.revision_ordinal 
_pdbx_audit_revision_item.data_content_type 
_pdbx_audit_revision_item.item 
1  2 'Structure model' '_citation.country'                            
2  2 'Structure model' '_citation.journal_abbrev'                     
3  2 'Structure model' '_citation.journal_id_CSD'                     
4  2 'Structure model' '_citation.journal_id_ISSN'                    
5  2 'Structure model' '_citation.journal_volume'                     
6  2 'Structure model' '_citation.page_first'                         
7  2 'Structure model' '_citation.page_last'                          
8  2 'Structure model' '_citation.pdbx_database_id_DOI'               
9  2 'Structure model' '_citation.pdbx_database_id_PubMed'            
10 2 'Structure model' '_citation.title'                              
11 2 'Structure model' '_citation.year'                               
12 3 'Structure model' '_struct_ncs_dom_lim.beg_auth_comp_id'         
13 3 'Structure model' '_struct_ncs_dom_lim.beg_label_asym_id'        
14 3 'Structure model' '_struct_ncs_dom_lim.beg_label_comp_id'        
15 3 'Structure model' '_struct_ncs_dom_lim.beg_label_seq_id'         
16 3 'Structure model' '_struct_ncs_dom_lim.end_auth_comp_id'         
17 3 'Structure model' '_struct_ncs_dom_lim.end_label_asym_id'        
18 3 'Structure model' '_struct_ncs_dom_lim.end_label_comp_id'        
19 3 'Structure model' '_struct_ncs_dom_lim.end_label_seq_id'         
20 4 'Structure model' '_pdbx_entry_details.has_protein_modification' 
# 
_pdbx_database_status.status_code                     REL 
_pdbx_database_status.status_code_sf                  REL 
_pdbx_database_status.status_code_mr                  ? 
_pdbx_database_status.entry_id                        7JTA 
_pdbx_database_status.recvd_initial_deposition_date   2020-08-17 
_pdbx_database_status.SG_entry                        N 
_pdbx_database_status.deposit_site                    RCSB 
_pdbx_database_status.process_site                    RCSB 
_pdbx_database_status.status_code_cs                  ? 
_pdbx_database_status.status_code_nmr_data            ? 
_pdbx_database_status.methods_development_category    ? 
_pdbx_database_status.pdb_format_compatible           Y 
# 
loop_
_audit_author.name 
_audit_author.pdbx_ordinal 
_audit_author.identifier_ORCID 
'Werther, R.'    1 0000-0002-3058-1550 
'Forsberg, K.J.' 2 0000-0002-1545-8925 
'Stoddard, B.L.' 3 0000-0001-6005-0016 
# 
_citation.abstract                  ? 
_citation.abstract_id_CAS           ? 
_citation.book_id_ISBN              ? 
_citation.book_publisher            ? 
_citation.book_publisher_city       ? 
_citation.book_title                ? 
_citation.coordinate_linkage        ? 
_citation.country                   US 
_citation.database_id_Medline       ? 
_citation.details                   ? 
_citation.id                        primary 
_citation.journal_abbrev            'Plos Biol.' 
_citation.journal_id_ASTM           ? 
_citation.journal_id_CSD            ? 
_citation.journal_id_ISSN           1545-7885 
_citation.journal_full              ? 
_citation.journal_issue             ? 
_citation.journal_volume            19 
_citation.language                  ? 
_citation.page_first                e3001428 
_citation.page_last                 e3001428 
_citation.title                     
'The novel anti-CRISPR AcrIIA22 relieves DNA torsion in target plasmids and impairs SpyCas9 activity.' 
_citation.year                      2021 
_citation.database_id_CSD           ? 
_citation.pdbx_database_id_DOI      10.1371/journal.pbio.3001428 
_citation.pdbx_database_id_PubMed   34644300 
_citation.unpublished_flag          ? 
# 
loop_
_citation_author.citation_id 
_citation_author.name 
_citation_author.ordinal 
_citation_author.identifier_ORCID 
primary 'Forsberg, K.J.'  1 0000-0002-1545-8925 
primary 'Schmidtke, D.T.' 2 0000-0001-9509-6188 
primary 'Werther, R.'     3 0000-0002-3058-1550 
primary 'Uribe, R.V.'     4 0000-0002-9800-0409 
primary 'Hausman, D.'     5 0000-0003-0914-5022 
primary 'Sommer, M.O.A.'  6 0000-0003-4005-5674 
primary 'Stoddard, B.L.'  7 ?                   
primary 'Kaiser, B.K.'    8 ?                   
primary 'Malik, H.S.'     9 0000-0001-6005-0016 
# 
loop_
_entity.id 
_entity.type 
_entity.src_method 
_entity.pdbx_description 
_entity.formula_weight 
_entity.pdbx_number_of_molecules 
_entity.pdbx_ec 
_entity.pdbx_mutation 
_entity.pdbx_fragment 
_entity.details 
1 polymer     man 'NTF2-like nuclease/anti-CRISPR' 6394.332 2 ? ? ? ? 
2 non-polymer syn 'NITRATE ION'                    62.005   7 ? ? ? ? 
3 non-polymer syn '(4S)-2-METHYL-2,4-PENTANEDIOL'  118.174  1 ? ? ? ? 
4 water       nat water                            18.015   3 ? ? ? ? 
# 
_entity_poly.entity_id                      1 
_entity_poly.type                           'polypeptide(L)' 
_entity_poly.nstd_linkage                   no 
_entity_poly.nstd_monomer                   no 
_entity_poly.pdbx_seq_one_letter_code       GSSMGMVVEETRDLAETADCVVIEAILVDDGLRYRQLSVGIKDENGDIIRIVPISTVLI 
_entity_poly.pdbx_seq_one_letter_code_can   GSSMGMVVEETRDLAETADCVVIEAILVDDGLRYRQLSVGIKDENGDIIRIVPISTVLI 
_entity_poly.pdbx_strand_id                 A,B 
_entity_poly.pdbx_target_identifier         ? 
# 
loop_
_pdbx_entity_nonpoly.entity_id 
_pdbx_entity_nonpoly.name 
_pdbx_entity_nonpoly.comp_id 
2 'NITRATE ION'                   NO3 
3 '(4S)-2-METHYL-2,4-PENTANEDIOL' MPD 
4 water                           HOH 
# 
loop_
_entity_poly_seq.entity_id 
_entity_poly_seq.num 
_entity_poly_seq.mon_id 
_entity_poly_seq.hetero 
1 1  GLY n 
1 2  SER n 
1 3  SER n 
1 4  MET n 
1 5  GLY n 
1 6  MET n 
1 7  VAL n 
1 8  VAL n 
1 9  GLU n 
1 10 GLU n 
1 11 THR n 
1 12 ARG n 
1 13 ASP n 
1 14 LEU n 
1 15 ALA n 
1 16 GLU n 
1 17 THR n 
1 18 ALA n 
1 19 ASP n 
1 20 CYS n 
1 21 VAL n 
1 22 VAL n 
1 23 ILE n 
1 24 GLU n 
1 25 ALA n 
1 26 ILE n 
1 27 LEU n 
1 28 VAL n 
1 29 ASP n 
1 30 ASP n 
1 31 GLY n 
1 32 LEU n 
1 33 ARG n 
1 34 TYR n 
1 35 ARG n 
1 36 GLN n 
1 37 LEU n 
1 38 SER n 
1 39 VAL n 
1 40 GLY n 
1 41 ILE n 
1 42 LYS n 
1 43 ASP n 
1 44 GLU n 
1 45 ASN n 
1 46 GLY n 
1 47 ASP n 
1 48 ILE n 
1 49 ILE n 
1 50 ARG n 
1 51 ILE n 
1 52 VAL n 
1 53 PRO n 
1 54 ILE n 
1 55 SER n 
1 56 THR n 
1 57 VAL n 
1 58 LEU n 
1 59 ILE n 
# 
_entity_src_gen.entity_id                          1 
_entity_src_gen.pdbx_src_id                        1 
_entity_src_gen.pdbx_alt_source_flag               sample 
_entity_src_gen.pdbx_seq_type                      'Biological sequence' 
_entity_src_gen.pdbx_beg_seq_num                   1 
_entity_src_gen.pdbx_end_seq_num                   59 
_entity_src_gen.gene_src_common_name               ? 
_entity_src_gen.gene_src_genus                     ? 
_entity_src_gen.pdbx_gene_src_gene                 ? 
_entity_src_gen.gene_src_species                   ? 
_entity_src_gen.gene_src_strain                    ? 
_entity_src_gen.gene_src_tissue                    ? 
_entity_src_gen.gene_src_tissue_fraction           ? 
_entity_src_gen.gene_src_details                   ? 
_entity_src_gen.pdbx_gene_src_fragment             ? 
_entity_src_gen.pdbx_gene_src_scientific_name      'Clostridia bacterium' 
_entity_src_gen.pdbx_gene_src_ncbi_taxonomy_id     2044939 
_entity_src_gen.pdbx_gene_src_variant              ? 
_entity_src_gen.pdbx_gene_src_cell_line            ? 
_entity_src_gen.pdbx_gene_src_atcc                 ? 
_entity_src_gen.pdbx_gene_src_organ                ? 
_entity_src_gen.pdbx_gene_src_organelle            ? 
_entity_src_gen.pdbx_gene_src_cell                 ? 
_entity_src_gen.pdbx_gene_src_cellular_location    ? 
_entity_src_gen.host_org_common_name               ? 
_entity_src_gen.pdbx_host_org_scientific_name      'Escherichia coli' 
_entity_src_gen.pdbx_host_org_ncbi_taxonomy_id     562 
_entity_src_gen.host_org_genus                     ? 
_entity_src_gen.pdbx_host_org_gene                 ? 
_entity_src_gen.pdbx_host_org_organ                ? 
_entity_src_gen.host_org_species                   ? 
_entity_src_gen.pdbx_host_org_tissue               ? 
_entity_src_gen.pdbx_host_org_tissue_fraction      ? 
_entity_src_gen.pdbx_host_org_strain               ? 
_entity_src_gen.pdbx_host_org_variant              ? 
_entity_src_gen.pdbx_host_org_cell_line            ? 
_entity_src_gen.pdbx_host_org_atcc                 ? 
_entity_src_gen.pdbx_host_org_culture_collection   ? 
_entity_src_gen.pdbx_host_org_cell                 ? 
_entity_src_gen.pdbx_host_org_organelle            ? 
_entity_src_gen.pdbx_host_org_cellular_location    ? 
_entity_src_gen.pdbx_host_org_vector_type          ? 
_entity_src_gen.pdbx_host_org_vector               ? 
_entity_src_gen.host_org_details                   ? 
_entity_src_gen.expression_system_id               ? 
_entity_src_gen.plasmid_name                       ? 
_entity_src_gen.plasmid_details                    ? 
_entity_src_gen.pdbx_description                   ? 
# 
loop_
_chem_comp.id 
_chem_comp.type 
_chem_comp.mon_nstd_flag 
_chem_comp.name 
_chem_comp.pdbx_synonyms 
_chem_comp.formula 
_chem_comp.formula_weight 
ALA 'L-peptide linking' y ALANINE                         ? 'C3 H7 N O2'     89.093  
ARG 'L-peptide linking' y ARGININE                        ? 'C6 H15 N4 O2 1' 175.209 
ASN 'L-peptide linking' y ASPARAGINE                      ? 'C4 H8 N2 O3'    132.118 
ASP 'L-peptide linking' y 'ASPARTIC ACID'                 ? 'C4 H7 N O4'     133.103 
CYS 'L-peptide linking' y CYSTEINE                        ? 'C3 H7 N O2 S'   121.158 
GLN 'L-peptide linking' y GLUTAMINE                       ? 'C5 H10 N2 O3'   146.144 
GLU 'L-peptide linking' y 'GLUTAMIC ACID'                 ? 'C5 H9 N O4'     147.129 
GLY 'peptide linking'   y GLYCINE                         ? 'C2 H5 N O2'     75.067  
HOH non-polymer         . WATER                           ? 'H2 O'           18.015  
ILE 'L-peptide linking' y ISOLEUCINE                      ? 'C6 H13 N O2'    131.173 
LEU 'L-peptide linking' y LEUCINE                         ? 'C6 H13 N O2'    131.173 
LYS 'L-peptide linking' y LYSINE                          ? 'C6 H15 N2 O2 1' 147.195 
MET 'L-peptide linking' y METHIONINE                      ? 'C5 H11 N O2 S'  149.211 
MPD non-polymer         . '(4S)-2-METHYL-2,4-PENTANEDIOL' ? 'C6 H14 O2'      118.174 
NO3 non-polymer         . 'NITRATE ION'                   ? 'N O3 -1'        62.005  
PRO 'L-peptide linking' y PROLINE                         ? 'C5 H9 N O2'     115.130 
SER 'L-peptide linking' y SERINE                          ? 'C3 H7 N O3'     105.093 
THR 'L-peptide linking' y THREONINE                       ? 'C4 H9 N O3'     119.119 
TYR 'L-peptide linking' y TYROSINE                        ? 'C9 H11 N O3'    181.189 
VAL 'L-peptide linking' y VALINE                          ? 'C5 H11 N O2'    117.146 
# 
loop_
_pdbx_poly_seq_scheme.asym_id 
_pdbx_poly_seq_scheme.entity_id 
_pdbx_poly_seq_scheme.seq_id 
_pdbx_poly_seq_scheme.mon_id 
_pdbx_poly_seq_scheme.ndb_seq_num 
_pdbx_poly_seq_scheme.pdb_seq_num 
_pdbx_poly_seq_scheme.auth_seq_num 
_pdbx_poly_seq_scheme.pdb_mon_id 
_pdbx_poly_seq_scheme.auth_mon_id 
_pdbx_poly_seq_scheme.pdb_strand_id 
_pdbx_poly_seq_scheme.pdb_ins_code 
_pdbx_poly_seq_scheme.hetero 
A 1 1  GLY 1  -4 ?  ?   ?   A . n 
A 1 2  SER 2  -3 ?  ?   ?   A . n 
A 1 3  SER 3  -2 ?  ?   ?   A . n 
A 1 4  MET 4  -1 -1 MET MET A . n 
A 1 5  GLY 5  0  0  GLY GLY A . n 
A 1 6  MET 6  1  1  MET MET A . n 
A 1 7  VAL 7  2  2  VAL VAL A . n 
A 1 8  VAL 8  3  3  VAL VAL A . n 
A 1 9  GLU 9  4  4  GLU GLU A . n 
A 1 10 GLU 10 5  5  GLU GLU A . n 
A 1 11 THR 11 6  6  THR THR A . n 
A 1 12 ARG 12 7  7  ARG ARG A . n 
A 1 13 ASP 13 8  8  ASP ASP A . n 
A 1 14 LEU 14 9  9  LEU LEU A . n 
A 1 15 ALA 15 10 10 ALA ALA A . n 
A 1 16 GLU 16 11 11 GLU GLU A . n 
A 1 17 THR 17 12 12 THR THR A . n 
A 1 18 ALA 18 13 13 ALA ALA A . n 
A 1 19 ASP 19 14 14 ASP ASP A . n 
A 1 20 CYS 20 15 15 CYS CYS A . n 
A 1 21 VAL 21 16 16 VAL VAL A . n 
A 1 22 VAL 22 17 17 VAL VAL A . n 
A 1 23 ILE 23 18 18 ILE ILE A . n 
A 1 24 GLU 24 19 19 GLU GLU A . n 
A 1 25 ALA 25 20 20 ALA ALA A . n 
A 1 26 ILE 26 21 21 ILE ILE A . n 
A 1 27 LEU 27 22 22 LEU LEU A . n 
A 1 28 VAL 28 23 23 VAL VAL A . n 
A 1 29 ASP 29 24 24 ASP ASP A . n 
A 1 30 ASP 30 25 25 ASP ASP A . n 
A 1 31 GLY 31 26 26 GLY GLY A . n 
A 1 32 LEU 32 27 27 LEU LEU A . n 
A 1 33 ARG 33 28 28 ARG ARG A . n 
A 1 34 TYR 34 29 29 TYR TYR A . n 
A 1 35 ARG 35 30 30 ARG ARG A . n 
A 1 36 GLN 36 31 31 GLN GLN A . n 
A 1 37 LEU 37 32 32 LEU LEU A . n 
A 1 38 SER 38 33 33 SER SER A . n 
A 1 39 VAL 39 34 34 VAL VAL A . n 
A 1 40 GLY 40 35 35 GLY GLY A . n 
A 1 41 ILE 41 36 36 ILE ILE A . n 
A 1 42 LYS 42 37 37 LYS LYS A . n 
A 1 43 ASP 43 38 38 ASP ASP A . n 
A 1 44 GLU 44 39 39 GLU GLU A . n 
A 1 45 ASN 45 40 40 ASN ASN A . n 
A 1 46 GLY 46 41 41 GLY GLY A . n 
A 1 47 ASP 47 42 42 ASP ASP A . n 
A 1 48 ILE 48 43 43 ILE ILE A . n 
A 1 49 ILE 49 44 44 ILE ILE A . n 
A 1 50 ARG 50 45 45 ARG ARG A . n 
A 1 51 ILE 51 46 46 ILE ILE A . n 
A 1 52 VAL 52 47 47 VAL VAL A . n 
A 1 53 PRO 53 48 48 PRO PRO A . n 
A 1 54 ILE 54 49 49 ILE ILE A . n 
A 1 55 SER 55 50 50 SER SER A . n 
A 1 56 THR 56 51 51 THR THR A . n 
A 1 57 VAL 57 52 52 VAL VAL A . n 
A 1 58 LEU 58 53 53 LEU LEU A . n 
A 1 59 ILE 59 54 54 ILE ILE A . n 
B 1 1  GLY 1  -4 ?  ?   ?   B . n 
B 1 2  SER 2  -3 ?  ?   ?   B . n 
B 1 3  SER 3  -2 ?  ?   ?   B . n 
B 1 4  MET 4  -1 -1 MET MET B . n 
B 1 5  GLY 5  0  0  GLY GLY B . n 
B 1 6  MET 6  1  1  MET MET B . n 
B 1 7  VAL 7  2  2  VAL VAL B . n 
B 1 8  VAL 8  3  3  VAL VAL B . n 
B 1 9  GLU 9  4  4  GLU GLU B . n 
B 1 10 GLU 10 5  5  GLU GLU B . n 
B 1 11 THR 11 6  6  THR THR B . n 
B 1 12 ARG 12 7  7  ARG ARG B . n 
B 1 13 ASP 13 8  8  ASP ASP B . n 
B 1 14 LEU 14 9  9  LEU LEU B . n 
B 1 15 ALA 15 10 10 ALA ALA B . n 
B 1 16 GLU 16 11 11 GLU GLU B . n 
B 1 17 THR 17 12 12 THR THR B . n 
B 1 18 ALA 18 13 13 ALA ALA B . n 
B 1 19 ASP 19 14 14 ASP ASP B . n 
B 1 20 CYS 20 15 15 CYS CYS B . n 
B 1 21 VAL 21 16 16 VAL VAL B . n 
B 1 22 VAL 22 17 17 VAL VAL B . n 
B 1 23 ILE 23 18 18 ILE ILE B . n 
B 1 24 GLU 24 19 19 GLU GLU B . n 
B 1 25 ALA 25 20 20 ALA ALA B . n 
B 1 26 ILE 26 21 21 ILE ILE B . n 
B 1 27 LEU 27 22 22 LEU LEU B . n 
B 1 28 VAL 28 23 23 VAL VAL B . n 
B 1 29 ASP 29 24 24 ASP ASP B . n 
B 1 30 ASP 30 25 25 ASP ASP B . n 
B 1 31 GLY 31 26 26 GLY GLY B . n 
B 1 32 LEU 32 27 27 LEU LEU B . n 
B 1 33 ARG 33 28 28 ARG ARG B . n 
B 1 34 TYR 34 29 29 TYR TYR B . n 
B 1 35 ARG 35 30 30 ARG ARG B . n 
B 1 36 GLN 36 31 31 GLN GLN B . n 
B 1 37 LEU 37 32 32 LEU LEU B . n 
B 1 38 SER 38 33 33 SER SER B . n 
B 1 39 VAL 39 34 34 VAL VAL B . n 
B 1 40 GLY 40 35 35 GLY GLY B . n 
B 1 41 ILE 41 36 36 ILE ILE B . n 
B 1 42 LYS 42 37 37 LYS LYS B . n 
B 1 43 ASP 43 38 38 ASP ASP B . n 
B 1 44 GLU 44 39 39 GLU GLU B . n 
B 1 45 ASN 45 40 40 ASN ASN B . n 
B 1 46 GLY 46 41 41 GLY GLY B . n 
B 1 47 ASP 47 42 42 ASP ASP B . n 
B 1 48 ILE 48 43 43 ILE ILE B . n 
B 1 49 ILE 49 44 44 ILE ILE B . n 
B 1 50 ARG 50 45 45 ARG ARG B . n 
B 1 51 ILE 51 46 46 ILE ILE B . n 
B 1 52 VAL 52 47 47 VAL VAL B . n 
B 1 53 PRO 53 48 48 PRO PRO B . n 
B 1 54 ILE 54 49 49 ILE ILE B . n 
B 1 55 SER 55 50 50 SER SER B . n 
B 1 56 THR 56 51 51 THR THR B . n 
B 1 57 VAL 57 52 52 VAL VAL B . n 
B 1 58 LEU 58 53 53 LEU LEU B . n 
B 1 59 ILE 59 54 54 ILE ILE B . n 
# 
loop_
_pdbx_nonpoly_scheme.asym_id 
_pdbx_nonpoly_scheme.entity_id 
_pdbx_nonpoly_scheme.mon_id 
_pdbx_nonpoly_scheme.ndb_seq_num 
_pdbx_nonpoly_scheme.pdb_seq_num 
_pdbx_nonpoly_scheme.auth_seq_num 
_pdbx_nonpoly_scheme.pdb_mon_id 
_pdbx_nonpoly_scheme.auth_mon_id 
_pdbx_nonpoly_scheme.pdb_strand_id 
_pdbx_nonpoly_scheme.pdb_ins_code 
C 2 NO3 1 101 1 NO3 NO3 A . 
D 2 NO3 1 102 2 NO3 NO3 A . 
E 2 NO3 1 103 4 NO3 NO3 A . 
F 2 NO3 1 104 5 NO3 NO3 A . 
G 2 NO3 1 105 6 NO3 NO3 A . 
H 2 NO3 1 101 3 NO3 NO3 B . 
I 2 NO3 1 102 7 NO3 NO3 B . 
J 3 MPD 1 103 1 MPD MPD B . 
K 4 HOH 1 201 2 HOH HOH A . 
K 4 HOH 2 202 3 HOH HOH A . 
L 4 HOH 1 201 1 HOH HOH B . 
# 
loop_
_pdbx_unobs_or_zero_occ_atoms.id 
_pdbx_unobs_or_zero_occ_atoms.PDB_model_num 
_pdbx_unobs_or_zero_occ_atoms.polymer_flag 
_pdbx_unobs_or_zero_occ_atoms.occupancy_flag 
_pdbx_unobs_or_zero_occ_atoms.auth_asym_id 
_pdbx_unobs_or_zero_occ_atoms.auth_comp_id 
_pdbx_unobs_or_zero_occ_atoms.auth_seq_id 
_pdbx_unobs_or_zero_occ_atoms.PDB_ins_code 
_pdbx_unobs_or_zero_occ_atoms.auth_atom_id 
_pdbx_unobs_or_zero_occ_atoms.label_alt_id 
_pdbx_unobs_or_zero_occ_atoms.label_asym_id 
_pdbx_unobs_or_zero_occ_atoms.label_comp_id 
_pdbx_unobs_or_zero_occ_atoms.label_seq_id 
_pdbx_unobs_or_zero_occ_atoms.label_atom_id 
1  1 Y 1 A MET -1 ? CG  ? A MET 4  CG  
2  1 Y 1 A MET -1 ? SD  ? A MET 4  SD  
3  1 Y 1 A MET -1 ? CE  ? A MET 4  CE  
4  1 Y 1 A ASP 25 ? CG  ? A ASP 30 CG  
5  1 Y 1 A ASP 25 ? OD1 ? A ASP 30 OD1 
6  1 Y 1 A ASP 25 ? OD2 ? A ASP 30 OD2 
7  1 Y 1 A GLU 39 ? CG  ? A GLU 44 CG  
8  1 Y 1 A GLU 39 ? CD  ? A GLU 44 CD  
9  1 Y 1 A GLU 39 ? OE1 ? A GLU 44 OE1 
10 1 Y 1 A GLU 39 ? OE2 ? A GLU 44 OE2 
11 1 Y 1 B MET -1 ? CG  ? B MET 4  CG  
12 1 Y 1 B MET -1 ? SD  ? B MET 4  SD  
13 1 Y 1 B MET -1 ? CE  ? B MET 4  CE  
14 1 Y 1 B ASP 14 ? CG  ? B ASP 19 CG  
15 1 Y 1 B ASP 14 ? OD1 ? B ASP 19 OD1 
16 1 Y 1 B ASP 14 ? OD2 ? B ASP 19 OD2 
17 1 Y 1 B ASP 25 ? CG  ? B ASP 30 CG  
18 1 Y 1 B ASP 25 ? OD1 ? B ASP 30 OD1 
19 1 Y 1 B ASP 25 ? OD2 ? B ASP 30 OD2 
20 1 Y 1 B LYS 37 ? CG  ? B LYS 42 CG  
21 1 Y 1 B LYS 37 ? CD  ? B LYS 42 CD  
22 1 Y 1 B LYS 37 ? CE  ? B LYS 42 CE  
23 1 Y 1 B LYS 37 ? NZ  ? B LYS 42 NZ  
24 1 Y 1 B GLU 39 ? CG  ? B GLU 44 CG  
25 1 Y 1 B GLU 39 ? CD  ? B GLU 44 CD  
26 1 Y 1 B GLU 39 ? OE1 ? B GLU 44 OE1 
27 1 Y 1 B GLU 39 ? OE2 ? B GLU 44 OE2 
28 1 Y 1 B ASN 40 ? CG  ? B ASN 45 CG  
29 1 Y 1 B ASN 40 ? OD1 ? B ASN 45 OD1 
30 1 Y 1 B ASN 40 ? ND2 ? B ASN 45 ND2 
31 1 Y 1 B ASP 42 ? CG  ? B ASP 47 CG  
32 1 Y 1 B ASP 42 ? OD1 ? B ASP 47 OD1 
33 1 Y 1 B ASP 42 ? OD2 ? B ASP 47 OD2 
34 1 Y 1 B ILE 43 ? CG1 ? B ILE 48 CG1 
35 1 Y 1 B ILE 43 ? CG2 ? B ILE 48 CG2 
36 1 Y 1 B ILE 43 ? CD1 ? B ILE 48 CD1 
37 1 Y 1 B ILE 44 ? CG1 ? B ILE 49 CG1 
38 1 Y 1 B ILE 44 ? CG2 ? B ILE 49 CG2 
39 1 Y 1 B ILE 44 ? CD1 ? B ILE 49 CD1 
40 1 Y 1 B ARG 45 ? CG  ? B ARG 50 CG  
41 1 Y 1 B ARG 45 ? CD  ? B ARG 50 CD  
42 1 Y 1 B ARG 45 ? NE  ? B ARG 50 NE  
43 1 Y 1 B ARG 45 ? CZ  ? B ARG 50 CZ  
44 1 Y 1 B ARG 45 ? NH1 ? B ARG 50 NH1 
45 1 Y 1 B ARG 45 ? NH2 ? B ARG 50 NH2 
46 1 Y 1 B ILE 46 ? CG1 ? B ILE 51 CG1 
47 1 Y 1 B ILE 46 ? CG2 ? B ILE 51 CG2 
48 1 Y 1 B ILE 46 ? CD1 ? B ILE 51 CD1 
# 
loop_
_software.citation_id 
_software.classification 
_software.compiler_name 
_software.compiler_version 
_software.contact_author 
_software.contact_author_email 
_software.date 
_software.description 
_software.dependencies 
_software.hardware 
_software.language 
_software.location 
_software.mods 
_software.name 
_software.os 
_software.os_version 
_software.type 
_software.version 
_software.pdbx_ordinal 
? 'data scaling'    ? ? ? ? ? ? ? ? ? ? ? HKL-2000    ? ? ? .         1 
? phasing           ? ? ? ? ? ? ? ? ? ? ? PHASER      ? ? ? 2.8.1     2 
? refinement        ? ? ? ? ? ? ? ? ? ? ? PHENIX      ? ? ? 1.13_2998 3 
? 'data extraction' ? ? ? ? ? ? ? ? ? ? ? PDB_EXTRACT ? ? ? 3.24      4 
? 'data reduction'  ? ? ? ? ? ? ? ? ? ? ? HKL-2000    ? ? ? .         5 
# 
_cell.angle_alpha                  90.000 
_cell.angle_alpha_esd              ? 
_cell.angle_beta                   90.000 
_cell.angle_beta_esd               ? 
_cell.angle_gamma                  90.000 
_cell.angle_gamma_esd              ? 
_cell.entry_id                     7JTA 
_cell.details                      ? 
_cell.formula_units_Z              ? 
_cell.length_a                     128.561 
_cell.length_a_esd                 ? 
_cell.length_b                     128.561 
_cell.length_b_esd                 ? 
_cell.length_c                     128.561 
_cell.length_c_esd                 ? 
_cell.volume                       ? 
_cell.volume_esd                   ? 
_cell.Z_PDB                        48 
_cell.reciprocal_angle_alpha       ? 
_cell.reciprocal_angle_beta        ? 
_cell.reciprocal_angle_gamma       ? 
_cell.reciprocal_angle_alpha_esd   ? 
_cell.reciprocal_angle_beta_esd    ? 
_cell.reciprocal_angle_gamma_esd   ? 
_cell.reciprocal_length_a          ? 
_cell.reciprocal_length_b          ? 
_cell.reciprocal_length_c          ? 
_cell.reciprocal_length_a_esd      ? 
_cell.reciprocal_length_b_esd      ? 
_cell.reciprocal_length_c_esd      ? 
_cell.pdbx_unique_axis             ? 
# 
_symmetry.entry_id                         7JTA 
_symmetry.cell_setting                     ? 
_symmetry.Int_Tables_number                212 
_symmetry.space_group_name_Hall            ? 
_symmetry.space_group_name_H-M             'P 43 3 2' 
_symmetry.pdbx_full_space_group_name_H-M   ? 
# 
_exptl.absorpt_coefficient_mu     ? 
_exptl.absorpt_correction_T_max   ? 
_exptl.absorpt_correction_T_min   ? 
_exptl.absorpt_correction_type    ? 
_exptl.absorpt_process_details    ? 
_exptl.entry_id                   7JTA 
_exptl.crystals_number            1 
_exptl.details                    ? 
_exptl.method                     'X-RAY DIFFRACTION' 
_exptl.method_details             ? 
# 
_exptl_crystal.colour                      ? 
_exptl_crystal.density_diffrn              ? 
_exptl_crystal.density_Matthews            ? 
_exptl_crystal.density_method              ? 
_exptl_crystal.density_percent_sol         ? 
_exptl_crystal.description                 ? 
_exptl_crystal.F_000                       ? 
_exptl_crystal.id                          1 
_exptl_crystal.preparation                 ? 
_exptl_crystal.size_max                    ? 
_exptl_crystal.size_mid                    ? 
_exptl_crystal.size_min                    ? 
_exptl_crystal.size_rad                    ? 
_exptl_crystal.colour_lustre               ? 
_exptl_crystal.colour_modifier             ? 
_exptl_crystal.colour_primary              ? 
_exptl_crystal.density_meas                ? 
_exptl_crystal.density_meas_esd            ? 
_exptl_crystal.density_meas_gt             ? 
_exptl_crystal.density_meas_lt             ? 
_exptl_crystal.density_meas_temp           ? 
_exptl_crystal.density_meas_temp_esd       ? 
_exptl_crystal.density_meas_temp_gt        ? 
_exptl_crystal.density_meas_temp_lt        ? 
_exptl_crystal.pdbx_crystal_image_url      ? 
_exptl_crystal.pdbx_crystal_image_format   ? 
_exptl_crystal.pdbx_mosaicity              ? 
_exptl_crystal.pdbx_mosaicity_esd          ? 
# 
_exptl_crystal_grow.apparatus       ? 
_exptl_crystal_grow.atmosphere      ? 
_exptl_crystal_grow.crystal_id      1 
_exptl_crystal_grow.details         ? 
_exptl_crystal_grow.method          'VAPOR DIFFUSION, HANGING DROP' 
_exptl_crystal_grow.method_ref      ? 
_exptl_crystal_grow.pH              ? 
_exptl_crystal_grow.pressure        ? 
_exptl_crystal_grow.pressure_esd    ? 
_exptl_crystal_grow.seeding         ? 
_exptl_crystal_grow.seeding_ref     ? 
_exptl_crystal_grow.temp            298 
_exptl_crystal_grow.temp_details    ? 
_exptl_crystal_grow.temp_esd        ? 
_exptl_crystal_grow.time            ? 
_exptl_crystal_grow.pdbx_details    '40% MPD, 0.2M ammonium nitrate, 10mM MgCl2' 
_exptl_crystal_grow.pdbx_pH_range   ? 
# 
_diffrn.ambient_environment              ? 
_diffrn.ambient_temp                     108 
_diffrn.ambient_temp_details             ? 
_diffrn.ambient_temp_esd                 ? 
_diffrn.crystal_id                       1 
_diffrn.crystal_support                  ? 
_diffrn.crystal_treatment                ? 
_diffrn.details                          ? 
_diffrn.id                               1 
_diffrn.ambient_pressure                 ? 
_diffrn.ambient_pressure_esd             ? 
_diffrn.ambient_pressure_gt              ? 
_diffrn.ambient_pressure_lt              ? 
_diffrn.ambient_temp_gt                  ? 
_diffrn.ambient_temp_lt                  ? 
_diffrn.pdbx_serial_crystal_experiment   N 
# 
_diffrn_detector.details                      ? 
_diffrn_detector.detector                     CCD 
_diffrn_detector.diffrn_id                    1 
_diffrn_detector.type                         'ADSC QUANTUM 210' 
_diffrn_detector.area_resol_mean              ? 
_diffrn_detector.dtime                        ? 
_diffrn_detector.pdbx_frames_total            ? 
_diffrn_detector.pdbx_collection_time_total   ? 
_diffrn_detector.pdbx_collection_date         2018-08-01 
_diffrn_detector.pdbx_frequency               ? 
# 
_diffrn_radiation.collimation                      ? 
_diffrn_radiation.diffrn_id                        1 
_diffrn_radiation.filter_edge                      ? 
_diffrn_radiation.inhomogeneity                    ? 
_diffrn_radiation.monochromator                    ? 
_diffrn_radiation.polarisn_norm                    ? 
_diffrn_radiation.polarisn_ratio                   ? 
_diffrn_radiation.probe                            ? 
_diffrn_radiation.type                             ? 
_diffrn_radiation.xray_symbol                      ? 
_diffrn_radiation.wavelength_id                    1 
_diffrn_radiation.pdbx_monochromatic_or_laue_m_l   M 
_diffrn_radiation.pdbx_wavelength_list             ? 
_diffrn_radiation.pdbx_wavelength                  ? 
_diffrn_radiation.pdbx_diffrn_protocol             'SINGLE WAVELENGTH' 
_diffrn_radiation.pdbx_analyzer                    ? 
_diffrn_radiation.pdbx_scattering_type             x-ray 
# 
_diffrn_radiation_wavelength.id           1 
_diffrn_radiation_wavelength.wavelength   1.02111 
_diffrn_radiation_wavelength.wt           1.0 
# 
_diffrn_source.current                     ? 
_diffrn_source.details                     ? 
_diffrn_source.diffrn_id                   1 
_diffrn_source.power                       ? 
_diffrn_source.size                        ? 
_diffrn_source.source                      SYNCHROTRON 
_diffrn_source.target                      ? 
_diffrn_source.type                        'APS BEAMLINE 19-BM' 
_diffrn_source.voltage                     ? 
_diffrn_source.take-off_angle              ? 
_diffrn_source.pdbx_wavelength_list        1.02111 
_diffrn_source.pdbx_wavelength             ? 
_diffrn_source.pdbx_synchrotron_beamline   19-BM 
_diffrn_source.pdbx_synchrotron_site       APS 
# 
_reflns.B_iso_Wilson_estimate            82.820 
_reflns.entry_id                         7JTA 
_reflns.data_reduction_details           ? 
_reflns.data_reduction_method            ? 
_reflns.d_resolution_high                2.800 
_reflns.d_resolution_low                 50.000 
_reflns.details                          ? 
_reflns.limit_h_max                      ? 
_reflns.limit_h_min                      ? 
_reflns.limit_k_max                      ? 
_reflns.limit_k_min                      ? 
_reflns.limit_l_max                      ? 
_reflns.limit_l_min                      ? 
_reflns.number_all                       ? 
_reflns.number_obs                       9344 
_reflns.observed_criterion               ? 
_reflns.observed_criterion_F_max         ? 
_reflns.observed_criterion_F_min         ? 
_reflns.observed_criterion_I_max         ? 
_reflns.observed_criterion_I_min         ? 
_reflns.observed_criterion_sigma_F       ? 
_reflns.observed_criterion_sigma_I       ? 
_reflns.percent_possible_obs             98.700 
_reflns.R_free_details                   ? 
_reflns.Rmerge_F_all                     ? 
_reflns.Rmerge_F_obs                     ? 
_reflns.Friedel_coverage                 ? 
_reflns.number_gt                        ? 
_reflns.threshold_expression             ? 
_reflns.pdbx_redundancy                  10.400 
_reflns.pdbx_Rmerge_I_obs                0.106 
_reflns.pdbx_Rmerge_I_all                ? 
_reflns.pdbx_Rsym_value                  ? 
_reflns.pdbx_netI_over_av_sigmaI         ? 
_reflns.pdbx_netI_over_sigmaI            10.300 
_reflns.pdbx_res_netI_over_av_sigmaI_2   ? 
_reflns.pdbx_res_netI_over_sigmaI_2      ? 
_reflns.pdbx_chi_squared                 0.967 
_reflns.pdbx_scaling_rejects             ? 
_reflns.pdbx_d_res_high_opt              ? 
_reflns.pdbx_d_res_low_opt               ? 
_reflns.pdbx_d_res_opt_method            ? 
_reflns.phase_calculation_details        ? 
_reflns.pdbx_Rrim_I_all                  0.112 
_reflns.pdbx_Rpim_I_all                  0.034 
_reflns.pdbx_d_opt                       ? 
_reflns.pdbx_number_measured_all         96848 
_reflns.pdbx_diffrn_id                   1 
_reflns.pdbx_ordinal                     1 
_reflns.pdbx_CC_half                     ? 
_reflns.pdbx_CC_star                     ? 
_reflns.pdbx_R_split                     ? 
# 
loop_
_reflns_shell.d_res_high 
_reflns_shell.d_res_low 
_reflns_shell.meanI_over_sigI_all 
_reflns_shell.meanI_over_sigI_obs 
_reflns_shell.number_measured_all 
_reflns_shell.number_measured_obs 
_reflns_shell.number_possible 
_reflns_shell.number_unique_all 
_reflns_shell.number_unique_obs 
_reflns_shell.percent_possible_all 
_reflns_shell.percent_possible_obs 
_reflns_shell.Rmerge_F_all 
_reflns_shell.Rmerge_F_obs 
_reflns_shell.Rmerge_I_all 
_reflns_shell.Rmerge_I_obs 
_reflns_shell.meanI_over_sigI_gt 
_reflns_shell.meanI_over_uI_all 
_reflns_shell.meanI_over_uI_gt 
_reflns_shell.number_measured_gt 
_reflns_shell.number_unique_gt 
_reflns_shell.percent_possible_gt 
_reflns_shell.Rmerge_F_gt 
_reflns_shell.Rmerge_I_gt 
_reflns_shell.pdbx_redundancy 
_reflns_shell.pdbx_Rsym_value 
_reflns_shell.pdbx_chi_squared 
_reflns_shell.pdbx_netI_over_sigmaI_all 
_reflns_shell.pdbx_netI_over_sigmaI_obs 
_reflns_shell.pdbx_Rrim_I_all 
_reflns_shell.pdbx_Rpim_I_all 
_reflns_shell.pdbx_rejects 
_reflns_shell.pdbx_ordinal 
_reflns_shell.pdbx_diffrn_id 
_reflns_shell.pdbx_CC_half 
_reflns_shell.pdbx_CC_star 
_reflns_shell.pdbx_R_split 
2.800 2.900  ? ? ? ? ? ? 920 100.000 ? ? ? ? 0.906 ? ? ? ? ? ? ? ? 10.700 ? 0.828 ? ? 0.953 0.289 ? 1  1 0.837 ? ? 
2.900 3.020  ? ? ? ? ? ? 909 100.000 ? ? ? ? 0.651 ? ? ? ? ? ? ? ? 10.600 ? 0.861 ? ? 0.684 0.207 ? 2  1 0.921 ? ? 
3.020 3.150  ? ? ? ? ? ? 930 100.000 ? ? ? ? 0.347 ? ? ? ? ? ? ? ? 10.600 ? 0.943 ? ? 0.364 0.111 ? 3  1 0.969 ? ? 
3.150 3.320  ? ? ? ? ? ? 909 99.800  ? ? ? ? 0.226 ? ? ? ? ? ? ? ? 10.600 ? 0.945 ? ? 0.237 0.072 ? 4  1 0.984 ? ? 
3.320 3.530  ? ? ? ? ? ? 922 99.800  ? ? ? ? 0.158 ? ? ? ? ? ? ? ? 10.500 ? 1.037 ? ? 0.167 0.051 ? 5  1 0.990 ? ? 
3.530 3.800  ? ? ? ? ? ? 938 99.600  ? ? ? ? 0.125 ? ? ? ? ? ? ? ? 10.500 ? 0.988 ? ? 0.132 0.040 ? 6  1 0.994 ? ? 
3.800 4.180  ? ? ? ? ? ? 933 99.400  ? ? ? ? 0.110 ? ? ? ? ? ? ? ? 10.400 ? 1.016 ? ? 0.116 0.035 ? 7  1 0.995 ? ? 
4.180 4.790  ? ? ? ? ? ? 951 99.200  ? ? ? ? 0.085 ? ? ? ? ? ? ? ? 10.300 ? 0.982 ? ? 0.089 0.026 ? 8  1 0.996 ? ? 
4.790 6.030  ? ? ? ? ? ? 945 98.100  ? ? ? ? 0.086 ? ? ? ? ? ? ? ? 10.200 ? 1.034 ? ? 0.091 0.027 ? 9  1 0.996 ? ? 
6.030 50.000 ? ? ? ? ? ? 987 92.100  ? ? ? ? 0.084 ? ? ? ? ? ? ? ? 9.400  ? 1.045 ? ? 0.090 0.029 ? 10 1 0.995 ? ? 
# 
_refine.aniso_B[1][1]                            ? 
_refine.aniso_B[1][2]                            ? 
_refine.aniso_B[1][3]                            ? 
_refine.aniso_B[2][2]                            ? 
_refine.aniso_B[2][3]                            ? 
_refine.aniso_B[3][3]                            ? 
_refine.B_iso_max                                179.440 
_refine.B_iso_mean                               83.5074 
_refine.B_iso_min                                41.870 
_refine.correlation_coeff_Fo_to_Fc               ? 
_refine.correlation_coeff_Fo_to_Fc_free          ? 
_refine.details                                  ? 
_refine.diff_density_max                         ? 
_refine.diff_density_max_esd                     ? 
_refine.diff_density_min                         ? 
_refine.diff_density_min_esd                     ? 
_refine.diff_density_rms                         ? 
_refine.diff_density_rms_esd                     ? 
_refine.entry_id                                 7JTA 
_refine.pdbx_refine_id                           'X-RAY DIFFRACTION' 
_refine.ls_abs_structure_details                 ? 
_refine.ls_abs_structure_Flack                   ? 
_refine.ls_abs_structure_Flack_esd               ? 
_refine.ls_abs_structure_Rogers                  ? 
_refine.ls_abs_structure_Rogers_esd              ? 
_refine.ls_d_res_high                            2.8010 
_refine.ls_d_res_low                             42.8540 
_refine.ls_extinction_coef                       ? 
_refine.ls_extinction_coef_esd                   ? 
_refine.ls_extinction_expression                 ? 
_refine.ls_extinction_method                     ? 
_refine.ls_goodness_of_fit_all                   ? 
_refine.ls_goodness_of_fit_all_esd               ? 
_refine.ls_goodness_of_fit_obs                   ? 
_refine.ls_goodness_of_fit_obs_esd               ? 
_refine.ls_hydrogen_treatment                    ? 
_refine.ls_matrix_type                           ? 
_refine.ls_number_constraints                    ? 
_refine.ls_number_parameters                     ? 
_refine.ls_number_reflns_all                     ? 
_refine.ls_number_reflns_obs                     9334 
_refine.ls_number_reflns_R_free                  933 
_refine.ls_number_reflns_R_work                  8401 
_refine.ls_number_restraints                     ? 
_refine.ls_percent_reflns_obs                    98.9200 
_refine.ls_percent_reflns_R_free                 10.0000 
_refine.ls_R_factor_all                          ? 
_refine.ls_R_factor_obs                          0.2247 
_refine.ls_R_factor_R_free                       0.2463 
_refine.ls_R_factor_R_free_error                 ? 
_refine.ls_R_factor_R_free_error_details         ? 
_refine.ls_R_factor_R_work                       0.2222 
_refine.ls_R_Fsqd_factor_obs                     ? 
_refine.ls_R_I_factor_obs                        ? 
_refine.ls_redundancy_reflns_all                 ? 
_refine.ls_redundancy_reflns_obs                 ? 
_refine.ls_restrained_S_all                      ? 
_refine.ls_restrained_S_obs                      ? 
_refine.ls_shift_over_esd_max                    ? 
_refine.ls_shift_over_esd_mean                   ? 
_refine.ls_structure_factor_coef                 ? 
_refine.ls_weighting_details                     ? 
_refine.ls_weighting_scheme                      ? 
_refine.ls_wR_factor_all                         ? 
_refine.ls_wR_factor_obs                         ? 
_refine.ls_wR_factor_R_free                      ? 
_refine.ls_wR_factor_R_work                      ? 
_refine.occupancy_max                            ? 
_refine.occupancy_min                            ? 
_refine.solvent_model_details                    'FLAT BULK SOLVENT MODEL' 
_refine.solvent_model_param_bsol                 ? 
_refine.solvent_model_param_ksol                 ? 
_refine.pdbx_R_complete                          ? 
_refine.ls_R_factor_gt                           ? 
_refine.ls_goodness_of_fit_gt                    ? 
_refine.ls_goodness_of_fit_ref                   ? 
_refine.ls_shift_over_su_max                     ? 
_refine.ls_shift_over_su_max_lt                  ? 
_refine.ls_shift_over_su_mean                    ? 
_refine.ls_shift_over_su_mean_lt                 ? 
_refine.pdbx_ls_sigma_I                          ? 
_refine.pdbx_ls_sigma_F                          1.340 
_refine.pdbx_ls_sigma_Fsqd                       ? 
_refine.pdbx_data_cutoff_high_absF               ? 
_refine.pdbx_data_cutoff_high_rms_absF           ? 
_refine.pdbx_data_cutoff_low_absF                ? 
_refine.pdbx_isotropic_thermal_model             ? 
_refine.pdbx_ls_cross_valid_method               THROUGHOUT 
_refine.pdbx_method_to_determine_struct          'MOLECULAR REPLACEMENT' 
_refine.pdbx_starting_model                      'Robetta model' 
_refine.pdbx_stereochemistry_target_values       ML 
_refine.pdbx_R_Free_selection_details            ? 
_refine.pdbx_stereochem_target_val_spec_case     ? 
_refine.pdbx_overall_ESU_R                       ? 
_refine.pdbx_overall_ESU_R_Free                  ? 
_refine.pdbx_solvent_vdw_probe_radii             1.1100 
_refine.pdbx_solvent_ion_probe_radii             ? 
_refine.pdbx_solvent_shrinkage_radii             0.9000 
_refine.pdbx_real_space_R                        ? 
_refine.pdbx_density_correlation                 ? 
_refine.pdbx_pd_number_of_powder_patterns        ? 
_refine.pdbx_pd_number_of_points                 ? 
_refine.pdbx_pd_meas_number_of_points            ? 
_refine.pdbx_pd_proc_ls_prof_R_factor            ? 
_refine.pdbx_pd_proc_ls_prof_wR_factor           ? 
_refine.pdbx_pd_Marquardt_correlation_coeff      ? 
_refine.pdbx_pd_Fsqrd_R_factor                   ? 
_refine.pdbx_pd_ls_matrix_band_width             ? 
_refine.pdbx_overall_phase_error                 24.4800 
_refine.pdbx_overall_SU_R_free_Cruickshank_DPI   ? 
_refine.pdbx_overall_SU_R_free_Blow_DPI          ? 
_refine.pdbx_overall_SU_R_Blow_DPI               ? 
_refine.pdbx_TLS_residual_ADP_flag               ? 
_refine.pdbx_diffrn_id                           1 
_refine.overall_SU_B                             ? 
_refine.overall_SU_ML                            0.3600 
_refine.overall_SU_R_Cruickshank_DPI             ? 
_refine.overall_SU_R_free                        ? 
_refine.overall_FOM_free_R_set                   ? 
_refine.overall_FOM_work_R_set                   ? 
_refine.pdbx_average_fsc_overall                 ? 
_refine.pdbx_average_fsc_work                    ? 
_refine.pdbx_average_fsc_free                    ? 
# 
_refine_hist.pdbx_refine_id                   'X-RAY DIFFRACTION' 
_refine_hist.cycle_id                         final 
_refine_hist.details                          ? 
_refine_hist.d_res_high                       2.8010 
_refine_hist.d_res_low                        42.8540 
_refine_hist.number_atoms_solvent             3 
_refine_hist.number_atoms_total               863 
_refine_hist.number_reflns_all                ? 
_refine_hist.number_reflns_obs                ? 
_refine_hist.number_reflns_R_free             ? 
_refine_hist.number_reflns_R_work             ? 
_refine_hist.R_factor_all                     ? 
_refine_hist.R_factor_obs                     ? 
_refine_hist.R_factor_R_free                  ? 
_refine_hist.R_factor_R_work                  ? 
_refine_hist.pdbx_number_residues_total       112 
_refine_hist.pdbx_B_iso_mean_ligand           101.08 
_refine_hist.pdbx_B_iso_mean_solvent          61.74 
_refine_hist.pdbx_number_atoms_protein        810 
_refine_hist.pdbx_number_atoms_nucleic_acid   0 
_refine_hist.pdbx_number_atoms_ligand         50 
_refine_hist.pdbx_number_atoms_lipid          ? 
_refine_hist.pdbx_number_atoms_carb           ? 
_refine_hist.pdbx_pseudo_atom_details         ? 
# 
loop_
_refine_ls_restr.type 
_refine_ls_restr.dev_ideal 
_refine_ls_restr.dev_ideal_target 
_refine_ls_restr.weight 
_refine_ls_restr.number 
_refine_ls_restr.pdbx_refine_id 
_refine_ls_restr.pdbx_restraint_function 
f_bond_d           0.003  ? ? 840  'X-RAY DIFFRACTION' ? 
f_angle_d          0.610  ? ? 1138 'X-RAY DIFFRACTION' ? 
f_dihedral_angle_d 16.563 ? ? 501  'X-RAY DIFFRACTION' ? 
f_chiral_restr     0.052  ? ? 150  'X-RAY DIFFRACTION' ? 
f_plane_restr      0.002  ? ? 149  'X-RAY DIFFRACTION' ? 
# 
loop_
_refine_ls_restr_ncs.pdbx_refine_id 
_refine_ls_restr_ncs.dom_id 
_refine_ls_restr_ncs.ncs_model_details 
_refine_ls_restr_ncs.rms_dev_B_iso 
_refine_ls_restr_ncs.rms_dev_position 
_refine_ls_restr_ncs.weight_B_iso 
_refine_ls_restr_ncs.weight_position 
_refine_ls_restr_ncs.pdbx_ordinal 
_refine_ls_restr_ncs.pdbx_type 
_refine_ls_restr_ncs.pdbx_asym_id 
_refine_ls_restr_ncs.pdbx_auth_asym_id 
_refine_ls_restr_ncs.pdbx_number 
_refine_ls_restr_ncs.pdbx_rms 
_refine_ls_restr_ncs.pdbx_weight 
_refine_ls_restr_ncs.pdbx_ens_id 
'X-RAY DIFFRACTION' 1 ? ? ? ? ? 1 TORSIONAL ? A 476 9.320 ? 1 
'X-RAY DIFFRACTION' 2 ? ? ? ? ? 2 TORSIONAL ? B 476 9.320 ? 1 
# 
loop_
_refine_ls_shell.pdbx_refine_id 
_refine_ls_shell.d_res_high 
_refine_ls_shell.d_res_low 
_refine_ls_shell.number_reflns_all 
_refine_ls_shell.number_reflns_obs 
_refine_ls_shell.number_reflns_R_free 
_refine_ls_shell.number_reflns_R_work 
_refine_ls_shell.percent_reflns_obs 
_refine_ls_shell.percent_reflns_R_free 
_refine_ls_shell.R_factor_all 
_refine_ls_shell.R_factor_obs 
_refine_ls_shell.R_factor_R_free 
_refine_ls_shell.R_factor_R_free_error 
_refine_ls_shell.R_factor_R_work 
_refine_ls_shell.redundancy_reflns_all 
_refine_ls_shell.redundancy_reflns_obs 
_refine_ls_shell.wR_factor_all 
_refine_ls_shell.wR_factor_obs 
_refine_ls_shell.wR_factor_R_free 
_refine_ls_shell.wR_factor_R_work 
_refine_ls_shell.pdbx_R_complete 
_refine_ls_shell.pdbx_total_number_of_bins_used 
_refine_ls_shell.pdbx_phase_error 
_refine_ls_shell.pdbx_fsc_work 
_refine_ls_shell.pdbx_fsc_free 
'X-RAY DIFFRACTION' 2.8014 2.9491 . . 131 1178 100.0000 . . . 0.3031 0.0000 0.3065 . . . . . . . . . . . 
'X-RAY DIFFRACTION' 2.9491 3.1338 . . 132 1191 100.0000 . . . 0.3559 0.0000 0.2699 . . . . . . . . . . . 
'X-RAY DIFFRACTION' 3.1338 3.3757 . . 131 1172 100.0000 . . . 0.2710 0.0000 0.2446 . . . . . . . . . . . 
'X-RAY DIFFRACTION' 3.3757 3.7152 . . 131 1186 100.0000 . . . 0.2505 0.0000 0.2158 . . . . . . . . . . . 
'X-RAY DIFFRACTION' 3.7152 4.2524 . . 132 1197 99.0000  . . . 0.2664 0.0000 0.2108 . . . . . . . . . . . 
'X-RAY DIFFRACTION' 4.2524 5.3560 . . 137 1224 99.0000  . . . 0.2006 0.0000 0.1786 . . . . . . . . . . . 
'X-RAY DIFFRACTION' 5.3560 42.8   . . 139 1253 95.0000  . . . 0.2451 0.0000 0.2477 . . . . . . . . . . . 
# 
loop_
_struct_ncs_dom.pdbx_ens_id 
_struct_ncs_dom.id 
_struct_ncs_dom.details 
1 1 
;(chain A and (resid -1 through 13 or (resid 14 and (name N or name CA or name C or name O or name CB )) or resid 15 through 36 or (resid 37 and (name N or name CA or name C or name O or name CB )) or resid 38 through 39 or (resid 40 and (name N or name CA or name C or name O or name CB )) or resid 41 or (resid 42 through 46 and (name N or name CA or name C or name O or name CB )) or resid 47 through 54))
;
1 2 'chain B' 
# 
loop_
_struct_ncs_dom_lim.pdbx_ens_id 
_struct_ncs_dom_lim.dom_id 
_struct_ncs_dom_lim.pdbx_component_id 
_struct_ncs_dom_lim.beg_label_asym_id 
_struct_ncs_dom_lim.beg_label_comp_id 
_struct_ncs_dom_lim.beg_label_seq_id 
_struct_ncs_dom_lim.beg_label_alt_id 
_struct_ncs_dom_lim.end_label_asym_id 
_struct_ncs_dom_lim.end_label_comp_id 
_struct_ncs_dom_lim.end_label_seq_id 
_struct_ncs_dom_lim.end_label_alt_id 
_struct_ncs_dom_lim.beg_auth_asym_id 
_struct_ncs_dom_lim.beg_auth_comp_id 
_struct_ncs_dom_lim.beg_auth_seq_id 
_struct_ncs_dom_lim.end_auth_asym_id 
_struct_ncs_dom_lim.end_auth_comp_id 
_struct_ncs_dom_lim.end_auth_seq_id 
_struct_ncs_dom_lim.pdbx_refine_code 
_struct_ncs_dom_lim.selection_details 
1 1 1 A MET 4  . A ALA 18 . A MET -1 A ALA 13 ? 
;(chain A and (resid -1 through 13 or (resid 14 and (name N or name CA or name C or name O or name CB )) or resid 15 through 36 or (resid 37 and (name N or name CA or name C or name O or name CB )) or resid 38 through 39 or (resid 40 and (name N or name CA or name C or name O or name CB )) or resid 41 or (resid 42 through 46 and (name N or name CA or name C or name O or name CB )) or resid 47 through 54))
;
1 1 2 A ASP 19 . A ASP 19 . A ASP 14 A ASP 14 ? 
;(chain A and (resid -1 through 13 or (resid 14 and (name N or name CA or name C or name O or name CB )) or resid 15 through 36 or (resid 37 and (name N or name CA or name C or name O or name CB )) or resid 38 through 39 or (resid 40 and (name N or name CA or name C or name O or name CB )) or resid 41 or (resid 42 through 46 and (name N or name CA or name C or name O or name CB )) or resid 47 through 54))
;
1 1 3 A MET 4  . A ILE 59 . A MET -1 A ILE 54 ? 
;(chain A and (resid -1 through 13 or (resid 14 and (name N or name CA or name C or name O or name CB )) or resid 15 through 36 or (resid 37 and (name N or name CA or name C or name O or name CB )) or resid 38 through 39 or (resid 40 and (name N or name CA or name C or name O or name CB )) or resid 41 or (resid 42 through 46 and (name N or name CA or name C or name O or name CB )) or resid 47 through 54))
;
1 1 4 A MET 4  . A ILE 59 . A MET -1 A ILE 54 ? 
;(chain A and (resid -1 through 13 or (resid 14 and (name N or name CA or name C or name O or name CB )) or resid 15 through 36 or (resid 37 and (name N or name CA or name C or name O or name CB )) or resid 38 through 39 or (resid 40 and (name N or name CA or name C or name O or name CB )) or resid 41 or (resid 42 through 46 and (name N or name CA or name C or name O or name CB )) or resid 47 through 54))
;
1 1 5 A MET 4  . A ILE 59 . A MET -1 A ILE 54 ? 
;(chain A and (resid -1 through 13 or (resid 14 and (name N or name CA or name C or name O or name CB )) or resid 15 through 36 or (resid 37 and (name N or name CA or name C or name O or name CB )) or resid 38 through 39 or (resid 40 and (name N or name CA or name C or name O or name CB )) or resid 41 or (resid 42 through 46 and (name N or name CA or name C or name O or name CB )) or resid 47 through 54))
;
1 1 6 A MET 4  . A ILE 59 . A MET -1 A ILE 54 ? 
;(chain A and (resid -1 through 13 or (resid 14 and (name N or name CA or name C or name O or name CB )) or resid 15 through 36 or (resid 37 and (name N or name CA or name C or name O or name CB )) or resid 38 through 39 or (resid 40 and (name N or name CA or name C or name O or name CB )) or resid 41 or (resid 42 through 46 and (name N or name CA or name C or name O or name CB )) or resid 47 through 54))
;
1 2 1 B MET 4  . B ILE 59 . B MET -1 B ILE 54 ? 'chain B' 
# 
_struct_ncs_ens.id        1 
_struct_ncs_ens.details   ? 
# 
_struct.entry_id                     7JTA 
_struct.title                        
'Crystal structure of a putative nuclease with anti-Cas9 activity from an uncultured Clostridia bacterium' 
_struct.pdbx_model_details           ? 
_struct.pdbx_formula_weight          ? 
_struct.pdbx_formula_weight_method   ? 
_struct.pdbx_model_type_details      ? 
_struct.pdbx_CASP_flag               N 
# 
_struct_keywords.entry_id        7JTA 
_struct_keywords.text            'Anti-CRISPR, nuclease, phage protein, Cas9, UNKNOWN FUNCTION' 
_struct_keywords.pdbx_keywords   'UNKNOWN FUNCTION' 
# 
loop_
_struct_asym.id 
_struct_asym.pdbx_blank_PDB_chainid_flag 
_struct_asym.pdbx_modified 
_struct_asym.entity_id 
_struct_asym.details 
A N N 1 ? 
B N N 1 ? 
C N N 2 ? 
D N N 2 ? 
E N N 2 ? 
F N N 2 ? 
G N N 2 ? 
H N N 2 ? 
I N N 2 ? 
J N N 3 ? 
K N N 4 ? 
L N N 4 ? 
# 
_struct_ref.id                         1 
_struct_ref.db_name                    UNP 
_struct_ref.db_code                    A0A5B9TEE9_9BACT 
_struct_ref.pdbx_db_accession          A0A5B9TEE9 
_struct_ref.pdbx_db_isoform            ? 
_struct_ref.entity_id                  1 
_struct_ref.pdbx_seq_one_letter_code   MVVEETRDLAETADCVVIEAILVDDGLRYRQLSVGIKDENGDIIRIVPISTVLI 
_struct_ref.pdbx_align_begin           1 
# 
loop_
_struct_ref_seq.align_id 
_struct_ref_seq.ref_id 
_struct_ref_seq.pdbx_PDB_id_code 
_struct_ref_seq.pdbx_strand_id 
_struct_ref_seq.seq_align_beg 
_struct_ref_seq.pdbx_seq_align_beg_ins_code 
_struct_ref_seq.seq_align_end 
_struct_ref_seq.pdbx_seq_align_end_ins_code 
_struct_ref_seq.pdbx_db_accession 
_struct_ref_seq.db_align_beg 
_struct_ref_seq.pdbx_db_align_beg_ins_code 
_struct_ref_seq.db_align_end 
_struct_ref_seq.pdbx_db_align_end_ins_code 
_struct_ref_seq.pdbx_auth_seq_align_beg 
_struct_ref_seq.pdbx_auth_seq_align_end 
1 1 7JTA A 6 ? 59 ? A0A5B9TEE9 1 ? 54 ? 1 54 
2 1 7JTA B 6 ? 59 ? A0A5B9TEE9 1 ? 54 ? 1 54 
# 
loop_
_struct_ref_seq_dif.align_id 
_struct_ref_seq_dif.pdbx_pdb_id_code 
_struct_ref_seq_dif.mon_id 
_struct_ref_seq_dif.pdbx_pdb_strand_id 
_struct_ref_seq_dif.seq_num 
_struct_ref_seq_dif.pdbx_pdb_ins_code 
_struct_ref_seq_dif.pdbx_seq_db_name 
_struct_ref_seq_dif.pdbx_seq_db_accession_code 
_struct_ref_seq_dif.db_mon_id 
_struct_ref_seq_dif.pdbx_seq_db_seq_num 
_struct_ref_seq_dif.details 
_struct_ref_seq_dif.pdbx_auth_seq_num 
_struct_ref_seq_dif.pdbx_ordinal 
1 7JTA GLY A 1 ? UNP A0A5B9TEE9 ? ? 'expression tag' -4 1  
1 7JTA SER A 2 ? UNP A0A5B9TEE9 ? ? 'expression tag' -3 2  
1 7JTA SER A 3 ? UNP A0A5B9TEE9 ? ? 'expression tag' -2 3  
1 7JTA MET A 4 ? UNP A0A5B9TEE9 ? ? 'expression tag' -1 4  
1 7JTA GLY A 5 ? UNP A0A5B9TEE9 ? ? 'expression tag' 0  5  
2 7JTA GLY B 1 ? UNP A0A5B9TEE9 ? ? 'expression tag' -4 6  
2 7JTA SER B 2 ? UNP A0A5B9TEE9 ? ? 'expression tag' -3 7  
2 7JTA SER B 3 ? UNP A0A5B9TEE9 ? ? 'expression tag' -2 8  
2 7JTA MET B 4 ? UNP A0A5B9TEE9 ? ? 'expression tag' -1 9  
2 7JTA GLY B 5 ? UNP A0A5B9TEE9 ? ? 'expression tag' 0  10 
# 
_pdbx_struct_assembly.id                   1 
_pdbx_struct_assembly.details              author_and_software_defined_assembly 
_pdbx_struct_assembly.method_details       PISA 
_pdbx_struct_assembly.oligomeric_details   tetrameric 
_pdbx_struct_assembly.oligomeric_count     4 
# 
loop_
_pdbx_struct_assembly_prop.biol_id 
_pdbx_struct_assembly_prop.type 
_pdbx_struct_assembly_prop.value 
_pdbx_struct_assembly_prop.details 
1 'ABSA (A^2)' 6170  ? 
1 MORE         -42   ? 
1 'SSA (A^2)'  12030 ? 
# 
loop_
_pdbx_struct_assembly_gen.assembly_id 
_pdbx_struct_assembly_gen.oper_expression 
_pdbx_struct_assembly_gen.asym_id_list 
1 1,4 A,C,D,E,F,G,K 
1 2,3 B,H,I,J,L     
# 
_pdbx_struct_assembly_auth_evidence.id                     1 
_pdbx_struct_assembly_auth_evidence.assembly_id            1 
_pdbx_struct_assembly_auth_evidence.experimental_support   'gel filtration' 
_pdbx_struct_assembly_auth_evidence.details                'elutes from gel filtration as hexamer, dimer shown in asu' 
# 
loop_
_pdbx_struct_oper_list.id 
_pdbx_struct_oper_list.type 
_pdbx_struct_oper_list.name 
_pdbx_struct_oper_list.symmetry_operation 
_pdbx_struct_oper_list.matrix[1][1] 
_pdbx_struct_oper_list.matrix[1][2] 
_pdbx_struct_oper_list.matrix[1][3] 
_pdbx_struct_oper_list.vector[1] 
_pdbx_struct_oper_list.matrix[2][1] 
_pdbx_struct_oper_list.matrix[2][2] 
_pdbx_struct_oper_list.matrix[2][3] 
_pdbx_struct_oper_list.vector[2] 
_pdbx_struct_oper_list.matrix[3][1] 
_pdbx_struct_oper_list.matrix[3][2] 
_pdbx_struct_oper_list.matrix[3][3] 
_pdbx_struct_oper_list.vector[3] 
1 'identity operation'         1_555  x,y,z              1.0000000000  0.0000000000 0.0000000000  0.0000000000  0.0000000000  1.0000000000  0.0000000000  0.0000000000   0.0000000000  0.0000000000  1.0000000000 0.0000000000   
2 'crystal symmetry operation' 5_555  z,x,y              -0.4865708725 0.6353934412 0.5996031695  28.2800103608 -0.7935464017 -0.0343636649 -0.6075386793 -13.7379542337 -0.3654215297 -0.7714235629 0.5209345374 -12.5212628412 
3 'crystal symmetry operation' 15_445 y-1/4,-x-1/4,z+1/4 0.2213336645  0.2386217638 -0.9455533104 17.5043123900 0.5763252279  0.7501554281  0.3242160782  28.0361250266  0.7866769608  -0.6167061598 0.0285109074 2.2348637973   
4 'crystal symmetry operation' 22_445 z-1/4,-y-1/4,x+1/4 -0.5230325724 0.3906217581 -0.7575299138 28.1767916313 0.3906217581  -0.6800927085 -0.6203938668 -0.1218595140  -0.7575299138 -0.6203938668 0.2031252810 17.6782600925 
# 
_struct_conn.id                            disulf1 
_struct_conn.conn_type_id                  disulf 
_struct_conn.pdbx_leaving_atom_flag        ? 
_struct_conn.pdbx_PDB_id                   ? 
_struct_conn.ptnr1_label_asym_id           A 
_struct_conn.ptnr1_label_comp_id           CYS 
_struct_conn.ptnr1_label_seq_id            20 
_struct_conn.ptnr1_label_atom_id           SG 
_struct_conn.pdbx_ptnr1_label_alt_id       ? 
_struct_conn.pdbx_ptnr1_PDB_ins_code       ? 
_struct_conn.pdbx_ptnr1_standard_comp_id   ? 
_struct_conn.ptnr1_symmetry                1_555 
_struct_conn.ptnr2_label_asym_id           A 
_struct_conn.ptnr2_label_comp_id           CYS 
_struct_conn.ptnr2_label_seq_id            20 
_struct_conn.ptnr2_label_atom_id           SG 
_struct_conn.pdbx_ptnr2_label_alt_id       ? 
_struct_conn.pdbx_ptnr2_PDB_ins_code       ? 
_struct_conn.ptnr1_auth_asym_id            A 
_struct_conn.ptnr1_auth_comp_id            CYS 
_struct_conn.ptnr1_auth_seq_id             15 
_struct_conn.ptnr2_auth_asym_id            A 
_struct_conn.ptnr2_auth_comp_id            CYS 
_struct_conn.ptnr2_auth_seq_id             15 
_struct_conn.ptnr2_symmetry                22_445 
_struct_conn.pdbx_ptnr3_label_atom_id      ? 
_struct_conn.pdbx_ptnr3_label_seq_id       ? 
_struct_conn.pdbx_ptnr3_label_comp_id      ? 
_struct_conn.pdbx_ptnr3_label_asym_id      ? 
_struct_conn.pdbx_ptnr3_label_alt_id       ? 
_struct_conn.pdbx_ptnr3_PDB_ins_code       ? 
_struct_conn.details                       ? 
_struct_conn.pdbx_dist_value               2.022 
_struct_conn.pdbx_value_order              ? 
_struct_conn.pdbx_role                     ? 
# 
_struct_conn_type.id          disulf 
_struct_conn_type.criteria    ? 
_struct_conn_type.reference   ? 
# 
_pdbx_modification_feature.ordinal                            1 
_pdbx_modification_feature.label_comp_id                      CYS 
_pdbx_modification_feature.label_asym_id                      A 
_pdbx_modification_feature.label_seq_id                       20 
_pdbx_modification_feature.label_alt_id                       ? 
_pdbx_modification_feature.modified_residue_label_comp_id     CYS 
_pdbx_modification_feature.modified_residue_label_asym_id     A 
_pdbx_modification_feature.modified_residue_label_seq_id      20 
_pdbx_modification_feature.modified_residue_label_alt_id      ? 
_pdbx_modification_feature.auth_comp_id                       CYS 
_pdbx_modification_feature.auth_asym_id                       A 
_pdbx_modification_feature.auth_seq_id                        15 
_pdbx_modification_feature.PDB_ins_code                       ? 
_pdbx_modification_feature.symmetry                           1_555 
_pdbx_modification_feature.modified_residue_auth_comp_id      CYS 
_pdbx_modification_feature.modified_residue_auth_asym_id      A 
_pdbx_modification_feature.modified_residue_auth_seq_id       15 
_pdbx_modification_feature.modified_residue_PDB_ins_code      ? 
_pdbx_modification_feature.modified_residue_symmetry          22_445 
_pdbx_modification_feature.comp_id_linking_atom               SG 
_pdbx_modification_feature.modified_residue_id_linking_atom   SG 
_pdbx_modification_feature.modified_residue_id                . 
_pdbx_modification_feature.ref_pcm_id                         . 
_pdbx_modification_feature.ref_comp_id                        . 
_pdbx_modification_feature.type                               None 
_pdbx_modification_feature.category                           'Disulfide bridge' 
# 
_struct_sheet.id               AA1 
_struct_sheet.type             ? 
_struct_sheet.number_strands   8 
_struct_sheet.details          ? 
# 
loop_
_struct_sheet_order.sheet_id 
_struct_sheet_order.range_id_1 
_struct_sheet_order.range_id_2 
_struct_sheet_order.offset 
_struct_sheet_order.sense 
AA1 1 2 ? anti-parallel 
AA1 2 3 ? anti-parallel 
AA1 3 4 ? anti-parallel 
AA1 4 5 ? anti-parallel 
AA1 5 6 ? anti-parallel 
AA1 6 7 ? anti-parallel 
AA1 7 8 ? anti-parallel 
# 
loop_
_struct_sheet_range.sheet_id 
_struct_sheet_range.id 
_struct_sheet_range.beg_label_comp_id 
_struct_sheet_range.beg_label_asym_id 
_struct_sheet_range.beg_label_seq_id 
_struct_sheet_range.pdbx_beg_PDB_ins_code 
_struct_sheet_range.end_label_comp_id 
_struct_sheet_range.end_label_asym_id 
_struct_sheet_range.end_label_seq_id 
_struct_sheet_range.pdbx_end_PDB_ins_code 
_struct_sheet_range.beg_auth_comp_id 
_struct_sheet_range.beg_auth_asym_id 
_struct_sheet_range.beg_auth_seq_id 
_struct_sheet_range.end_auth_comp_id 
_struct_sheet_range.end_auth_asym_id 
_struct_sheet_range.end_auth_seq_id 
AA1 1 ILE A 48 ? LEU A 58 ? ILE A 43 LEU A 53 
AA1 2 LEU A 32 ? LYS A 42 ? LEU A 27 LYS A 37 
AA1 3 CYS A 20 ? ASP A 29 ? CYS A 15 ASP A 24 
AA1 4 VAL A 7  ? GLU A 16 ? VAL A 2  GLU A 11 
AA1 5 MET B 6  ? GLU B 16 ? MET B 1  GLU B 11 
AA1 6 CYS B 20 ? ASP B 29 ? CYS B 15 ASP B 24 
AA1 7 LEU B 32 ? LYS B 42 ? LEU B 27 LYS B 37 
AA1 8 ILE B 48 ? LEU B 58 ? ILE B 43 LEU B 53 
# 
loop_
_pdbx_struct_sheet_hbond.sheet_id 
_pdbx_struct_sheet_hbond.range_id_1 
_pdbx_struct_sheet_hbond.range_id_2 
_pdbx_struct_sheet_hbond.range_1_label_atom_id 
_pdbx_struct_sheet_hbond.range_1_label_comp_id 
_pdbx_struct_sheet_hbond.range_1_label_asym_id 
_pdbx_struct_sheet_hbond.range_1_label_seq_id 
_pdbx_struct_sheet_hbond.range_1_PDB_ins_code 
_pdbx_struct_sheet_hbond.range_1_auth_atom_id 
_pdbx_struct_sheet_hbond.range_1_auth_comp_id 
_pdbx_struct_sheet_hbond.range_1_auth_asym_id 
_pdbx_struct_sheet_hbond.range_1_auth_seq_id 
_pdbx_struct_sheet_hbond.range_2_label_atom_id 
_pdbx_struct_sheet_hbond.range_2_label_comp_id 
_pdbx_struct_sheet_hbond.range_2_label_asym_id 
_pdbx_struct_sheet_hbond.range_2_label_seq_id 
_pdbx_struct_sheet_hbond.range_2_PDB_ins_code 
_pdbx_struct_sheet_hbond.range_2_auth_atom_id 
_pdbx_struct_sheet_hbond.range_2_auth_comp_id 
_pdbx_struct_sheet_hbond.range_2_auth_asym_id 
_pdbx_struct_sheet_hbond.range_2_auth_seq_id 
AA1 1 2 O ILE A 49 ? O ILE A 44 N ILE A 41 ? N ILE A 36 
AA1 2 3 O TYR A 34 ? O TYR A 29 N LEU A 27 ? N LEU A 22 
AA1 3 4 O ILE A 26 ? O ILE A 21 N GLU A 9  ? N GLU A 4  
AA1 4 5 N ASP A 13 ? N ASP A 8  O GLU B 9  ? O GLU B 4  
AA1 5 6 N GLU B 9  ? N GLU B 4  O ILE B 26 ? O ILE B 21 
AA1 6 7 N LEU B 27 ? N LEU B 22 O TYR B 34 ? O TYR B 29 
AA1 7 8 N ILE B 41 ? N ILE B 36 O ILE B 49 ? O ILE B 44 
# 
_pdbx_entry_details.entry_id                   7JTA 
_pdbx_entry_details.has_ligand_of_interest     N 
_pdbx_entry_details.compound_details           ? 
_pdbx_entry_details.source_details             ? 
_pdbx_entry_details.nonpolymer_details         ? 
_pdbx_entry_details.sequence_details           ? 
_pdbx_entry_details.has_protein_modification   Y 
# 
_pdbx_validate_close_contact.id               1 
_pdbx_validate_close_contact.PDB_model_num    1 
_pdbx_validate_close_contact.auth_atom_id_1   O3 
_pdbx_validate_close_contact.auth_asym_id_1   A 
_pdbx_validate_close_contact.auth_comp_id_1   NO3 
_pdbx_validate_close_contact.auth_seq_id_1    104 
_pdbx_validate_close_contact.PDB_ins_code_1   ? 
_pdbx_validate_close_contact.label_alt_id_1   ? 
_pdbx_validate_close_contact.auth_atom_id_2   O 
_pdbx_validate_close_contact.auth_asym_id_2   A 
_pdbx_validate_close_contact.auth_comp_id_2   HOH 
_pdbx_validate_close_contact.auth_seq_id_2    201 
_pdbx_validate_close_contact.PDB_ins_code_2   ? 
_pdbx_validate_close_contact.label_alt_id_2   ? 
_pdbx_validate_close_contact.dist             1.91 
# 
_pdbx_phasing_MR.entry_id                     7JTA 
_pdbx_phasing_MR.method_rotation              ? 
_pdbx_phasing_MR.method_translation           ? 
_pdbx_phasing_MR.model_details                ? 
_pdbx_phasing_MR.R_factor                     ? 
_pdbx_phasing_MR.R_rigid_body                 ? 
_pdbx_phasing_MR.correlation_coeff_Fo_to_Fc   ? 
_pdbx_phasing_MR.correlation_coeff_Io_to_Ic   ? 
_pdbx_phasing_MR.d_res_high_rotation          3.320 
_pdbx_phasing_MR.d_res_low_rotation           42.850 
_pdbx_phasing_MR.d_res_high_translation       3.320 
_pdbx_phasing_MR.d_res_low_translation        42.850 
_pdbx_phasing_MR.packing                      ? 
_pdbx_phasing_MR.reflns_percent_rotation      ? 
_pdbx_phasing_MR.reflns_percent_translation   ? 
_pdbx_phasing_MR.sigma_F_rotation             ? 
_pdbx_phasing_MR.sigma_F_translation          ? 
_pdbx_phasing_MR.sigma_I_rotation             ? 
_pdbx_phasing_MR.sigma_I_translation          ? 
# 
_phasing.method   MR 
# 
loop_
_pdbx_unobs_or_zero_occ_residues.id 
_pdbx_unobs_or_zero_occ_residues.PDB_model_num 
_pdbx_unobs_or_zero_occ_residues.polymer_flag 
_pdbx_unobs_or_zero_occ_residues.occupancy_flag 
_pdbx_unobs_or_zero_occ_residues.auth_asym_id 
_pdbx_unobs_or_zero_occ_residues.auth_comp_id 
_pdbx_unobs_or_zero_occ_residues.auth_seq_id 
_pdbx_unobs_or_zero_occ_residues.PDB_ins_code 
_pdbx_unobs_or_zero_occ_residues.label_asym_id 
_pdbx_unobs_or_zero_occ_residues.label_comp_id 
_pdbx_unobs_or_zero_occ_residues.label_seq_id 
1 1 Y 1 A GLY -4 ? A GLY 1 
2 1 Y 1 A SER -3 ? A SER 2 
3 1 Y 1 A SER -2 ? A SER 3 
4 1 Y 1 B GLY -4 ? B GLY 1 
5 1 Y 1 B SER -3 ? B SER 2 
6 1 Y 1 B SER -2 ? B SER 3 
# 
loop_
_chem_comp_atom.comp_id 
_chem_comp_atom.atom_id 
_chem_comp_atom.type_symbol 
_chem_comp_atom.pdbx_aromatic_flag 
_chem_comp_atom.pdbx_stereo_config 
_chem_comp_atom.pdbx_ordinal 
ALA N    N N N 1   
ALA CA   C N S 2   
ALA C    C N N 3   
ALA O    O N N 4   
ALA CB   C N N 5   
ALA OXT  O N N 6   
ALA H    H N N 7   
ALA H2   H N N 8   
ALA HA   H N N 9   
ALA HB1  H N N 10  
ALA HB2  H N N 11  
ALA HB3  H N N 12  
ALA HXT  H N N 13  
ARG N    N N N 14  
ARG CA   C N S 15  
ARG C    C N N 16  
ARG O    O N N 17  
ARG CB   C N N 18  
ARG CG   C N N 19  
ARG CD   C N N 20  
ARG NE   N N N 21  
ARG CZ   C N N 22  
ARG NH1  N N N 23  
ARG NH2  N N N 24  
ARG OXT  O N N 25  
ARG H    H N N 26  
ARG H2   H N N 27  
ARG HA   H N N 28  
ARG HB2  H N N 29  
ARG HB3  H N N 30  
ARG HG2  H N N 31  
ARG HG3  H N N 32  
ARG HD2  H N N 33  
ARG HD3  H N N 34  
ARG HE   H N N 35  
ARG HH11 H N N 36  
ARG HH12 H N N 37  
ARG HH21 H N N 38  
ARG HH22 H N N 39  
ARG HXT  H N N 40  
ASN N    N N N 41  
ASN CA   C N S 42  
ASN C    C N N 43  
ASN O    O N N 44  
ASN CB   C N N 45  
ASN CG   C N N 46  
ASN OD1  O N N 47  
ASN ND2  N N N 48  
ASN OXT  O N N 49  
ASN H    H N N 50  
ASN H2   H N N 51  
ASN HA   H N N 52  
ASN HB2  H N N 53  
ASN HB3  H N N 54  
ASN HD21 H N N 55  
ASN HD22 H N N 56  
ASN HXT  H N N 57  
ASP N    N N N 58  
ASP CA   C N S 59  
ASP C    C N N 60  
ASP O    O N N 61  
ASP CB   C N N 62  
ASP CG   C N N 63  
ASP OD1  O N N 64  
ASP OD2  O N N 65  
ASP OXT  O N N 66  
ASP H    H N N 67  
ASP H2   H N N 68  
ASP HA   H N N 69  
ASP HB2  H N N 70  
ASP HB3  H N N 71  
ASP HD2  H N N 72  
ASP HXT  H N N 73  
CYS N    N N N 74  
CYS CA   C N R 75  
CYS C    C N N 76  
CYS O    O N N 77  
CYS CB   C N N 78  
CYS SG   S N N 79  
CYS OXT  O N N 80  
CYS H    H N N 81  
CYS H2   H N N 82  
CYS HA   H N N 83  
CYS HB2  H N N 84  
CYS HB3  H N N 85  
CYS HG   H N N 86  
CYS HXT  H N N 87  
GLN N    N N N 88  
GLN CA   C N S 89  
GLN C    C N N 90  
GLN O    O N N 91  
GLN CB   C N N 92  
GLN CG   C N N 93  
GLN CD   C N N 94  
GLN OE1  O N N 95  
GLN NE2  N N N 96  
GLN OXT  O N N 97  
GLN H    H N N 98  
GLN H2   H N N 99  
GLN HA   H N N 100 
GLN HB2  H N N 101 
GLN HB3  H N N 102 
GLN HG2  H N N 103 
GLN HG3  H N N 104 
GLN HE21 H N N 105 
GLN HE22 H N N 106 
GLN HXT  H N N 107 
GLU N    N N N 108 
GLU CA   C N S 109 
GLU C    C N N 110 
GLU O    O N N 111 
GLU CB   C N N 112 
GLU CG   C N N 113 
GLU CD   C N N 114 
GLU OE1  O N N 115 
GLU OE2  O N N 116 
GLU OXT  O N N 117 
GLU H    H N N 118 
GLU H2   H N N 119 
GLU HA   H N N 120 
GLU HB2  H N N 121 
GLU HB3  H N N 122 
GLU HG2  H N N 123 
GLU HG3  H N N 124 
GLU HE2  H N N 125 
GLU HXT  H N N 126 
GLY N    N N N 127 
GLY CA   C N N 128 
GLY C    C N N 129 
GLY O    O N N 130 
GLY OXT  O N N 131 
GLY H    H N N 132 
GLY H2   H N N 133 
GLY HA2  H N N 134 
GLY HA3  H N N 135 
GLY HXT  H N N 136 
HOH O    O N N 137 
HOH H1   H N N 138 
HOH H2   H N N 139 
ILE N    N N N 140 
ILE CA   C N S 141 
ILE C    C N N 142 
ILE O    O N N 143 
ILE CB   C N S 144 
ILE CG1  C N N 145 
ILE CG2  C N N 146 
ILE CD1  C N N 147 
ILE OXT  O N N 148 
ILE H    H N N 149 
ILE H2   H N N 150 
ILE HA   H N N 151 
ILE HB   H N N 152 
ILE HG12 H N N 153 
ILE HG13 H N N 154 
ILE HG21 H N N 155 
ILE HG22 H N N 156 
ILE HG23 H N N 157 
ILE HD11 H N N 158 
ILE HD12 H N N 159 
ILE HD13 H N N 160 
ILE HXT  H N N 161 
LEU N    N N N 162 
LEU CA   C N S 163 
LEU C    C N N 164 
LEU O    O N N 165 
LEU CB   C N N 166 
LEU CG   C N N 167 
LEU CD1  C N N 168 
LEU CD2  C N N 169 
LEU OXT  O N N 170 
LEU H    H N N 171 
LEU H2   H N N 172 
LEU HA   H N N 173 
LEU HB2  H N N 174 
LEU HB3  H N N 175 
LEU HG   H N N 176 
LEU HD11 H N N 177 
LEU HD12 H N N 178 
LEU HD13 H N N 179 
LEU HD21 H N N 180 
LEU HD22 H N N 181 
LEU HD23 H N N 182 
LEU HXT  H N N 183 
LYS N    N N N 184 
LYS CA   C N S 185 
LYS C    C N N 186 
LYS O    O N N 187 
LYS CB   C N N 188 
LYS CG   C N N 189 
LYS CD   C N N 190 
LYS CE   C N N 191 
LYS NZ   N N N 192 
LYS OXT  O N N 193 
LYS H    H N N 194 
LYS H2   H N N 195 
LYS HA   H N N 196 
LYS HB2  H N N 197 
LYS HB3  H N N 198 
LYS HG2  H N N 199 
LYS HG3  H N N 200 
LYS HD2  H N N 201 
LYS HD3  H N N 202 
LYS HE2  H N N 203 
LYS HE3  H N N 204 
LYS HZ1  H N N 205 
LYS HZ2  H N N 206 
LYS HZ3  H N N 207 
LYS HXT  H N N 208 
MET N    N N N 209 
MET CA   C N S 210 
MET C    C N N 211 
MET O    O N N 212 
MET CB   C N N 213 
MET CG   C N N 214 
MET SD   S N N 215 
MET CE   C N N 216 
MET OXT  O N N 217 
MET H    H N N 218 
MET H2   H N N 219 
MET HA   H N N 220 
MET HB2  H N N 221 
MET HB3  H N N 222 
MET HG2  H N N 223 
MET HG3  H N N 224 
MET HE1  H N N 225 
MET HE2  H N N 226 
MET HE3  H N N 227 
MET HXT  H N N 228 
MPD C1   C N N 229 
MPD C2   C N N 230 
MPD O2   O N N 231 
MPD CM   C N N 232 
MPD C3   C N N 233 
MPD C4   C N S 234 
MPD O4   O N N 235 
MPD C5   C N N 236 
MPD H11  H N N 237 
MPD H12  H N N 238 
MPD H13  H N N 239 
MPD HO2  H N N 240 
MPD HM1  H N N 241 
MPD HM2  H N N 242 
MPD HM3  H N N 243 
MPD H31  H N N 244 
MPD H32  H N N 245 
MPD H4   H N N 246 
MPD HO4  H N N 247 
MPD H51  H N N 248 
MPD H52  H N N 249 
MPD H53  H N N 250 
NO3 N    N N N 251 
NO3 O1   O N N 252 
NO3 O2   O N N 253 
NO3 O3   O N N 254 
PRO N    N N N 255 
PRO CA   C N S 256 
PRO C    C N N 257 
PRO O    O N N 258 
PRO CB   C N N 259 
PRO CG   C N N 260 
PRO CD   C N N 261 
PRO OXT  O N N 262 
PRO H    H N N 263 
PRO HA   H N N 264 
PRO HB2  H N N 265 
PRO HB3  H N N 266 
PRO HG2  H N N 267 
PRO HG3  H N N 268 
PRO HD2  H N N 269 
PRO HD3  H N N 270 
PRO HXT  H N N 271 
SER N    N N N 272 
SER CA   C N S 273 
SER C    C N N 274 
SER O    O N N 275 
SER CB   C N N 276 
SER OG   O N N 277 
SER OXT  O N N 278 
SER H    H N N 279 
SER H2   H N N 280 
SER HA   H N N 281 
SER HB2  H N N 282 
SER HB3  H N N 283 
SER HG   H N N 284 
SER HXT  H N N 285 
THR N    N N N 286 
THR CA   C N S 287 
THR C    C N N 288 
THR O    O N N 289 
THR CB   C N R 290 
THR OG1  O N N 291 
THR CG2  C N N 292 
THR OXT  O N N 293 
THR H    H N N 294 
THR H2   H N N 295 
THR HA   H N N 296 
THR HB   H N N 297 
THR HG1  H N N 298 
THR HG21 H N N 299 
THR HG22 H N N 300 
THR HG23 H N N 301 
THR HXT  H N N 302 
TYR N    N N N 303 
TYR CA   C N S 304 
TYR C    C N N 305 
TYR O    O N N 306 
TYR CB   C N N 307 
TYR CG   C Y N 308 
TYR CD1  C Y N 309 
TYR CD2  C Y N 310 
TYR CE1  C Y N 311 
TYR CE2  C Y N 312 
TYR CZ   C Y N 313 
TYR OH   O N N 314 
TYR OXT  O N N 315 
TYR H    H N N 316 
TYR H2   H N N 317 
TYR HA   H N N 318 
TYR HB2  H N N 319 
TYR HB3  H N N 320 
TYR HD1  H N N 321 
TYR HD2  H N N 322 
TYR HE1  H N N 323 
TYR HE2  H N N 324 
TYR HH   H N N 325 
TYR HXT  H N N 326 
VAL N    N N N 327 
VAL CA   C N S 328 
VAL C    C N N 329 
VAL O    O N N 330 
VAL CB   C N N 331 
VAL CG1  C N N 332 
VAL CG2  C N N 333 
VAL OXT  O N N 334 
VAL H    H N N 335 
VAL H2   H N N 336 
VAL HA   H N N 337 
VAL HB   H N N 338 
VAL HG11 H N N 339 
VAL HG12 H N N 340 
VAL HG13 H N N 341 
VAL HG21 H N N 342 
VAL HG22 H N N 343 
VAL HG23 H N N 344 
VAL HXT  H N N 345 
# 
loop_
_chem_comp_bond.comp_id 
_chem_comp_bond.atom_id_1 
_chem_comp_bond.atom_id_2 
_chem_comp_bond.value_order 
_chem_comp_bond.pdbx_aromatic_flag 
_chem_comp_bond.pdbx_stereo_config 
_chem_comp_bond.pdbx_ordinal 
ALA N   CA   sing N N 1   
ALA N   H    sing N N 2   
ALA N   H2   sing N N 3   
ALA CA  C    sing N N 4   
ALA CA  CB   sing N N 5   
ALA CA  HA   sing N N 6   
ALA C   O    doub N N 7   
ALA C   OXT  sing N N 8   
ALA CB  HB1  sing N N 9   
ALA CB  HB2  sing N N 10  
ALA CB  HB3  sing N N 11  
ALA OXT HXT  sing N N 12  
ARG N   CA   sing N N 13  
ARG N   H    sing N N 14  
ARG N   H2   sing N N 15  
ARG CA  C    sing N N 16  
ARG CA  CB   sing N N 17  
ARG CA  HA   sing N N 18  
ARG C   O    doub N N 19  
ARG C   OXT  sing N N 20  
ARG CB  CG   sing N N 21  
ARG CB  HB2  sing N N 22  
ARG CB  HB3  sing N N 23  
ARG CG  CD   sing N N 24  
ARG CG  HG2  sing N N 25  
ARG CG  HG3  sing N N 26  
ARG CD  NE   sing N N 27  
ARG CD  HD2  sing N N 28  
ARG CD  HD3  sing N N 29  
ARG NE  CZ   sing N N 30  
ARG NE  HE   sing N N 31  
ARG CZ  NH1  sing N N 32  
ARG CZ  NH2  doub N N 33  
ARG NH1 HH11 sing N N 34  
ARG NH1 HH12 sing N N 35  
ARG NH2 HH21 sing N N 36  
ARG NH2 HH22 sing N N 37  
ARG OXT HXT  sing N N 38  
ASN N   CA   sing N N 39  
ASN N   H    sing N N 40  
ASN N   H2   sing N N 41  
ASN CA  C    sing N N 42  
ASN CA  CB   sing N N 43  
ASN CA  HA   sing N N 44  
ASN C   O    doub N N 45  
ASN C   OXT  sing N N 46  
ASN CB  CG   sing N N 47  
ASN CB  HB2  sing N N 48  
ASN CB  HB3  sing N N 49  
ASN CG  OD1  doub N N 50  
ASN CG  ND2  sing N N 51  
ASN ND2 HD21 sing N N 52  
ASN ND2 HD22 sing N N 53  
ASN OXT HXT  sing N N 54  
ASP N   CA   sing N N 55  
ASP N   H    sing N N 56  
ASP N   H2   sing N N 57  
ASP CA  C    sing N N 58  
ASP CA  CB   sing N N 59  
ASP CA  HA   sing N N 60  
ASP C   O    doub N N 61  
ASP C   OXT  sing N N 62  
ASP CB  CG   sing N N 63  
ASP CB  HB2  sing N N 64  
ASP CB  HB3  sing N N 65  
ASP CG  OD1  doub N N 66  
ASP CG  OD2  sing N N 67  
ASP OD2 HD2  sing N N 68  
ASP OXT HXT  sing N N 69  
CYS N   CA   sing N N 70  
CYS N   H    sing N N 71  
CYS N   H2   sing N N 72  
CYS CA  C    sing N N 73  
CYS CA  CB   sing N N 74  
CYS CA  HA   sing N N 75  
CYS C   O    doub N N 76  
CYS C   OXT  sing N N 77  
CYS CB  SG   sing N N 78  
CYS CB  HB2  sing N N 79  
CYS CB  HB3  sing N N 80  
CYS SG  HG   sing N N 81  
CYS OXT HXT  sing N N 82  
GLN N   CA   sing N N 83  
GLN N   H    sing N N 84  
GLN N   H2   sing N N 85  
GLN CA  C    sing N N 86  
GLN CA  CB   sing N N 87  
GLN CA  HA   sing N N 88  
GLN C   O    doub N N 89  
GLN C   OXT  sing N N 90  
GLN CB  CG   sing N N 91  
GLN CB  HB2  sing N N 92  
GLN CB  HB3  sing N N 93  
GLN CG  CD   sing N N 94  
GLN CG  HG2  sing N N 95  
GLN CG  HG3  sing N N 96  
GLN CD  OE1  doub N N 97  
GLN CD  NE2  sing N N 98  
GLN NE2 HE21 sing N N 99  
GLN NE2 HE22 sing N N 100 
GLN OXT HXT  sing N N 101 
GLU N   CA   sing N N 102 
GLU N   H    sing N N 103 
GLU N   H2   sing N N 104 
GLU CA  C    sing N N 105 
GLU CA  CB   sing N N 106 
GLU CA  HA   sing N N 107 
GLU C   O    doub N N 108 
GLU C   OXT  sing N N 109 
GLU CB  CG   sing N N 110 
GLU CB  HB2  sing N N 111 
GLU CB  HB3  sing N N 112 
GLU CG  CD   sing N N 113 
GLU CG  HG2  sing N N 114 
GLU CG  HG3  sing N N 115 
GLU CD  OE1  doub N N 116 
GLU CD  OE2  sing N N 117 
GLU OE2 HE2  sing N N 118 
GLU OXT HXT  sing N N 119 
GLY N   CA   sing N N 120 
GLY N   H    sing N N 121 
GLY N   H2   sing N N 122 
GLY CA  C    sing N N 123 
GLY CA  HA2  sing N N 124 
GLY CA  HA3  sing N N 125 
GLY C   O    doub N N 126 
GLY C   OXT  sing N N 127 
GLY OXT HXT  sing N N 128 
HOH O   H1   sing N N 129 
HOH O   H2   sing N N 130 
ILE N   CA   sing N N 131 
ILE N   H    sing N N 132 
ILE N   H2   sing N N 133 
ILE CA  C    sing N N 134 
ILE CA  CB   sing N N 135 
ILE CA  HA   sing N N 136 
ILE C   O    doub N N 137 
ILE C   OXT  sing N N 138 
ILE CB  CG1  sing N N 139 
ILE CB  CG2  sing N N 140 
ILE CB  HB   sing N N 141 
ILE CG1 CD1  sing N N 142 
ILE CG1 HG12 sing N N 143 
ILE CG1 HG13 sing N N 144 
ILE CG2 HG21 sing N N 145 
ILE CG2 HG22 sing N N 146 
ILE CG2 HG23 sing N N 147 
ILE CD1 HD11 sing N N 148 
ILE CD1 HD12 sing N N 149 
ILE CD1 HD13 sing N N 150 
ILE OXT HXT  sing N N 151 
LEU N   CA   sing N N 152 
LEU N   H    sing N N 153 
LEU N   H2   sing N N 154 
LEU CA  C    sing N N 155 
LEU CA  CB   sing N N 156 
LEU CA  HA   sing N N 157 
LEU C   O    doub N N 158 
LEU C   OXT  sing N N 159 
LEU CB  CG   sing N N 160 
LEU CB  HB2  sing N N 161 
LEU CB  HB3  sing N N 162 
LEU CG  CD1  sing N N 163 
LEU CG  CD2  sing N N 164 
LEU CG  HG   sing N N 165 
LEU CD1 HD11 sing N N 166 
LEU CD1 HD12 sing N N 167 
LEU CD1 HD13 sing N N 168 
LEU CD2 HD21 sing N N 169 
LEU CD2 HD22 sing N N 170 
LEU CD2 HD23 sing N N 171 
LEU OXT HXT  sing N N 172 
LYS N   CA   sing N N 173 
LYS N   H    sing N N 174 
LYS N   H2   sing N N 175 
LYS CA  C    sing N N 176 
LYS CA  CB   sing N N 177 
LYS CA  HA   sing N N 178 
LYS C   O    doub N N 179 
LYS C   OXT  sing N N 180 
LYS CB  CG   sing N N 181 
LYS CB  HB2  sing N N 182 
LYS CB  HB3  sing N N 183 
LYS CG  CD   sing N N 184 
LYS CG  HG2  sing N N 185 
LYS CG  HG3  sing N N 186 
LYS CD  CE   sing N N 187 
LYS CD  HD2  sing N N 188 
LYS CD  HD3  sing N N 189 
LYS CE  NZ   sing N N 190 
LYS CE  HE2  sing N N 191 
LYS CE  HE3  sing N N 192 
LYS NZ  HZ1  sing N N 193 
LYS NZ  HZ2  sing N N 194 
LYS NZ  HZ3  sing N N 195 
LYS OXT HXT  sing N N 196 
MET N   CA   sing N N 197 
MET N   H    sing N N 198 
MET N   H2   sing N N 199 
MET CA  C    sing N N 200 
MET CA  CB   sing N N 201 
MET CA  HA   sing N N 202 
MET C   O    doub N N 203 
MET C   OXT  sing N N 204 
MET CB  CG   sing N N 205 
MET CB  HB2  sing N N 206 
MET CB  HB3  sing N N 207 
MET CG  SD   sing N N 208 
MET CG  HG2  sing N N 209 
MET CG  HG3  sing N N 210 
MET SD  CE   sing N N 211 
MET CE  HE1  sing N N 212 
MET CE  HE2  sing N N 213 
MET CE  HE3  sing N N 214 
MET OXT HXT  sing N N 215 
MPD C1  C2   sing N N 216 
MPD C1  H11  sing N N 217 
MPD C1  H12  sing N N 218 
MPD C1  H13  sing N N 219 
MPD C2  O2   sing N N 220 
MPD C2  CM   sing N N 221 
MPD C2  C3   sing N N 222 
MPD O2  HO2  sing N N 223 
MPD CM  HM1  sing N N 224 
MPD CM  HM2  sing N N 225 
MPD CM  HM3  sing N N 226 
MPD C3  C4   sing N N 227 
MPD C3  H31  sing N N 228 
MPD C3  H32  sing N N 229 
MPD C4  O4   sing N N 230 
MPD C4  C5   sing N N 231 
MPD C4  H4   sing N N 232 
MPD O4  HO4  sing N N 233 
MPD C5  H51  sing N N 234 
MPD C5  H52  sing N N 235 
MPD C5  H53  sing N N 236 
NO3 N   O1   doub N N 237 
NO3 N   O2   sing N N 238 
NO3 N   O3   sing N N 239 
PRO N   CA   sing N N 240 
PRO N   CD   sing N N 241 
PRO N   H    sing N N 242 
PRO CA  C    sing N N 243 
PRO CA  CB   sing N N 244 
PRO CA  HA   sing N N 245 
PRO C   O    doub N N 246 
PRO C   OXT  sing N N 247 
PRO CB  CG   sing N N 248 
PRO CB  HB2  sing N N 249 
PRO CB  HB3  sing N N 250 
PRO CG  CD   sing N N 251 
PRO CG  HG2  sing N N 252 
PRO CG  HG3  sing N N 253 
PRO CD  HD2  sing N N 254 
PRO CD  HD3  sing N N 255 
PRO OXT HXT  sing N N 256 
SER N   CA   sing N N 257 
SER N   H    sing N N 258 
SER N   H2   sing N N 259 
SER CA  C    sing N N 260 
SER CA  CB   sing N N 261 
SER CA  HA   sing N N 262 
SER C   O    doub N N 263 
SER C   OXT  sing N N 264 
SER CB  OG   sing N N 265 
SER CB  HB2  sing N N 266 
SER CB  HB3  sing N N 267 
SER OG  HG   sing N N 268 
SER OXT HXT  sing N N 269 
THR N   CA   sing N N 270 
THR N   H    sing N N 271 
THR N   H2   sing N N 272 
THR CA  C    sing N N 273 
THR CA  CB   sing N N 274 
THR CA  HA   sing N N 275 
THR C   O    doub N N 276 
THR C   OXT  sing N N 277 
THR CB  OG1  sing N N 278 
THR CB  CG2  sing N N 279 
THR CB  HB   sing N N 280 
THR OG1 HG1  sing N N 281 
THR CG2 HG21 sing N N 282 
THR CG2 HG22 sing N N 283 
THR CG2 HG23 sing N N 284 
THR OXT HXT  sing N N 285 
TYR N   CA   sing N N 286 
TYR N   H    sing N N 287 
TYR N   H2   sing N N 288 
TYR CA  C    sing N N 289 
TYR CA  CB   sing N N 290 
TYR CA  HA   sing N N 291 
TYR C   O    doub N N 292 
TYR C   OXT  sing N N 293 
TYR CB  CG   sing N N 294 
TYR CB  HB2  sing N N 295 
TYR CB  HB3  sing N N 296 
TYR CG  CD1  doub Y N 297 
TYR CG  CD2  sing Y N 298 
TYR CD1 CE1  sing Y N 299 
TYR CD1 HD1  sing N N 300 
TYR CD2 CE2  doub Y N 301 
TYR CD2 HD2  sing N N 302 
TYR CE1 CZ   doub Y N 303 
TYR CE1 HE1  sing N N 304 
TYR CE2 CZ   sing Y N 305 
TYR CE2 HE2  sing N N 306 
TYR CZ  OH   sing N N 307 
TYR OH  HH   sing N N 308 
TYR OXT HXT  sing N N 309 
VAL N   CA   sing N N 310 
VAL N   H    sing N N 311 
VAL N   H2   sing N N 312 
VAL CA  C    sing N N 313 
VAL CA  CB   sing N N 314 
VAL CA  HA   sing N N 315 
VAL C   O    doub N N 316 
VAL C   OXT  sing N N 317 
VAL CB  CG1  sing N N 318 
VAL CB  CG2  sing N N 319 
VAL CB  HB   sing N N 320 
VAL CG1 HG11 sing N N 321 
VAL CG1 HG12 sing N N 322 
VAL CG1 HG13 sing N N 323 
VAL CG2 HG21 sing N N 324 
VAL CG2 HG22 sing N N 325 
VAL CG2 HG23 sing N N 326 
VAL OXT HXT  sing N N 327 
# 
_pdbx_audit_support.funding_organization   
'National Institutes of Health/National Institute of General Medical Sciences (NIH/NIGMS)' 
_pdbx_audit_support.country                'United States' 
_pdbx_audit_support.grant_number           R01GM105691 
_pdbx_audit_support.ordinal                1 
# 
_pdbx_initial_refinement_model.accession_code   ? 
_pdbx_initial_refinement_model.id               1 
_pdbx_initial_refinement_model.entity_id_list   ? 
_pdbx_initial_refinement_model.type             'in silico model' 
_pdbx_initial_refinement_model.source_name      Robetta 
_pdbx_initial_refinement_model.details          'Robetta model' 
# 
_atom_sites.entry_id                    7JTA 
_atom_sites.Cartn_transf_matrix[1][1]   ? 
_atom_sites.Cartn_transf_matrix[1][2]   ? 
_atom_sites.Cartn_transf_matrix[1][3]   ? 
_atom_sites.Cartn_transf_matrix[2][1]   ? 
_atom_sites.Cartn_transf_matrix[2][2]   ? 
_atom_sites.Cartn_transf_matrix[2][3]   ? 
_atom_sites.Cartn_transf_matrix[3][1]   ? 
_atom_sites.Cartn_transf_matrix[3][2]   ? 
_atom_sites.Cartn_transf_matrix[3][3]   ? 
_atom_sites.Cartn_transf_vector[1]      ? 
_atom_sites.Cartn_transf_vector[2]      ? 
_atom_sites.Cartn_transf_vector[3]      ? 
_atom_sites.fract_transf_matrix[1][1]   0.00171246 
_atom_sites.fract_transf_matrix[1][2]   -0.00233738 
_atom_sites.fract_transf_matrix[1][3]   -0.00721813 
_atom_sites.fract_transf_matrix[2][1]   -0.00664640 
_atom_sites.fract_transf_matrix[2][2]   0.00310670 
_atom_sites.fract_transf_matrix[2][3]   -0.00258283 
_atom_sites.fract_transf_matrix[3][1]   0.00365925 
_atom_sites.fract_transf_matrix[3][2]   0.00673664 
_atom_sites.fract_transf_matrix[3][3]   -0.00131333 
_atom_sites.fract_transf_vector[1]      -0.206637 
_atom_sites.fract_transf_vector[2]      -0.008337 
_atom_sites.fract_transf_vector[3]      -0.035717 
_atom_sites.solution_primary            ? 
_atom_sites.solution_secondary          ? 
_atom_sites.solution_hydrogens          ? 
_atom_sites.special_details             ? 
# 
loop_
_atom_type.symbol 
C 
H 
N 
O 
S 
# 
loop_
_atom_site.group_PDB 
_atom_site.id 
_atom_site.type_symbol 
_atom_site.label_atom_id 
_atom_site.label_alt_id 
_atom_site.label_comp_id 
_atom_site.label_asym_id 
_atom_site.label_entity_id 
_atom_site.label_seq_id 
_atom_site.pdbx_PDB_ins_code 
_atom_site.Cartn_x 
_atom_site.Cartn_y 
_atom_site.Cartn_z 
_atom_site.occupancy 
_atom_site.B_iso_or_equiv 
_atom_site.pdbx_formal_charge 
_atom_site.auth_seq_id 
_atom_site.auth_comp_id 
_atom_site.auth_asym_id 
_atom_site.auth_atom_id 
_atom_site.pdbx_PDB_model_num 
ATOM   1   N N   . MET A 1 4  ? -2.689  15.732  -1.152  1.00 128.34 ? -1  MET A N   1 
ATOM   2   C CA  . MET A 1 4  ? -2.320  15.024  -2.372  1.00 144.27 ? -1  MET A CA  1 
ATOM   3   C C   . MET A 1 4  ? -1.045  15.601  -2.987  1.00 153.13 ? -1  MET A C   1 
ATOM   4   O O   . MET A 1 4  ? -0.007  15.677  -2.325  1.00 139.34 ? -1  MET A O   1 
ATOM   5   C CB  . MET A 1 4  ? -3.469  15.078  -3.387  1.00 129.98 ? -1  MET A CB  1 
ATOM   6   N N   . GLY A 1 5  ? -1.129  15.996  -4.251  1.00 151.67 ? 0   GLY A N   1 
ATOM   7   C CA  . GLY A 1 5  ? 0.016   16.554  -4.981  1.00 138.10 ? 0   GLY A CA  1 
ATOM   8   C C   . GLY A 1 5  ? 1.032   15.511  -5.383  1.00 142.35 ? 0   GLY A C   1 
ATOM   9   O O   . GLY A 1 5  ? 1.418   15.436  -6.554  1.00 134.72 ? 0   GLY A O   1 
ATOM   10  N N   . MET A 1 6  ? 1.482   14.701  -4.430  1.00 135.34 ? 1   MET A N   1 
ATOM   11  C CA  . MET A 1 6  ? 2.361   13.571  -4.687  1.00 114.45 ? 1   MET A CA  1 
ATOM   12  C C   . MET A 1 6  ? 1.525   12.301  -4.605  1.00 113.17 ? 1   MET A C   1 
ATOM   13  O O   . MET A 1 6  ? 0.613   12.204  -3.779  1.00 121.68 ? 1   MET A O   1 
ATOM   14  C CB  . MET A 1 6  ? 3.513   13.529  -3.682  1.00 114.69 ? 1   MET A CB  1 
ATOM   15  C CG  . MET A 1 6  ? 4.294   12.228  -3.679  1.00 98.29  ? 1   MET A CG  1 
ATOM   16  S SD  . MET A 1 6  ? 3.812   11.184  -2.292  1.00 123.21 ? 1   MET A SD  1 
ATOM   17  C CE  . MET A 1 6  ? 4.470   12.122  -0.915  1.00 139.11 ? 1   MET A CE  1 
ATOM   18  N N   . VAL A 1 7  ? 1.829   11.330  -5.463  1.00 92.48  ? 2   VAL A N   1 
ATOM   19  C CA  . VAL A 1 7  ? 0.991   10.147  -5.621  1.00 84.78  ? 2   VAL A CA  1 
ATOM   20  C C   . VAL A 1 7  ? 1.798   8.902   -5.288  1.00 83.64  ? 2   VAL A C   1 
ATOM   21  O O   . VAL A 1 7  ? 2.874   8.681   -5.854  1.00 73.99  ? 2   VAL A O   1 
ATOM   22  C CB  . VAL A 1 7  ? 0.413   10.054  -7.044  1.00 81.73  ? 2   VAL A CB  1 
ATOM   23  C CG1 . VAL A 1 7  ? 0.001   8.625   -7.359  1.00 74.76  ? 2   VAL A CG1 1 
ATOM   24  C CG2 . VAL A 1 7  ? -0.765  10.998  -7.196  1.00 104.43 ? 2   VAL A CG2 1 
ATOM   25  N N   . VAL A 1 8  ? 1.271   8.091   -4.375  1.00 79.75  ? 3   VAL A N   1 
ATOM   26  C CA  . VAL A 1 8  ? 1.837   6.776   -4.090  1.00 86.57  ? 3   VAL A CA  1 
ATOM   27  C C   . VAL A 1 8  ? 1.326   5.797   -5.140  1.00 68.18  ? 3   VAL A C   1 
ATOM   28  O O   . VAL A 1 8  ? 0.115   5.605   -5.290  1.00 79.47  ? 3   VAL A O   1 
ATOM   29  C CB  . VAL A 1 8  ? 1.481   6.310   -2.672  1.00 74.59  ? 3   VAL A CB  1 
ATOM   30  C CG1 . VAL A 1 8  ? 2.034   4.917   -2.425  1.00 71.68  ? 3   VAL A CG1 1 
ATOM   31  C CG2 . VAL A 1 8  ? 2.022   7.289   -1.645  1.00 72.32  ? 3   VAL A CG2 1 
ATOM   32  N N   . GLU A 1 9  ? 2.249   5.181   -5.871  1.00 64.60  ? 4   GLU A N   1 
ATOM   33  C CA  . GLU A 1 9  ? 1.919   4.328   -7.004  1.00 71.96  ? 4   GLU A CA  1 
ATOM   34  C C   . GLU A 1 9  ? 2.029   2.842   -6.690  1.00 79.01  ? 4   GLU A C   1 
ATOM   35  O O   . GLU A 1 9  ? 1.351   2.031   -7.329  1.00 74.70  ? 4   GLU A O   1 
ATOM   36  C CB  . GLU A 1 9  ? 2.834   4.673   -8.188  1.00 70.61  ? 4   GLU A CB  1 
ATOM   37  C CG  . GLU A 1 9  ? 2.847   3.663   -9.319  1.00 104.98 ? 4   GLU A CG  1 
ATOM   38  C CD  . GLU A 1 9  ? 3.998   3.901   -10.283 1.00 122.09 ? 4   GLU A CD  1 
ATOM   39  O OE1 . GLU A 1 9  ? 4.116   5.034   -10.802 1.00 104.99 ? 4   GLU A OE1 1 
ATOM   40  O OE2 . GLU A 1 9  ? 4.783   2.959   -10.523 1.00 120.56 ? 4   GLU A OE2 1 
ATOM   41  N N   . GLU A 1 10 ? 2.855   2.468   -5.717  1.00 73.06  ? 5   GLU A N   1 
ATOM   42  C CA  . GLU A 1 10 ? 3.078   1.067   -5.403  1.00 59.85  ? 5   GLU A CA  1 
ATOM   43  C C   . GLU A 1 10 ? 3.648   0.972   -3.997  1.00 62.50  ? 5   GLU A C   1 
ATOM   44  O O   . GLU A 1 10 ? 4.426   1.833   -3.580  1.00 74.59  ? 5   GLU A O   1 
ATOM   45  C CB  . GLU A 1 10 ? 4.027   0.418   -6.415  1.00 56.29  ? 5   GLU A CB  1 
ATOM   46  C CG  . GLU A 1 10 ? 4.141   -1.092  -6.298  1.00 70.63  ? 5   GLU A CG  1 
ATOM   47  C CD  . GLU A 1 10 ? 5.437   -1.533  -5.644  1.00 80.72  ? 5   GLU A CD  1 
ATOM   48  O OE1 . GLU A 1 10 ? 5.949   -0.799  -4.774  1.00 78.12  ? 5   GLU A OE1 1 
ATOM   49  O OE2 . GLU A 1 10 ? 5.947   -2.614  -6.002  1.00 97.00  ? 5   GLU A OE2 1 
ATOM   50  N N   . THR A 1 11 ? 3.246   -0.068  -3.272  1.00 72.68  ? 6   THR A N   1 
ATOM   51  C CA  . THR A 1 11 ? 3.801   -0.389  -1.968  1.00 60.58  ? 6   THR A CA  1 
ATOM   52  C C   . THR A 1 11 ? 4.194   -1.857  -1.957  1.00 64.38  ? 6   THR A C   1 
ATOM   53  O O   . THR A 1 11 ? 3.629   -2.667  -2.696  1.00 69.23  ? 6   THR A O   1 
ATOM   54  C CB  . THR A 1 11 ? 2.790   -0.100  -0.840  1.00 66.29  ? 6   THR A CB  1 
ATOM   55  O OG1 . THR A 1 11 ? 2.638   1.313   -0.679  1.00 81.12  ? 6   THR A OG1 1 
ATOM   56  C CG2 . THR A 1 11 ? 3.242   -0.706  0.474   1.00 76.51  ? 6   THR A CG2 1 
ATOM   57  N N   . ARG A 1 12 ? 5.172   -2.202  -1.123  1.00 58.62  ? 7   ARG A N   1 
ATOM   58  C CA  . ARG A 1 12 ? 5.659   -3.571  -1.127  1.00 56.66  ? 7   ARG A CA  1 
ATOM   59  C C   . ARG A 1 12 ? 6.303   -3.897  0.212   1.00 64.68  ? 7   ARG A C   1 
ATOM   60  O O   . ARG A 1 12 ? 7.034   -3.082  0.778   1.00 64.10  ? 7   ARG A O   1 
ATOM   61  C CB  . ARG A 1 12 ? 6.647   -3.815  -2.267  1.00 62.23  ? 7   ARG A CB  1 
ATOM   62  C CG  . ARG A 1 12 ? 6.816   -5.280  -2.588  1.00 63.89  ? 7   ARG A CG  1 
ATOM   63  C CD  . ARG A 1 12 ? 7.170   -5.476  -4.035  1.00 58.90  ? 7   ARG A CD  1 
ATOM   64  N NE  . ARG A 1 12 ? 8.399   -4.768  -4.360  1.00 73.46  ? 7   ARG A NE  1 
ATOM   65  C CZ  . ARG A 1 12 ? 9.611   -5.289  -4.209  1.00 87.35  ? 7   ARG A CZ  1 
ATOM   66  N NH1 . ARG A 1 12 ? 9.744   -6.525  -3.746  1.00 78.02  ? 7   ARG A NH1 1 
ATOM   67  N NH2 . ARG A 1 12 ? 10.687  -4.578  -4.521  1.00 80.26  ? 7   ARG A NH2 1 
ATOM   68  N N   . ASP A 1 13 ? 6.023   -5.102  0.701   1.00 77.15  ? 8   ASP A N   1 
ATOM   69  C CA  . ASP A 1 13 ? 6.577   -5.612  1.950   1.00 53.01  ? 8   ASP A CA  1 
ATOM   70  C C   . ASP A 1 13 ? 7.901   -6.309  1.652   1.00 56.42  ? 8   ASP A C   1 
ATOM   71  O O   . ASP A 1 13 ? 7.923   -7.374  1.026   1.00 73.30  ? 8   ASP A O   1 
ATOM   72  C CB  . ASP A 1 13 ? 5.572   -6.566  2.583   1.00 60.76  ? 8   ASP A CB  1 
ATOM   73  C CG  . ASP A 1 13 ? 5.924   -6.943  3.989   1.00 74.14  ? 8   ASP A CG  1 
ATOM   74  O OD1 . ASP A 1 13 ? 4.983   -7.026  4.800   1.00 78.98  ? 8   ASP A OD1 1 
ATOM   75  O OD2 . ASP A 1 13 ? 7.121   -7.130  4.293   1.00 84.84  ? 8   ASP A OD2 1 
ATOM   76  N N   . LEU A 1 14 ? 9.009   -5.711  2.097   1.00 56.81  ? 9   LEU A N   1 
ATOM   77  C CA  . LEU A 1 14 ? 10.329  -6.255  1.802   1.00 55.98  ? 9   LEU A CA  1 
ATOM   78  C C   . LEU A 1 14 ? 10.814  -7.233  2.860   1.00 63.90  ? 9   LEU A C   1 
ATOM   79  O O   . LEU A 1 14 ? 11.589  -8.142  2.547   1.00 71.34  ? 9   LEU A O   1 
ATOM   80  C CB  . LEU A 1 14 ? 11.351  -5.123  1.664   1.00 55.78  ? 9   LEU A CB  1 
ATOM   81  C CG  . LEU A 1 14 ? 11.083  -4.113  0.550   1.00 60.81  ? 9   LEU A CG  1 
ATOM   82  C CD1 . LEU A 1 14 ? 12.269  -3.179  0.402   1.00 62.66  ? 9   LEU A CD1 1 
ATOM   83  C CD2 . LEU A 1 14 ? 10.751  -4.806  -0.759  1.00 58.09  ? 9   LEU A CD2 1 
ATOM   84  N N   . ALA A 1 15 ? 10.380  -7.057  4.105   1.00 59.60  ? 10  ALA A N   1 
ATOM   85  C CA  . ALA A 1 15 ? 10.775  -7.921  5.204   1.00 61.95  ? 10  ALA A CA  1 
ATOM   86  C C   . ALA A 1 15 ? 9.817   -7.656  6.349   1.00 54.98  ? 10  ALA A C   1 
ATOM   87  O O   . ALA A 1 15 ? 9.418   -6.512  6.572   1.00 58.63  ? 10  ALA A O   1 
ATOM   88  C CB  . ALA A 1 15 ? 12.220  -7.659  5.636   1.00 51.02  ? 10  ALA A CB  1 
ATOM   89  N N   . GLU A 1 16 ? 9.433   -8.710  7.064   1.00 66.63  ? 11  GLU A N   1 
ATOM   90  C CA  . GLU A 1 16 ? 8.449   -8.537  8.118   1.00 65.85  ? 11  GLU A CA  1 
ATOM   91  C C   . GLU A 1 16 ? 8.812   -9.359  9.343   1.00 63.59  ? 11  GLU A C   1 
ATOM   92  O O   . GLU A 1 16 ? 9.443   -10.415 9.252   1.00 80.13  ? 11  GLU A O   1 
ATOM   93  C CB  . GLU A 1 16 ? 7.034   -8.897  7.655   1.00 61.18  ? 11  GLU A CB  1 
ATOM   94  C CG  . GLU A 1 16 ? 5.965   -8.361  8.595   1.00 67.19  ? 11  GLU A CG  1 
ATOM   95  C CD  . GLU A 1 16 ? 4.648   -8.115  7.900   1.00 80.08  ? 11  GLU A CD  1 
ATOM   96  O OE1 . GLU A 1 16 ? 4.573   -8.374  6.685   1.00 80.30  ? 11  GLU A OE1 1 
ATOM   97  O OE2 . GLU A 1 16 ? 3.693   -7.651  8.561   1.00 83.34  ? 11  GLU A OE2 1 
ATOM   98  N N   . THR A 1 17 ? 8.369   -8.857  10.489  1.00 73.24  ? 12  THR A N   1 
ATOM   99  C CA  . THR A 1 17 ? 8.612   -9.429  11.802  1.00 51.41  ? 12  THR A CA  1 
ATOM   100 C C   . THR A 1 17 ? 7.338   -9.262  12.610  1.00 59.01  ? 12  THR A C   1 
ATOM   101 O O   . THR A 1 17 ? 6.414   -8.555  12.198  1.00 68.30  ? 12  THR A O   1 
ATOM   102 C CB  . THR A 1 17 ? 9.812   -8.749  12.482  1.00 62.55  ? 12  THR A CB  1 
ATOM   103 O OG1 . THR A 1 17 ? 11.032  -9.244  11.910  1.00 70.85  ? 12  THR A OG1 1 
ATOM   104 C CG2 . THR A 1 17 ? 9.811   -8.913  14.012  1.00 85.99  ? 12  THR A CG2 1 
ATOM   105 N N   . ALA A 1 18 ? 7.266   -9.954  13.747  1.00 73.52  ? 13  ALA A N   1 
ATOM   106 C CA  . ALA A 1 18 ? 6.149   -9.736  14.654  1.00 71.82  ? 13  ALA A CA  1 
ATOM   107 C C   . ALA A 1 18 ? 5.916   -8.247  14.873  1.00 72.29  ? 13  ALA A C   1 
ATOM   108 O O   . ALA A 1 18 ? 4.777   -7.772  14.817  1.00 70.69  ? 13  ALA A O   1 
ATOM   109 C CB  . ALA A 1 18 ? 6.404   -10.443 15.985  1.00 87.86  ? 13  ALA A CB  1 
ATOM   110 N N   . ASP A 1 19 ? 6.993   -7.487  15.076  1.00 76.71  ? 14  ASP A N   1 
ATOM   111 C CA  . ASP A 1 19 ? 6.885   -6.105  15.521  1.00 74.15  ? 14  ASP A CA  1 
ATOM   112 C C   . ASP A 1 19 ? 7.156   -5.064  14.443  1.00 72.13  ? 14  ASP A C   1 
ATOM   113 O O   . ASP A 1 19 ? 6.581   -3.977  14.511  1.00 78.49  ? 14  ASP A O   1 
ATOM   114 C CB  . ASP A 1 19 ? 7.835   -5.865  16.701  1.00 88.55  ? 14  ASP A CB  1 
ATOM   115 C CG  . ASP A 1 19 ? 7.428   -6.645  17.940  1.00 94.91  ? 14  ASP A CG  1 
ATOM   116 O OD1 . ASP A 1 19 ? 6.209   -6.783  18.180  1.00 91.41  ? 14  ASP A OD1 1 
ATOM   117 O OD2 . ASP A 1 19 ? 8.325   -7.123  18.669  1.00 105.95 ? 14  ASP A OD2 1 
ATOM   118 N N   . CYS A 1 20 ? 8.017   -5.340  13.464  1.00 77.95  ? 15  CYS A N   1 
ATOM   119 C CA  . CYS A 1 20 ? 8.371   -4.335  12.471  1.00 77.92  ? 15  CYS A CA  1 
ATOM   120 C C   . CYS A 1 20 ? 8.338   -4.912  11.059  1.00 74.44  ? 15  CYS A C   1 
ATOM   121 O O   . CYS A 1 20 ? 8.489   -6.118  10.851  1.00 83.47  ? 15  CYS A O   1 
ATOM   122 C CB  . CYS A 1 20 ? 9.736   -3.717  12.790  1.00 77.90  ? 15  CYS A CB  1 
ATOM   123 S SG  . CYS A 1 20 ? 9.633   -2.592  14.215  1.00 121.39 ? 15  CYS A SG  1 
ATOM   124 N N   . VAL A 1 21 ? 8.134   -4.020  10.087  1.00 64.34  ? 16  VAL A N   1 
ATOM   125 C CA  . VAL A 1 21 ? 8.121   -4.366  8.669   1.00 57.41  ? 16  VAL A CA  1 
ATOM   126 C C   . VAL A 1 21 ? 8.864   -3.294  7.877   1.00 50.65  ? 16  VAL A C   1 
ATOM   127 O O   . VAL A 1 21 ? 8.695   -2.096  8.124   1.00 55.85  ? 16  VAL A O   1 
ATOM   128 C CB  . VAL A 1 21 ? 6.678   -4.525  8.150   1.00 62.38  ? 16  VAL A CB  1 
ATOM   129 C CG1 . VAL A 1 21 ? 5.844   -3.326  8.551   1.00 57.73  ? 16  VAL A CG1 1 
ATOM   130 C CG2 . VAL A 1 21 ? 6.671   -4.701  6.643   1.00 48.04  ? 16  VAL A CG2 1 
ATOM   131 N N   . VAL A 1 22 ? 9.696   -3.726  6.932   1.00 50.45  ? 17  VAL A N   1 
ATOM   132 C CA  . VAL A 1 22 ? 10.381  -2.817  6.018   1.00 53.79  ? 17  VAL A CA  1 
ATOM   133 C C   . VAL A 1 22 ? 9.506   -2.615  4.787   1.00 52.90  ? 17  VAL A C   1 
ATOM   134 O O   . VAL A 1 22 ? 9.238   -3.565  4.046   1.00 54.36  ? 17  VAL A O   1 
ATOM   135 C CB  . VAL A 1 22 ? 11.763  -3.354  5.625   1.00 51.15  ? 17  VAL A CB  1 
ATOM   136 C CG1 . VAL A 1 22 ? 12.367  -2.483  4.543   1.00 49.07  ? 17  VAL A CG1 1 
ATOM   137 C CG2 . VAL A 1 22 ? 12.668  -3.399  6.839   1.00 52.22  ? 17  VAL A CG2 1 
ATOM   138 N N   . ILE A 1 23 ? 9.080   -1.374  4.556   1.00 57.07  ? 18  ILE A N   1 
ATOM   139 C CA  . ILE A 1 23 ? 8.157   -1.033  3.480   1.00 52.83  ? 18  ILE A CA  1 
ATOM   140 C C   . ILE A 1 23 ? 8.905   -0.335  2.354   1.00 53.41  ? 18  ILE A C   1 
ATOM   141 O O   . ILE A 1 23 ? 9.838   0.438   2.593   1.00 59.41  ? 18  ILE A O   1 
ATOM   142 C CB  . ILE A 1 23 ? 7.011   -0.134  3.981   1.00 55.57  ? 18  ILE A CB  1 
ATOM   143 C CG1 . ILE A 1 23 ? 6.262   -0.795  5.137   1.00 61.28  ? 18  ILE A CG1 1 
ATOM   144 C CG2 . ILE A 1 23 ? 6.065   0.191   2.843   1.00 54.46  ? 18  ILE A CG2 1 
ATOM   145 C CD1 . ILE A 1 23 ? 5.218   0.102   5.762   1.00 64.54  ? 18  ILE A CD1 1 
ATOM   146 N N   . GLU A 1 24 ? 8.499   -0.627  1.123   1.00 62.37  ? 19  GLU A N   1 
ATOM   147 C CA  . GLU A 1 24 ? 8.921   0.110   -0.059  1.00 54.00  ? 19  GLU A CA  1 
ATOM   148 C C   . GLU A 1 24 ? 7.709   0.779   -0.685  1.00 65.14  ? 19  GLU A C   1 
ATOM   149 O O   . GLU A 1 24 ? 6.636   0.176   -0.771  1.00 76.78  ? 19  GLU A O   1 
ATOM   150 C CB  . GLU A 1 24 ? 9.571   -0.785  -1.103  1.00 55.45  ? 19  GLU A CB  1 
ATOM   151 C CG  . GLU A 1 24 ? 9.408   -0.216  -2.505  1.00 67.86  ? 19  GLU A CG  1 
ATOM   152 C CD  . GLU A 1 24 ? 9.792   -1.192  -3.590  1.00 80.22  ? 19  GLU A CD  1 
ATOM   153 O OE1 . GLU A 1 24 ? 8.887   -1.646  -4.323  1.00 73.02  ? 19  GLU A OE1 1 
ATOM   154 O OE2 . GLU A 1 24 ? 10.990  -1.526  -3.692  1.00 74.06  ? 19  GLU A OE2 1 
ATOM   155 N N   . ALA A 1 25 ? 7.880   2.026   -1.114  1.00 57.03  ? 20  ALA A N   1 
ATOM   156 C CA  . ALA A 1 25 ? 6.852   2.730   -1.865  1.00 52.07  ? 20  ALA A CA  1 
ATOM   157 C C   . ALA A 1 25 ? 7.484   3.350   -3.099  1.00 62.04  ? 20  ALA A C   1 
ATOM   158 O O   . ALA A 1 25 ? 8.636   3.791   -3.059  1.00 62.80  ? 20  ALA A O   1 
ATOM   159 C CB  . ALA A 1 25 ? 6.164   3.804   -1.015  1.00 49.06  ? 20  ALA A CB  1 
ATOM   160 N N   . ILE A 1 26 ? 6.735   3.369   -4.196  1.00 62.40  ? 21  ILE A N   1 
ATOM   161 C CA  . ILE A 1 26 ? 7.118   4.108   -5.390  1.00 59.24  ? 21  ILE A CA  1 
ATOM   162 C C   . ILE A 1 26 ? 6.287   5.379   -5.415  1.00 61.31  ? 21  ILE A C   1 
ATOM   163 O O   . ILE A 1 26 ? 5.057   5.321   -5.512  1.00 66.71  ? 21  ILE A O   1 
ATOM   164 C CB  . ILE A 1 26 ? 6.899   3.283   -6.664  1.00 65.85  ? 21  ILE A CB  1 
ATOM   165 C CG1 . ILE A 1 26 ? 7.709   1.988   -6.605  1.00 65.76  ? 21  ILE A CG1 1 
ATOM   166 C CG2 . ILE A 1 26 ? 7.298   4.097   -7.879  1.00 60.70  ? 21  ILE A CG2 1 
ATOM   167 C CD1 . ILE A 1 26 ? 9.172   2.190   -6.297  1.00 64.78  ? 21  ILE A CD1 1 
ATOM   168 N N   . LEU A 1 27 ? 6.950   6.525   -5.305  1.00 71.89  ? 22  LEU A N   1 
ATOM   169 C CA  . LEU A 1 27 ? 6.287   7.820   -5.306  1.00 72.04  ? 22  LEU A CA  1 
ATOM   170 C C   . LEU A 1 27 ? 6.478   8.508   -6.650  1.00 69.58  ? 22  LEU A C   1 
ATOM   171 O O   . LEU A 1 27 ? 7.529   8.378   -7.283  1.00 76.82  ? 22  LEU A O   1 
ATOM   172 C CB  . LEU A 1 27 ? 6.837   8.706   -4.187  1.00 64.92  ? 22  LEU A CB  1 
ATOM   173 C CG  . LEU A 1 27 ? 6.903   8.055   -2.805  1.00 69.00  ? 22  LEU A CG  1 
ATOM   174 C CD1 . LEU A 1 27 ? 7.344   9.061   -1.757  1.00 60.79  ? 22  LEU A CD1 1 
ATOM   175 C CD2 . LEU A 1 27 ? 5.566   7.437   -2.430  1.00 72.18  ? 22  LEU A CD2 1 
ATOM   176 N N   . VAL A 1 28 ? 5.452   9.229   -7.088  1.00 70.32  ? 23  VAL A N   1 
ATOM   177 C CA  . VAL A 1 28 ? 5.527   10.059  -8.283  1.00 88.00  ? 23  VAL A CA  1 
ATOM   178 C C   . VAL A 1 28 ? 5.095   11.466  -7.905  1.00 85.90  ? 23  VAL A C   1 
ATOM   179 O O   . VAL A 1 28 ? 3.961   11.671  -7.456  1.00 83.33  ? 23  VAL A O   1 
ATOM   180 C CB  . VAL A 1 28 ? 4.662   9.518   -9.431  1.00 81.58  ? 23  VAL A CB  1 
ATOM   181 C CG1 . VAL A 1 28 ? 4.656   10.505  -10.583 1.00 87.67  ? 23  VAL A CG1 1 
ATOM   182 C CG2 . VAL A 1 28 ? 5.186   8.175   -9.898  1.00 80.18  ? 23  VAL A CG2 1 
ATOM   183 N N   . ASP A 1 29 ? 6.000   12.428  -8.071  1.00 97.57  ? 24  ASP A N   1 
ATOM   184 C CA  . ASP A 1 29 ? 5.718   13.828  -7.786  1.00 111.45 ? 24  ASP A CA  1 
ATOM   185 C C   . ASP A 1 29 ? 6.276   14.675  -8.916  1.00 103.20 ? 24  ASP A C   1 
ATOM   186 O O   . ASP A 1 29 ? 7.438   14.507  -9.299  1.00 102.33 ? 24  ASP A O   1 
ATOM   187 C CB  . ASP A 1 29 ? 6.320   14.269  -6.448  1.00 99.01  ? 24  ASP A CB  1 
ATOM   188 C CG  . ASP A 1 29 ? 5.814   15.630  -6.006  1.00 123.53 ? 24  ASP A CG  1 
ATOM   189 O OD1 . ASP A 1 29 ? 6.057   16.006  -4.841  1.00 133.56 ? 24  ASP A OD1 1 
ATOM   190 O OD2 . ASP A 1 29 ? 5.136   16.305  -6.811  1.00 129.08 ? 24  ASP A OD2 1 
ATOM   191 N N   . ASP A 1 30 ? 5.448   15.572  -9.447  1.00 108.22 ? 25  ASP A N   1 
ATOM   192 C CA  . ASP A 1 30 ? 5.858   16.481  -10.516 1.00 107.16 ? 25  ASP A CA  1 
ATOM   193 C C   . ASP A 1 30 ? 6.534   15.727  -11.663 1.00 100.09 ? 25  ASP A C   1 
ATOM   194 O O   . ASP A 1 30 ? 7.515   16.191  -12.248 1.00 100.41 ? 25  ASP A O   1 
ATOM   195 C CB  . ASP A 1 30 ? 6.769   17.584  -9.970  1.00 89.05  ? 25  ASP A CB  1 
ATOM   196 N N   . GLY A 1 31 ? 6.006   14.547  -11.987 1.00 96.75  ? 26  GLY A N   1 
ATOM   197 C CA  . GLY A 1 31 ? 6.477   13.792  -13.130 1.00 76.66  ? 26  GLY A CA  1 
ATOM   198 C C   . GLY A 1 31 ? 7.713   12.951  -12.895 1.00 90.19  ? 26  GLY A C   1 
ATOM   199 O O   . GLY A 1 31 ? 8.213   12.336  -13.846 1.00 86.31  ? 26  GLY A O   1 
ATOM   200 N N   . LEU A 1 32 ? 8.222   12.891  -11.671 1.00 90.74  ? 27  LEU A N   1 
ATOM   201 C CA  . LEU A 1 32 ? 9.410   12.112  -11.365 1.00 84.63  ? 27  LEU A CA  1 
ATOM   202 C C   . LEU A 1 32 ? 9.054   10.949  -10.450 1.00 80.64  ? 27  LEU A C   1 
ATOM   203 O O   . LEU A 1 32 ? 8.101   11.020  -9.669  1.00 79.29  ? 27  LEU A O   1 
ATOM   204 C CB  . LEU A 1 32 ? 10.484  12.993  -10.726 1.00 85.70  ? 27  LEU A CB  1 
ATOM   205 C CG  . LEU A 1 32 ? 10.953  14.113  -11.660 1.00 89.37  ? 27  LEU A CG  1 
ATOM   206 C CD1 . LEU A 1 32 ? 11.929  15.058  -10.973 1.00 84.97  ? 27  LEU A CD1 1 
ATOM   207 C CD2 . LEU A 1 32 ? 11.573  13.514  -12.916 1.00 79.28  ? 27  LEU A CD2 1 
ATOM   208 N N   . ARG A 1 33 ? 9.826   9.873   -10.561 1.00 75.60  ? 28  ARG A N   1 
ATOM   209 C CA  . ARG A 1 33 ? 9.569   8.633   -9.844  1.00 73.28  ? 28  ARG A CA  1 
ATOM   210 C C   . ARG A 1 33 ? 10.620  8.432   -8.757  1.00 69.58  ? 28  ARG A C   1 
ATOM   211 O O   . ARG A 1 33 ? 11.825  8.547   -9.017  1.00 65.50  ? 28  ARG A O   1 
ATOM   212 C CB  . ARG A 1 33 ? 9.567   7.462   -10.831 1.00 76.80  ? 28  ARG A CB  1 
ATOM   213 C CG  . ARG A 1 33 ? 9.377   6.089   -10.227 1.00 98.71  ? 28  ARG A CG  1 
ATOM   214 C CD  . ARG A 1 33 ? 9.253   5.043   -11.330 1.00 96.35  ? 28  ARG A CD  1 
ATOM   215 N NE  . ARG A 1 33 ? 7.865   4.810   -11.720 1.00 98.27  ? 28  ARG A NE  1 
ATOM   216 C CZ  . ARG A 1 33 ? 7.179   5.571   -12.568 1.00 113.09 ? 28  ARG A CZ  1 
ATOM   217 N NH1 . ARG A 1 33 ? 7.747   6.631   -13.128 1.00 122.08 ? 28  ARG A NH1 1 
ATOM   218 N NH2 . ARG A 1 33 ? 5.920   5.270   -12.858 1.00 113.88 ? 28  ARG A NH2 1 
ATOM   219 N N   . TYR A 1 34 ? 10.165  8.114   -7.545  1.00 65.28  ? 29  TYR A N   1 
ATOM   220 C CA  . TYR A 1 34 ? 11.050  7.929   -6.404  1.00 65.43  ? 29  TYR A CA  1 
ATOM   221 C C   . TYR A 1 34 ? 10.778  6.591   -5.727  1.00 63.37  ? 29  TYR A C   1 
ATOM   222 O O   . TYR A 1 34 ? 9.646   6.102   -5.711  1.00 62.78  ? 29  TYR A O   1 
ATOM   223 C CB  . TYR A 1 34 ? 10.883  9.065   -5.382  1.00 61.11  ? 29  TYR A CB  1 
ATOM   224 C CG  . TYR A 1 34 ? 11.301  10.419  -5.902  1.00 74.96  ? 29  TYR A CG  1 
ATOM   225 C CD1 . TYR A 1 34 ? 10.377  11.274  -6.493  1.00 68.59  ? 29  TYR A CD1 1 
ATOM   226 C CD2 . TYR A 1 34 ? 12.620  10.841  -5.807  1.00 70.49  ? 29  TYR A CD2 1 
ATOM   227 C CE1 . TYR A 1 34 ? 10.758  12.513  -6.970  1.00 72.97  ? 29  TYR A CE1 1 
ATOM   228 C CE2 . TYR A 1 34 ? 13.010  12.078  -6.282  1.00 70.96  ? 29  TYR A CE2 1 
ATOM   229 C CZ  . TYR A 1 34 ? 12.077  12.910  -6.862  1.00 75.60  ? 29  TYR A CZ  1 
ATOM   230 O OH  . TYR A 1 34 ? 12.470  14.141  -7.334  1.00 74.39  ? 29  TYR A OH  1 
ATOM   231 N N   . ARG A 1 35 ? 11.830  6.013   -5.149  1.00 58.65  ? 30  ARG A N   1 
ATOM   232 C CA  . ARG A 1 35 ? 11.728  4.802   -4.344  1.00 54.54  ? 30  ARG A CA  1 
ATOM   233 C C   . ARG A 1 35 ? 12.013  5.154   -2.890  1.00 53.62  ? 30  ARG A C   1 
ATOM   234 O O   . ARG A 1 35 ? 13.127  5.572   -2.557  1.00 58.51  ? 30  ARG A O   1 
ATOM   235 C CB  . ARG A 1 35 ? 12.693  3.723   -4.834  1.00 54.49  ? 30  ARG A CB  1 
ATOM   236 C CG  . ARG A 1 35 ? 12.636  2.450   -4.004  1.00 52.18  ? 30  ARG A CG  1 
ATOM   237 C CD  . ARG A 1 35 ? 13.528  1.371   -4.583  1.00 60.63  ? 30  ARG A CD  1 
ATOM   238 N NE  . ARG A 1 35 ? 13.173  0.046   -4.084  1.00 72.52  ? 30  ARG A NE  1 
ATOM   239 C CZ  . ARG A 1 35 ? 13.942  -0.681  -3.278  1.00 70.94  ? 30  ARG A CZ  1 
ATOM   240 N NH1 . ARG A 1 35 ? 15.116  -0.212  -2.875  1.00 76.71  ? 30  ARG A NH1 1 
ATOM   241 N NH2 . ARG A 1 35 ? 13.536  -1.877  -2.874  1.00 63.58  ? 30  ARG A NH2 1 
ATOM   242 N N   . GLN A 1 36 ? 11.008  4.979   -2.034  1.00 51.64  ? 31  GLN A N   1 
ATOM   243 C CA  . GLN A 1 36 ? 11.114  5.255   -0.608  1.00 51.36  ? 31  GLN A CA  1 
ATOM   244 C C   . GLN A 1 36 ? 11.136  3.957   0.186   1.00 59.23  ? 31  GLN A C   1 
ATOM   245 O O   . GLN A 1 36 ? 10.271  3.096   0.000   1.00 65.08  ? 31  GLN A O   1 
ATOM   246 C CB  . GLN A 1 36 ? 9.954   6.129   -0.134  1.00 55.88  ? 31  GLN A CB  1 
ATOM   247 C CG  . GLN A 1 36 ? 9.998   6.443   1.355   1.00 56.61  ? 31  GLN A CG  1 
ATOM   248 C CD  . GLN A 1 36 ? 8.956   7.462   1.755   1.00 66.68  ? 31  GLN A CD  1 
ATOM   249 O OE1 . GLN A 1 36 ? 7.870   7.111   2.217   1.00 84.47  ? 31  GLN A OE1 1 
ATOM   250 N NE2 . GLN A 1 36 ? 9.282   8.738   1.575   1.00 71.15  ? 31  GLN A NE2 1 
ATOM   251 N N   . LEU A 1 37 ? 12.123  3.822   1.069   1.00 53.60  ? 32  LEU A N   1 
ATOM   252 C CA  . LEU A 1 37 ? 12.211  2.711   2.006   1.00 54.27  ? 32  LEU A CA  1 
ATOM   253 C C   . LEU A 1 37 ? 11.859  3.213   3.399   1.00 54.94  ? 32  LEU A C   1 
ATOM   254 O O   . LEU A 1 37 ? 12.436  4.199   3.869   1.00 56.07  ? 32  LEU A O   1 
ATOM   255 C CB  . LEU A 1 37 ? 13.613  2.105   2.001   1.00 48.63  ? 32  LEU A CB  1 
ATOM   256 C CG  . LEU A 1 37 ? 14.026  1.467   0.679   1.00 55.50  ? 32  LEU A CG  1 
ATOM   257 C CD1 . LEU A 1 37 ? 15.491  1.078   0.722   1.00 55.32  ? 32  LEU A CD1 1 
ATOM   258 C CD2 . LEU A 1 37 ? 13.155  0.259   0.386   1.00 57.66  ? 32  LEU A CD2 1 
ATOM   259 N N   . SER A 1 38 ? 10.916  2.538   4.055   1.00 62.70  ? 33  SER A N   1 
ATOM   260 C CA  . SER A 1 38 ? 10.467  2.929   5.382   1.00 60.10  ? 33  SER A CA  1 
ATOM   261 C C   . SER A 1 38 ? 10.434  1.726   6.317   1.00 59.36  ? 33  SER A C   1 
ATOM   262 O O   . SER A 1 38 ? 10.467  0.571   5.888   1.00 56.52  ? 33  SER A O   1 
ATOM   263 C CB  . SER A 1 38 ? 9.077   3.571   5.332   1.00 52.26  ? 33  SER A CB  1 
ATOM   264 O OG  . SER A 1 38 ? 8.976   4.476   4.248   1.00 78.43  ? 33  SER A OG  1 
ATOM   265 N N   . VAL A 1 39 ? 10.357  2.022   7.612   1.00 60.52  ? 34  VAL A N   1 
ATOM   266 C CA  . VAL A 1 39 ? 10.118  1.027   8.650   1.00 52.95  ? 34  VAL A CA  1 
ATOM   267 C C   . VAL A 1 39 ? 8.764   1.327   9.272   1.00 52.03  ? 34  VAL A C   1 
ATOM   268 O O   . VAL A 1 39 ? 8.526   2.445   9.745   1.00 62.21  ? 34  VAL A O   1 
ATOM   269 C CB  . VAL A 1 39 ? 11.217  1.033   9.719   1.00 50.82  ? 34  VAL A CB  1 
ATOM   270 C CG1 . VAL A 1 39 ? 10.829  0.123   10.857  1.00 55.69  ? 34  VAL A CG1 1 
ATOM   271 C CG2 . VAL A 1 39 ? 12.526  0.585   9.119   1.00 70.30  ? 34  VAL A CG2 1 
ATOM   272 N N   . GLY A 1 40 ? 7.875   0.342   9.256   1.00 59.57  ? 35  GLY A N   1 
ATOM   273 C CA  . GLY A 1 40 ? 6.582   0.448   9.911   1.00 58.11  ? 35  GLY A CA  1 
ATOM   274 C C   . GLY A 1 40 ? 6.634   -0.216  11.279  1.00 61.15  ? 35  GLY A C   1 
ATOM   275 O O   . GLY A 1 40 ? 7.277   -1.251  11.454  1.00 57.44  ? 35  GLY A O   1 
ATOM   276 N N   . ILE A 1 41 ? 5.975   0.411   12.247  1.00 73.04  ? 36  ILE A N   1 
ATOM   277 C CA  . ILE A 1 41 ? 5.927   -0.080  13.620  1.00 67.93  ? 36  ILE A CA  1 
ATOM   278 C C   . ILE A 1 41 ? 4.561   -0.711  13.849  1.00 70.89  ? 36  ILE A C   1 
ATOM   279 O O   . ILE A 1 41 ? 3.525   -0.071  13.625  1.00 71.95  ? 36  ILE A O   1 
ATOM   280 C CB  . ILE A 1 41 ? 6.180   1.050   14.629  1.00 62.10  ? 36  ILE A CB  1 
ATOM   281 C CG1 . ILE A 1 41 ? 7.350   1.927   14.175  1.00 71.27  ? 36  ILE A CG1 1 
ATOM   282 C CG2 . ILE A 1 41 ? 6.453   0.474   16.006  1.00 66.33  ? 36  ILE A CG2 1 
ATOM   283 C CD1 . ILE A 1 41 ? 8.681   1.219   14.160  1.00 67.98  ? 36  ILE A CD1 1 
ATOM   284 N N   . LYS A 1 42 ? 4.555   -1.965  14.286  1.00 70.95  ? 37  LYS A N   1 
ATOM   285 C CA  . LYS A 1 42 ? 3.330   -2.720  14.482  1.00 77.93  ? 37  LYS A CA  1 
ATOM   286 C C   . LYS A 1 42 ? 3.017   -2.849  15.967  1.00 86.84  ? 37  LYS A C   1 
ATOM   287 O O   . LYS A 1 42 ? 3.921   -2.956  16.801  1.00 92.06  ? 37  LYS A O   1 
ATOM   288 C CB  . LYS A 1 42 ? 3.439   -4.105  13.836  1.00 69.84  ? 37  LYS A CB  1 
ATOM   289 C CG  . LYS A 1 42 ? 3.466   -4.054  12.314  1.00 68.05  ? 37  LYS A CG  1 
ATOM   290 C CD  . LYS A 1 42 ? 4.103   -5.295  11.709  1.00 67.96  ? 37  LYS A CD  1 
ATOM   291 C CE  . LYS A 1 42 ? 3.253   -6.530  11.929  1.00 77.82  ? 37  LYS A CE  1 
ATOM   292 N NZ  . LYS A 1 42 ? 3.979   -7.759  11.506  1.00 78.96  ? 37  LYS A NZ  1 
ATOM   293 N N   . ASP A 1 43 ? 1.725   -2.826  16.291  1.00 87.00  ? 38  ASP A N   1 
ATOM   294 C CA  . ASP A 1 43 ? 1.270   -2.980  17.664  1.00 90.17  ? 38  ASP A CA  1 
ATOM   295 C C   . ASP A 1 43 ? 1.001   -4.461  17.940  1.00 82.56  ? 38  ASP A C   1 
ATOM   296 O O   . ASP A 1 43 ? 1.380   -5.339  17.162  1.00 84.59  ? 38  ASP A O   1 
ATOM   297 C CB  . ASP A 1 43 ? 0.045   -2.100  17.922  1.00 82.77  ? 38  ASP A CB  1 
ATOM   298 C CG  . ASP A 1 43 ? -1.159  -2.498  17.082  1.00 94.61  ? 38  ASP A CG  1 
ATOM   299 O OD1 . ASP A 1 43 ? -2.202  -1.821  17.188  1.00 90.82  ? 38  ASP A OD1 1 
ATOM   300 O OD2 . ASP A 1 43 ? -1.077  -3.498  16.337  1.00 92.53  ? 38  ASP A OD2 1 
ATOM   301 N N   . GLU A 1 44 ? 0.338   -4.757  19.061  1.00 97.42  ? 39  GLU A N   1 
ATOM   302 C CA  . GLU A 1 44 ? 0.063   -6.151  19.396  1.00 86.61  ? 39  GLU A CA  1 
ATOM   303 C C   . GLU A 1 44 ? -0.891  -6.799  18.399  1.00 82.10  ? 39  GLU A C   1 
ATOM   304 O O   . GLU A 1 44 ? -0.831  -8.017  18.193  1.00 85.04  ? 39  GLU A O   1 
ATOM   305 C CB  . GLU A 1 44 ? -0.506  -6.247  20.813  1.00 90.46  ? 39  GLU A CB  1 
ATOM   306 N N   . ASN A 1 45 ? -1.760  -6.017  17.764  1.00 79.87  ? 40  ASN A N   1 
ATOM   307 C CA  . ASN A 1 45 ? -2.745  -6.549  16.833  1.00 82.87  ? 40  ASN A CA  1 
ATOM   308 C C   . ASN A 1 45 ? -2.208  -6.685  15.412  1.00 93.87  ? 40  ASN A C   1 
ATOM   309 O O   . ASN A 1 45 ? -2.979  -7.000  14.501  1.00 95.53  ? 40  ASN A O   1 
ATOM   310 C CB  . ASN A 1 45 ? -3.996  -5.668  16.824  1.00 97.25  ? 40  ASN A CB  1 
ATOM   311 C CG  . ASN A 1 45 ? -4.706  -5.649  18.163  1.00 111.17 ? 40  ASN A CG  1 
ATOM   312 O OD1 . ASN A 1 45 ? -4.867  -6.684  18.812  1.00 114.03 ? 40  ASN A OD1 1 
ATOM   313 N ND2 . ASN A 1 45 ? -5.138  -4.466  18.584  1.00 119.68 ? 40  ASN A ND2 1 
ATOM   314 N N   . GLY A 1 46 ? -0.909  -6.472  15.204  1.00 100.75 ? 41  GLY A N   1 
ATOM   315 C CA  . GLY A 1 46 ? -0.325  -6.584  13.885  1.00 92.43  ? 41  GLY A CA  1 
ATOM   316 C C   . GLY A 1 46 ? -0.532  -5.396  12.971  1.00 84.22  ? 41  GLY A C   1 
ATOM   317 O O   . GLY A 1 46 ? -0.123  -5.458  11.805  1.00 78.04  ? 41  GLY A O   1 
ATOM   318 N N   . ASP A 1 47 ? -1.146  -4.320  13.449  1.00 91.06  ? 42  ASP A N   1 
ATOM   319 C CA  . ASP A 1 47 ? -1.380  -3.147  12.623  1.00 90.29  ? 42  ASP A CA  1 
ATOM   320 C C   . ASP A 1 47 ? -0.194  -2.190  12.697  1.00 87.84  ? 42  ASP A C   1 
ATOM   321 O O   . ASP A 1 47 ? 0.575   -2.182  13.662  1.00 85.13  ? 42  ASP A O   1 
ATOM   322 C CB  . ASP A 1 47 ? -2.651  -2.422  13.063  1.00 101.90 ? 42  ASP A CB  1 
ATOM   323 C CG  . ASP A 1 47 ? -3.831  -3.357  13.207  1.00 111.26 ? 42  ASP A CG  1 
ATOM   324 O OD1 . ASP A 1 47 ? -4.040  -4.201  12.309  1.00 106.01 ? 42  ASP A OD1 1 
ATOM   325 O OD2 . ASP A 1 47 ? -4.546  -3.249  14.226  1.00 116.32 ? 42  ASP A OD2 1 
ATOM   326 N N   . ILE A 1 48 ? -0.059  -1.369  11.662  1.00 70.83  ? 43  ILE A N   1 
ATOM   327 C CA  . ILE A 1 48 ? 1.014   -0.386  11.595  1.00 74.78  ? 43  ILE A CA  1 
ATOM   328 C C   . ILE A 1 48 ? 0.539   0.895   12.266  1.00 73.44  ? 43  ILE A C   1 
ATOM   329 O O   . ILE A 1 48 ? -0.467  1.488   11.860  1.00 70.95  ? 43  ILE A O   1 
ATOM   330 C CB  . ILE A 1 48 ? 1.442   -0.131  10.142  1.00 69.11  ? 43  ILE A CB  1 
ATOM   331 C CG1 . ILE A 1 48 ? 2.224   -1.333  9.607   1.00 65.31  ? 43  ILE A CG1 1 
ATOM   332 C CG2 . ILE A 1 48 ? 2.262   1.150   10.035  1.00 61.09  ? 43  ILE A CG2 1 
ATOM   333 C CD1 . ILE A 1 48 ? 2.488   -1.284  8.113   1.00 62.48  ? 43  ILE A CD1 1 
ATOM   334 N N   . ILE A 1 49 ? 1.267   1.322   13.291  1.00 68.74  ? 44  ILE A N   1 
ATOM   335 C CA  . ILE A 1 49 ? 0.903   2.500   14.066  1.00 75.24  ? 44  ILE A CA  1 
ATOM   336 C C   . ILE A 1 49 ? 1.796   3.694   13.758  1.00 82.95  ? 44  ILE A C   1 
ATOM   337 O O   . ILE A 1 49 ? 1.420   4.828   14.090  1.00 88.28  ? 44  ILE A O   1 
ATOM   338 C CB  . ILE A 1 49 ? 0.918   2.199   15.578  1.00 73.99  ? 44  ILE A CB  1 
ATOM   339 C CG1 . ILE A 1 49 ? 2.346   1.915   16.044  1.00 79.07  ? 44  ILE A CG1 1 
ATOM   340 C CG2 . ILE A 1 49 ? 0.017   1.019   15.893  1.00 75.60  ? 44  ILE A CG2 1 
ATOM   341 C CD1 . ILE A 1 49 ? 2.437   1.378   17.457  1.00 77.39  ? 44  ILE A CD1 1 
ATOM   342 N N   . ARG A 1 50 ? 2.959   3.480   13.148  1.00 84.04  ? 45  ARG A N   1 
ATOM   343 C CA  . ARG A 1 50 ? 3.881   4.561   12.839  1.00 69.59  ? 45  ARG A CA  1 
ATOM   344 C C   . ARG A 1 50 ? 4.758   4.129   11.677  1.00 69.00  ? 45  ARG A C   1 
ATOM   345 O O   . ARG A 1 50 ? 5.231   2.991   11.642  1.00 74.37  ? 45  ARG A O   1 
ATOM   346 C CB  . ARG A 1 50 ? 4.750   4.916   14.052  1.00 67.41  ? 45  ARG A CB  1 
ATOM   347 C CG  . ARG A 1 50 ? 5.690   6.089   13.820  1.00 62.41  ? 45  ARG A CG  1 
ATOM   348 C CD  . ARG A 1 50 ? 6.636   6.300   14.994  1.00 66.04  ? 45  ARG A CD  1 
ATOM   349 N NE  . ARG A 1 50 ? 7.457   7.494   14.811  1.00 91.65  ? 45  ARG A NE  1 
ATOM   350 C CZ  . ARG A 1 50 ? 8.545   7.780   15.520  1.00 92.37  ? 45  ARG A CZ  1 
ATOM   351 N NH1 . ARG A 1 50 ? 8.966   6.955   16.471  1.00 86.28  ? 45  ARG A NH1 1 
ATOM   352 N NH2 . ARG A 1 50 ? 9.221   8.893   15.272  1.00 103.55 ? 45  ARG A NH2 1 
ATOM   353 N N   . ILE A 1 51 ? 4.965   5.040   10.732  1.00 69.74  ? 46  ILE A N   1 
ATOM   354 C CA  . ILE A 1 51 ? 5.884   4.843   9.617   1.00 58.84  ? 46  ILE A CA  1 
ATOM   355 C C   . ILE A 1 51 ? 7.079   5.759   9.832   1.00 64.47  ? 46  ILE A C   1 
ATOM   356 O O   . ILE A 1 51 ? 6.911   6.963   10.057  1.00 71.46  ? 46  ILE A O   1 
ATOM   357 C CB  . ILE A 1 51 ? 5.212   5.137   8.263   1.00 64.40  ? 46  ILE A CB  1 
ATOM   358 C CG1 . ILE A 1 51 ? 3.987   4.244   8.049   1.00 61.38  ? 46  ILE A CG1 1 
ATOM   359 C CG2 . ILE A 1 51 ? 6.205   4.952   7.120   1.00 67.57  ? 46  ILE A CG2 1 
ATOM   360 C CD1 . ILE A 1 51 ? 4.313   2.868   7.521   1.00 67.24  ? 46  ILE A CD1 1 
ATOM   361 N N   . VAL A 1 52 ? 8.277   5.199   9.759   1.00 64.86  ? 47  VAL A N   1 
ATOM   362 C CA  . VAL A 1 52 ? 9.511   5.954   9.915   1.00 51.49  ? 47  VAL A CA  1 
ATOM   363 C C   . VAL A 1 52 ? 10.261  5.901   8.592   1.00 52.54  ? 47  VAL A C   1 
ATOM   364 O O   . VAL A 1 52 ? 10.987  4.946   8.319   1.00 59.73  ? 47  VAL A O   1 
ATOM   365 C CB  . VAL A 1 52 ? 10.372  5.395   11.061  1.00 54.74  ? 47  VAL A CB  1 
ATOM   366 C CG1 . VAL A 1 52 ? 11.716  6.105   11.107  1.00 49.94  ? 47  VAL A CG1 1 
ATOM   367 C CG2 . VAL A 1 52 ? 9.637   5.527   12.382  1.00 65.37  ? 47  VAL A CG2 1 
ATOM   368 N N   . PRO A 1 53 ? 10.129  6.927   7.754   1.00 57.83  ? 48  PRO A N   1 
ATOM   369 C CA  . PRO A 1 53 ? 10.851  6.927   6.477   1.00 51.76  ? 48  PRO A CA  1 
ATOM   370 C C   . PRO A 1 53 ? 12.354  6.898   6.699   1.00 50.93  ? 48  PRO A C   1 
ATOM   371 O O   . PRO A 1 53 ? 12.887  7.582   7.575   1.00 58.34  ? 48  PRO A O   1 
ATOM   372 C CB  . PRO A 1 53 ? 10.398  8.231   5.809   1.00 55.23  ? 48  PRO A CB  1 
ATOM   373 C CG  . PRO A 1 53 ? 9.110   8.572   6.479   1.00 54.69  ? 48  PRO A CG  1 
ATOM   374 C CD  . PRO A 1 53 ? 9.253   8.100   7.891   1.00 41.87  ? 48  PRO A CD  1 
ATOM   375 N N   . ILE A 1 54 ? 13.036  6.076   5.910   1.00 52.40  ? 49  ILE A N   1 
ATOM   376 C CA  . ILE A 1 54 ? 14.469  5.883   6.037   1.00 52.53  ? 49  ILE A CA  1 
ATOM   377 C C   . ILE A 1 54 ? 15.229  6.538   4.892   1.00 55.75  ? 49  ILE A C   1 
ATOM   378 O O   . ILE A 1 54 ? 16.257  7.178   5.118   1.00 59.09  ? 49  ILE A O   1 
ATOM   379 C CB  . ILE A 1 54 ? 14.823  4.384   6.139   1.00 57.55  ? 49  ILE A CB  1 
ATOM   380 C CG1 . ILE A 1 54 ? 14.214  3.770   7.401   1.00 54.71  ? 49  ILE A CG1 1 
ATOM   381 C CG2 . ILE A 1 54 ? 16.334  4.192   6.104   1.00 47.27  ? 49  ILE A CG2 1 
ATOM   382 C CD1 . ILE A 1 54 ? 14.629  2.337   7.615   1.00 60.58  ? 49  ILE A CD1 1 
ATOM   383 N N   . SER A 1 55 ? 14.738  6.396   3.662   1.00 56.49  ? 50  SER A N   1 
ATOM   384 C CA  . SER A 1 55 ? 15.444  6.948   2.518   1.00 54.08  ? 50  SER A CA  1 
ATOM   385 C C   . SER A 1 55 ? 14.501  7.035   1.328   1.00 51.45  ? 50  SER A C   1 
ATOM   386 O O   . SER A 1 55 ? 13.623  6.188   1.149   1.00 61.09  ? 50  SER A O   1 
ATOM   387 C CB  . SER A 1 55 ? 16.669  6.105   2.164   1.00 43.86  ? 50  SER A CB  1 
ATOM   388 O OG  . SER A 1 55 ? 16.294  4.960   1.426   1.00 75.12  ? 50  SER A OG  1 
ATOM   389 N N   . THR A 1 56 ? 14.680  8.091   0.541   1.00 54.80  ? 51  THR A N   1 
ATOM   390 C CA  . THR A 1 56 ? 13.998  8.267   -0.732  1.00 53.61  ? 51  THR A CA  1 
ATOM   391 C C   . THR A 1 56 ? 15.043  8.601   -1.784  1.00 61.81  ? 51  THR A C   1 
ATOM   392 O O   . THR A 1 56 ? 15.987  9.346   -1.511  1.00 70.51  ? 51  THR A O   1 
ATOM   393 C CB  . THR A 1 56 ? 12.945  9.367   -0.666  1.00 63.12  ? 51  THR A CB  1 
ATOM   394 O OG1 . THR A 1 56 ? 12.074  9.130   0.450   1.00 63.89  ? 51  THR A OG1 1 
ATOM   395 C CG2 . THR A 1 56 ? 12.123  9.384   -1.949  1.00 62.02  ? 51  THR A CG2 1 
ATOM   396 N N   . VAL A 1 57 ? 14.895  8.024   -2.973  1.00 63.76  ? 52  VAL A N   1 
ATOM   397 C CA  . VAL A 1 57 ? 15.866  8.208   -4.045  1.00 59.50  ? 52  VAL A CA  1 
ATOM   398 C C   . VAL A 1 57 ? 15.128  8.322   -5.369  1.00 63.47  ? 52  VAL A C   1 
ATOM   399 O O   . VAL A 1 57 ? 14.102  7.666   -5.580  1.00 63.78  ? 52  VAL A O   1 
ATOM   400 C CB  . VAL A 1 57 ? 16.890  7.056   -4.097  1.00 54.77  ? 52  VAL A CB  1 
ATOM   401 C CG1 . VAL A 1 57 ? 17.924  7.322   -5.168  1.00 71.58  ? 52  VAL A CG1 1 
ATOM   402 C CG2 . VAL A 1 57 ? 17.556  6.886   -2.745  1.00 72.25  ? 52  VAL A CG2 1 
ATOM   403 N N   . LEU A 1 58 ? 15.654  9.162   -6.256  1.00 64.57  ? 53  LEU A N   1 
ATOM   404 C CA  . LEU A 1 58 ? 15.118  9.280   -7.604  1.00 70.88  ? 53  LEU A CA  1 
ATOM   405 C C   . LEU A 1 58 ? 15.435  8.026   -8.409  1.00 69.59  ? 53  LEU A C   1 
ATOM   406 O O   . LEU A 1 58 ? 16.558  7.514   -8.363  1.00 62.69  ? 53  LEU A O   1 
ATOM   407 C CB  . LEU A 1 58 ? 15.698  10.513  -8.295  1.00 69.44  ? 53  LEU A CB  1 
ATOM   408 C CG  . LEU A 1 58 ? 15.152  10.867  -9.678  1.00 69.19  ? 53  LEU A CG  1 
ATOM   409 C CD1 . LEU A 1 58 ? 13.726  11.377  -9.590  1.00 70.57  ? 53  LEU A CD1 1 
ATOM   410 C CD2 . LEU A 1 58 ? 16.039  11.905  -10.330 1.00 63.86  ? 53  LEU A CD2 1 
ATOM   411 N N   . ILE A 1 59 ? 14.439  7.521   -9.129  1.00 71.33  ? 54  ILE A N   1 
ATOM   412 C CA  . ILE A 1 59 ? 14.641  6.380   -10.015 1.00 73.87  ? 54  ILE A CA  1 
ATOM   413 C C   . ILE A 1 59 ? 14.142  6.726   -11.411 1.00 90.07  ? 54  ILE A C   1 
ATOM   414 O O   . ILE A 1 59 ? 14.369  5.976   -12.361 1.00 100.23 ? 54  ILE A O   1 
ATOM   415 C CB  . ILE A 1 59 ? 13.943  5.116   -9.482  1.00 73.16  ? 54  ILE A CB  1 
ATOM   416 C CG1 . ILE A 1 59 ? 12.441  5.366   -9.331  1.00 69.88  ? 54  ILE A CG1 1 
ATOM   417 C CG2 . ILE A 1 59 ? 14.574  4.666   -8.168  1.00 65.55  ? 54  ILE A CG2 1 
ATOM   418 C CD1 . ILE A 1 59 ? 11.684  4.193   -8.763  1.00 70.00  ? 54  ILE A CD1 1 
ATOM   419 O OXT . ILE A 1 59 ? 13.506  7.763   -11.616 1.00 95.32  ? 54  ILE A OXT 1 
ATOM   420 N N   . MET B 1 4  ? -2.621  -11.377 11.590  1.00 128.57 ? -1  MET B N   1 
ATOM   421 C CA  . MET B 1 4  ? -3.948  -11.972 11.494  1.00 134.75 ? -1  MET B CA  1 
ATOM   422 C C   . MET B 1 4  ? -3.976  -13.069 10.434  1.00 140.43 ? -1  MET B C   1 
ATOM   423 O O   . MET B 1 4  ? -4.935  -13.180 9.668   1.00 137.25 ? -1  MET B O   1 
ATOM   424 C CB  . MET B 1 4  ? -4.994  -10.900 11.174  1.00 118.52 ? -1  MET B CB  1 
ATOM   425 N N   . GLY B 1 5  ? -2.924  -13.876 10.393  1.00 135.45 ? 0   GLY B N   1 
ATOM   426 C CA  . GLY B 1 5  ? -2.857  -14.951 9.403   1.00 123.20 ? 0   GLY B CA  1 
ATOM   427 C C   . GLY B 1 5  ? -2.526  -14.544 7.983   1.00 124.01 ? 0   GLY B C   1 
ATOM   428 O O   . GLY B 1 5  ? -1.663  -15.157 7.348   1.00 109.26 ? 0   GLY B O   1 
ATOM   429 N N   . MET B 1 6  ? -3.196  -13.517 7.465   1.00 126.31 ? 1   MET B N   1 
ATOM   430 C CA  . MET B 1 6  ? -2.957  -13.019 6.118   1.00 116.04 ? 1   MET B CA  1 
ATOM   431 C C   . MET B 1 6  ? -2.106  -11.754 6.138   1.00 102.09 ? 1   MET B C   1 
ATOM   432 O O   . MET B 1 6  ? -2.266  -10.892 7.007   1.00 99.21  ? 1   MET B O   1 
ATOM   433 C CB  . MET B 1 6  ? -4.293  -12.760 5.412   1.00 100.65 ? 1   MET B CB  1 
ATOM   434 C CG  . MET B 1 6  ? -4.209  -11.941 4.143   1.00 101.61 ? 1   MET B CG  1 
ATOM   435 S SD  . MET B 1 6  ? -4.754  -10.246 4.436   1.00 136.37 ? 1   MET B SD  1 
ATOM   436 C CE  . MET B 1 6  ? -6.509  -10.507 4.694   1.00 124.26 ? 1   MET B CE  1 
ATOM   437 N N   . VAL B 1 7  ? -1.198  -11.657 5.169   1.00 89.96  ? 2   VAL B N   1 
ATOM   438 C CA  . VAL B 1 7  ? -0.184  -10.612 5.101   1.00 78.67  ? 2   VAL B CA  1 
ATOM   439 C C   . VAL B 1 7  ? -0.342  -9.871  3.781   1.00 70.83  ? 2   VAL B C   1 
ATOM   440 O O   . VAL B 1 7  ? -0.359  -10.497 2.714   1.00 75.66  ? 2   VAL B O   1 
ATOM   441 C CB  . VAL B 1 7  ? 1.236   -11.193 5.224   1.00 77.79  ? 2   VAL B CB  1 
ATOM   442 C CG1 . VAL B 1 7  ? 2.260   -10.229 4.641   1.00 68.63  ? 2   VAL B CG1 1 
ATOM   443 C CG2 . VAL B 1 7  ? 1.561   -11.515 6.674   1.00 86.28  ? 2   VAL B CG2 1 
ATOM   444 N N   . VAL B 1 8  ? -0.439  -8.546  3.845   1.00 69.27  ? 3   VAL B N   1 
ATOM   445 C CA  . VAL B 1 8  ? -0.442  -7.737  2.630   1.00 63.66  ? 3   VAL B CA  1 
ATOM   446 C C   . VAL B 1 8  ? 0.995   -7.561  2.156   1.00 59.50  ? 3   VAL B C   1 
ATOM   447 O O   . VAL B 1 8  ? 1.836   -7.004  2.869   1.00 72.85  ? 3   VAL B O   1 
ATOM   448 C CB  . VAL B 1 8  ? -1.119  -6.380  2.861   1.00 62.74  ? 3   VAL B CB  1 
ATOM   449 C CG1 . VAL B 1 8  ? -1.037  -5.542  1.598   1.00 63.77  ? 3   VAL B CG1 1 
ATOM   450 C CG2 . VAL B 1 8  ? -2.564  -6.581  3.269   1.00 60.51  ? 3   VAL B CG2 1 
ATOM   451 N N   . GLU B 1 9  ? 1.273   -8.031  0.945   1.00 54.48  ? 4   GLU B N   1 
ATOM   452 C CA  . GLU B 1 9  ? 2.617   -8.073  0.389   1.00 53.20  ? 4   GLU B CA  1 
ATOM   453 C C   . GLU B 1 9  ? 2.877   -6.972  -0.630  1.00 70.66  ? 4   GLU B C   1 
ATOM   454 O O   . GLU B 1 9  ? 4.031   -6.574  -0.815  1.00 61.61  ? 4   GLU B O   1 
ATOM   455 C CB  . GLU B 1 9  ? 2.858   -9.437  -0.268  1.00 55.83  ? 4   GLU B CB  1 
ATOM   456 C CG  . GLU B 1 9  ? 4.066   -9.498  -1.188  1.00 91.27  ? 4   GLU B CG  1 
ATOM   457 C CD  . GLU B 1 9  ? 4.063   -10.745 -2.056  1.00 110.30 ? 4   GLU B CD  1 
ATOM   458 O OE1 . GLU B 1 9  ? 4.104   -10.609 -3.299  1.00 113.03 ? 4   GLU B OE1 1 
ATOM   459 O OE2 . GLU B 1 9  ? 4.000   -11.861 -1.498  1.00 107.05 ? 4   GLU B OE2 1 
ATOM   460 N N   . GLU B 1 10 ? 1.839   -6.472  -1.293  1.00 57.23  ? 5   GLU B N   1 
ATOM   461 C CA  . GLU B 1 10 ? 2.023   -5.466  -2.325  1.00 58.01  ? 5   GLU B CA  1 
ATOM   462 C C   . GLU B 1 10 ? 0.700   -4.756  -2.563  1.00 61.45  ? 5   GLU B C   1 
ATOM   463 O O   . GLU B 1 10 ? -0.360  -5.382  -2.517  1.00 73.55  ? 5   GLU B O   1 
ATOM   464 C CB  . GLU B 1 10 ? 2.541   -6.105  -3.620  1.00 54.02  ? 5   GLU B CB  1 
ATOM   465 C CG  . GLU B 1 10 ? 2.993   -5.125  -4.695  1.00 72.10  ? 5   GLU B CG  1 
ATOM   466 C CD  . GLU B 1 10 ? 2.016   -5.014  -5.854  1.00 95.85  ? 5   GLU B CD  1 
ATOM   467 O OE1 . GLU B 1 10 ? 2.476   -4.804  -6.998  1.00 98.31  ? 5   GLU B OE1 1 
ATOM   468 O OE2 . GLU B 1 10 ? 0.794   -5.154  -5.631  1.00 91.82  ? 5   GLU B OE2 1 
ATOM   469 N N   . THR B 1 11 ? 0.773   -3.448  -2.801  1.00 68.53  ? 6   THR B N   1 
ATOM   470 C CA  . THR B 1 11 ? -0.367  -2.651  -3.227  1.00 63.33  ? 6   THR B CA  1 
ATOM   471 C C   . THR B 1 11 ? 0.050   -1.849  -4.447  1.00 63.96  ? 6   THR B C   1 
ATOM   472 O O   . THR B 1 11 ? 1.233   -1.583  -4.668  1.00 65.43  ? 6   THR B O   1 
ATOM   473 C CB  . THR B 1 11 ? -0.885  -1.703  -2.138  1.00 60.37  ? 6   THR B CB  1 
ATOM   474 O OG1 . THR B 1 11 ? 0.128   -0.741  -1.818  1.00 83.15  ? 6   THR B OG1 1 
ATOM   475 C CG2 . THR B 1 11 ? -1.275  -2.474  -0.888  1.00 63.23  ? 6   THR B CG2 1 
ATOM   476 N N   . ARG B 1 12 ? -0.936  -1.478  -5.253  1.00 63.59  ? 7   ARG B N   1 
ATOM   477 C CA  . ARG B 1 12 ? -0.644  -0.820  -6.513  1.00 69.74  ? 7   ARG B CA  1 
ATOM   478 C C   . ARG B 1 12 ? -1.846  0.013   -6.915  1.00 73.52  ? 7   ARG B C   1 
ATOM   479 O O   . ARG B 1 12 ? -2.989  -0.430  -6.778  1.00 69.49  ? 7   ARG B O   1 
ATOM   480 C CB  . ARG B 1 12 ? -0.297  -1.851  -7.596  1.00 63.67  ? 7   ARG B CB  1 
ATOM   481 C CG  . ARG B 1 12 ? 0.420   -1.296  -8.807  1.00 83.21  ? 7   ARG B CG  1 
ATOM   482 C CD  . ARG B 1 12 ? 1.354   -2.338  -9.405  1.00 84.39  ? 7   ARG B CD  1 
ATOM   483 N NE  . ARG B 1 12 ? 0.657   -3.563  -9.779  1.00 96.39  ? 7   ARG B NE  1 
ATOM   484 C CZ  . ARG B 1 12 ? 0.083   -3.769  -10.960 1.00 109.48 ? 7   ARG B CZ  1 
ATOM   485 N NH1 . ARG B 1 12 ? 0.129   -2.828  -11.894 1.00 106.50 ? 7   ARG B NH1 1 
ATOM   486 N NH2 . ARG B 1 12 ? -0.529  -4.919  -11.209 1.00 111.88 ? 7   ARG B NH2 1 
ATOM   487 N N   . ASP B 1 13 ? -1.574  1.226   -7.391  1.00 81.58  ? 8   ASP B N   1 
ATOM   488 C CA  . ASP B 1 13 ? -2.605  2.122   -7.901  1.00 68.77  ? 8   ASP B CA  1 
ATOM   489 C C   . ASP B 1 13 ? -2.789  1.817   -9.380  1.00 74.45  ? 8   ASP B C   1 
ATOM   490 O O   . ASP B 1 13 ? -1.896  2.083   -10.191 1.00 88.77  ? 8   ASP B O   1 
ATOM   491 C CB  . ASP B 1 13 ? -2.203  3.577   -7.682  1.00 80.16  ? 8   ASP B CB  1 
ATOM   492 C CG  . ASP B 1 13 ? -3.327  4.543   -7.968  1.00 87.74  ? 8   ASP B CG  1 
ATOM   493 O OD1 . ASP B 1 13 ? -3.469  5.525   -7.211  1.00 99.89  ? 8   ASP B OD1 1 
ATOM   494 O OD2 . ASP B 1 13 ? -4.086  4.307   -8.931  1.00 96.06  ? 8   ASP B OD2 1 
ATOM   495 N N   . LEU B 1 14 ? -3.938  1.240   -9.734  1.00 70.58  ? 9   LEU B N   1 
ATOM   496 C CA  . LEU B 1 14 ? -4.176  0.845   -11.117 1.00 78.17  ? 9   LEU B CA  1 
ATOM   497 C C   . LEU B 1 14 ? -4.836  1.935   -11.950 1.00 79.87  ? 9   LEU B C   1 
ATOM   498 O O   . LEU B 1 14 ? -4.606  2.000   -13.163 1.00 69.36  ? 9   LEU B O   1 
ATOM   499 C CB  . LEU B 1 14 ? -5.044  -0.419  -11.167 1.00 79.20  ? 9   LEU B CB  1 
ATOM   500 C CG  . LEU B 1 14 ? -4.452  -1.688  -10.561 1.00 76.61  ? 9   LEU B CG  1 
ATOM   501 C CD1 . LEU B 1 14 ? -5.356  -2.874  -10.834 1.00 80.89  ? 9   LEU B CD1 1 
ATOM   502 C CD2 . LEU B 1 14 ? -3.076  -1.929  -11.142 1.00 71.46  ? 9   LEU B CD2 1 
ATOM   503 N N   . ALA B 1 15 ? -5.646  2.786   -11.333 1.00 66.19  ? 10  ALA B N   1 
ATOM   504 C CA  . ALA B 1 15 ? -6.359  3.833   -12.048 1.00 75.46  ? 10  ALA B CA  1 
ATOM   505 C C   . ALA B 1 15 ? -6.930  4.804   -11.030 1.00 88.52  ? 10  ALA B C   1 
ATOM   506 O O   . ALA B 1 15 ? -7.297  4.407   -9.920  1.00 79.02  ? 10  ALA B O   1 
ATOM   507 C CB  . ALA B 1 15 ? -7.474  3.262   -12.926 1.00 64.02  ? 10  ALA B CB  1 
ATOM   508 N N   . GLU B 1 16 ? -6.977  6.079   -11.401 1.00 106.53 ? 11  GLU B N   1 
ATOM   509 C CA  . GLU B 1 16 ? -7.449  7.095   -10.476 1.00 110.43 ? 11  GLU B CA  1 
ATOM   510 C C   . GLU B 1 16 ? -8.368  8.071   -11.195 1.00 119.07 ? 11  GLU B C   1 
ATOM   511 O O   . GLU B 1 16 ? -8.259  8.287   -12.404 1.00 109.20 ? 11  GLU B O   1 
ATOM   512 C CB  . GLU B 1 16 ? -6.283  7.835   -9.813  1.00 89.45  ? 11  GLU B CB  1 
ATOM   513 C CG  . GLU B 1 16 ? -6.687  8.616   -8.579  1.00 99.48  ? 11  GLU B CG  1 
ATOM   514 C CD  . GLU B 1 16 ? -5.551  8.743   -7.582  1.00 114.94 ? 11  GLU B CD  1 
ATOM   515 O OE1 . GLU B 1 16 ? -4.457  8.206   -7.858  1.00 105.74 ? 11  GLU B OE1 1 
ATOM   516 O OE2 . GLU B 1 16 ? -5.756  9.372   -6.521  1.00 127.18 ? 11  GLU B OE2 1 
ATOM   517 N N   . THR B 1 17 ? -9.295  8.635   -10.423 1.00 126.72 ? 12  THR B N   1 
ATOM   518 C CA  . THR B 1 17 ? -10.311 9.553   -10.915 1.00 112.93 ? 12  THR B CA  1 
ATOM   519 C C   . THR B 1 17 ? -10.532 10.617  -9.849  1.00 121.08 ? 12  THR B C   1 
ATOM   520 O O   . THR B 1 17 ? -10.031 10.510  -8.727  1.00 116.11 ? 12  THR B O   1 
ATOM   521 C CB  . THR B 1 17 ? -11.612 8.802   -11.260 1.00 113.57 ? 12  THR B CB  1 
ATOM   522 O OG1 . THR B 1 17 ? -11.420 8.046   -12.463 1.00 118.21 ? 12  THR B OG1 1 
ATOM   523 C CG2 . THR B 1 17 ? -12.791 9.754   -11.455 1.00 114.95 ? 12  THR B CG2 1 
ATOM   524 N N   . ALA B 1 18 ? -11.256 11.675  -10.218 1.00 133.36 ? 13  ALA B N   1 
ATOM   525 C CA  . ALA B 1 18 ? -11.625 12.693  -9.241  1.00 141.40 ? 13  ALA B CA  1 
ATOM   526 C C   . ALA B 1 18 ? -12.155 12.063  -7.958  1.00 136.67 ? 13  ALA B C   1 
ATOM   527 O O   . ALA B 1 18 ? -11.785 12.476  -6.852  1.00 136.19 ? 13  ALA B O   1 
ATOM   528 C CB  . ALA B 1 18 ? -12.659 13.647  -9.840  1.00 135.28 ? 13  ALA B CB  1 
ATOM   529 N N   . ASP B 1 19 ? -13.019 11.056  -8.083  1.00 136.19 ? 14  ASP B N   1 
ATOM   530 C CA  . ASP B 1 19 ? -13.740 10.513  -6.940  1.00 145.70 ? 14  ASP B CA  1 
ATOM   531 C C   . ASP B 1 19 ? -13.264 9.142   -6.483  1.00 137.29 ? 14  ASP B C   1 
ATOM   532 O O   . ASP B 1 19 ? -13.338 8.850   -5.287  1.00 128.45 ? 14  ASP B O   1 
ATOM   533 C CB  . ASP B 1 19 ? -15.238 10.432  -7.254  1.00 127.51 ? 14  ASP B CB  1 
ATOM   534 N N   . CYS B 1 20 ? -12.772 8.296   -7.385  1.00 128.39 ? 15  CYS B N   1 
ATOM   535 C CA  . CYS B 1 20 ? -12.447 6.918   -7.044  1.00 117.61 ? 15  CYS B CA  1 
ATOM   536 C C   . CYS B 1 20 ? -11.057 6.550   -7.541  1.00 113.55 ? 15  CYS B C   1 
ATOM   537 O O   . CYS B 1 20 ? -10.531 7.140   -8.488  1.00 121.34 ? 15  CYS B O   1 
ATOM   538 C CB  . CYS B 1 20 ? -13.465 5.933   -7.638  1.00 108.37 ? 15  CYS B CB  1 
ATOM   539 S SG  . CYS B 1 20 ? -13.145 5.507   -9.370  1.00 122.64 ? 15  CYS B SG  1 
ATOM   540 N N   . VAL B 1 21 ? -10.476 5.546   -6.888  1.00 111.51 ? 16  VAL B N   1 
ATOM   541 C CA  . VAL B 1 21 ? -9.193  4.973   -7.281  1.00 102.54 ? 16  VAL B CA  1 
ATOM   542 C C   . VAL B 1 21 ? -9.304  3.456   -7.186  1.00 88.52  ? 16  VAL B C   1 
ATOM   543 O O   . VAL B 1 21 ? -9.808  2.926   -6.189  1.00 83.15  ? 16  VAL B O   1 
ATOM   544 C CB  . VAL B 1 21 ? -8.035  5.493   -6.408  1.00 91.06  ? 16  VAL B CB  1 
ATOM   545 C CG1 . VAL B 1 21 ? -8.383  5.370   -4.933  1.00 81.01  ? 16  VAL B CG1 1 
ATOM   546 C CG2 . VAL B 1 21 ? -6.751  4.737   -6.723  1.00 79.99  ? 16  VAL B CG2 1 
ATOM   547 N N   . VAL B 1 22 ? -8.824  2.759   -8.211  1.00 71.61  ? 17  VAL B N   1 
ATOM   548 C CA  . VAL B 1 22 ? -8.806  1.301   -8.231  1.00 73.98  ? 17  VAL B CA  1 
ATOM   549 C C   . VAL B 1 22 ? -7.498  0.806   -7.625  1.00 78.95  ? 17  VAL B C   1 
ATOM   550 O O   . VAL B 1 22 ? -6.416  1.061   -8.166  1.00 72.77  ? 17  VAL B O   1 
ATOM   551 C CB  . VAL B 1 22 ? -8.981  0.769   -9.660  1.00 77.15  ? 17  VAL B CB  1 
ATOM   552 C CG1 . VAL B 1 22 ? -8.765  -0.736  -9.695  1.00 73.13  ? 17  VAL B CG1 1 
ATOM   553 C CG2 . VAL B 1 22 ? -10.362 1.125   -10.182 1.00 73.87  ? 17  VAL B CG2 1 
ATOM   554 N N   . ILE B 1 23 ? -7.597  0.084   -6.509  1.00 72.41  ? 18  ILE B N   1 
ATOM   555 C CA  . ILE B 1 23 ? -6.437  -0.418  -5.783  1.00 70.49  ? 18  ILE B CA  1 
ATOM   556 C C   . ILE B 1 23 ? -6.306  -1.913  -6.024  1.00 66.93  ? 18  ILE B C   1 
ATOM   557 O O   . ILE B 1 23 ? -7.305  -2.641  -6.052  1.00 69.90  ? 18  ILE B O   1 
ATOM   558 C CB  . ILE B 1 23 ? -6.537  -0.132  -4.272  1.00 70.33  ? 18  ILE B CB  1 
ATOM   559 C CG1 . ILE B 1 23 ? -6.714  1.363   -4.010  1.00 66.11  ? 18  ILE B CG1 1 
ATOM   560 C CG2 . ILE B 1 23 ? -5.317  -0.682  -3.548  1.00 72.66  ? 18  ILE B CG2 1 
ATOM   561 C CD1 . ILE B 1 23 ? -6.942  1.697   -2.551  1.00 72.35  ? 18  ILE B CD1 1 
ATOM   562 N N   . GLU B 1 24 ? -5.070  -2.372  -6.184  1.00 69.94  ? 19  GLU B N   1 
ATOM   563 C CA  . GLU B 1 24 ? -4.752  -3.791  -6.216  1.00 60.32  ? 19  GLU B CA  1 
ATOM   564 C C   . GLU B 1 24 ? -3.857  -4.125  -5.036  1.00 66.91  ? 19  GLU B C   1 
ATOM   565 O O   . GLU B 1 24 ? -2.947  -3.362  -4.704  1.00 79.63  ? 19  GLU B O   1 
ATOM   566 C CB  . GLU B 1 24 ? -4.053  -4.200  -7.505  1.00 61.89  ? 19  GLU B CB  1 
ATOM   567 C CG  . GLU B 1 24 ? -3.180  -5.434  -7.329  1.00 78.48  ? 19  GLU B CG  1 
ATOM   568 C CD  . GLU B 1 24 ? -2.276  -5.694  -8.512  1.00 99.73  ? 19  GLU B CD  1 
ATOM   569 O OE1 . GLU B 1 24 ? -2.796  -5.989  -9.609  1.00 96.90  ? 19  GLU B OE1 1 
ATOM   570 O OE2 . GLU B 1 24 ? -1.040  -5.607  -8.343  1.00 101.12 ? 19  GLU B OE2 1 
ATOM   571 N N   . ALA B 1 25 ? -4.126  -5.260  -4.400  1.00 65.81  ? 20  ALA B N   1 
ATOM   572 C CA  . ALA B 1 25 ? -3.273  -5.780  -3.347  1.00 60.63  ? 20  ALA B CA  1 
ATOM   573 C C   . ALA B 1 25 ? -2.963  -7.242  -3.626  1.00 60.79  ? 20  ALA B C   1 
ATOM   574 O O   . ALA B 1 25 ? -3.787  -7.968  -4.184  1.00 67.51  ? 20  ALA B O   1 
ATOM   575 C CB  . ALA B 1 25 ? -3.922  -5.632  -1.969  1.00 63.88  ? 20  ALA B CB  1 
ATOM   576 N N   . ILE B 1 26 ? -1.752  -7.655  -3.269  1.00 59.06  ? 21  ILE B N   1 
ATOM   577 C CA  . ILE B 1 26 ? -1.373  -9.063  -3.250  1.00 57.56  ? 21  ILE B CA  1 
ATOM   578 C C   . ILE B 1 26 ? -1.372  -9.531  -1.801  1.00 62.39  ? 21  ILE B C   1 
ATOM   579 O O   . ILE B 1 26 ? -0.596  -9.032  -0.978  1.00 60.30  ? 21  ILE B O   1 
ATOM   580 C CB  . ILE B 1 26 ? -0.008  -9.295  -3.913  1.00 57.13  ? 21  ILE B CB  1 
ATOM   581 C CG1 . ILE B 1 26 ? -0.056  -8.849  -5.375  1.00 57.36  ? 21  ILE B CG1 1 
ATOM   582 C CG2 . ILE B 1 26 ? 0.396   -10.751 -3.797  1.00 56.29  ? 21  ILE B CG2 1 
ATOM   583 C CD1 . ILE B 1 26 ? -1.216  -9.443  -6.148  1.00 59.33  ? 21  ILE B CD1 1 
ATOM   584 N N   . LEU B 1 27 ? -2.253  -10.477 -1.486  1.00 71.75  ? 22  LEU B N   1 
ATOM   585 C CA  . LEU B 1 27 ? -2.375  -11.040 -0.150  1.00 58.51  ? 22  LEU B CA  1 
ATOM   586 C C   . LEU B 1 27 ? -1.722  -12.414 -0.123  1.00 62.02  ? 22  LEU B C   1 
ATOM   587 O O   . LEU B 1 27 ? -1.769  -13.152 -1.111  1.00 66.52  ? 22  LEU B O   1 
ATOM   588 C CB  . LEU B 1 27 ? -3.846  -11.146 0.250   1.00 57.38  ? 22  LEU B CB  1 
ATOM   589 C CG  . LEU B 1 27 ? -4.694  -9.889  0.043   1.00 65.23  ? 22  LEU B CG  1 
ATOM   590 C CD1 . LEU B 1 27 ? -6.103  -10.090 0.563   1.00 66.28  ? 22  LEU B CD1 1 
ATOM   591 C CD2 . LEU B 1 27 ? -4.050  -8.693  0.723   1.00 70.46  ? 22  LEU B CD2 1 
ATOM   592 N N   . VAL B 1 28 ? -1.094  -12.749 1.000   1.00 67.79  ? 23  VAL B N   1 
ATOM   593 C CA  . VAL B 1 28 ? -0.511  -14.071 1.200   1.00 69.51  ? 23  VAL B CA  1 
ATOM   594 C C   . VAL B 1 28 ? -1.070  -14.648 2.493   1.00 78.13  ? 23  VAL B C   1 
ATOM   595 O O   . VAL B 1 28 ? -0.884  -14.065 3.568   1.00 85.89  ? 23  VAL B O   1 
ATOM   596 C CB  . VAL B 1 28 ? 1.023   -14.026 1.246   1.00 65.70  ? 23  VAL B CB  1 
ATOM   597 C CG1 . VAL B 1 28 ? 1.574   -15.394 1.596   1.00 82.79  ? 23  VAL B CG1 1 
ATOM   598 C CG2 . VAL B 1 28 ? 1.574   -13.546 -0.085  1.00 71.56  ? 23  VAL B CG2 1 
ATOM   599 N N   . ASP B 1 29 ? -1.757  -15.784 2.389   1.00 93.95  ? 24  ASP B N   1 
ATOM   600 C CA  . ASP B 1 29 ? -2.333  -16.452 3.549   1.00 108.23 ? 24  ASP B CA  1 
ATOM   601 C C   . ASP B 1 29 ? -2.055  -17.942 3.463   1.00 89.85  ? 24  ASP B C   1 
ATOM   602 O O   . ASP B 1 29 ? -2.320  -18.565 2.431   1.00 95.22  ? 24  ASP B O   1 
ATOM   603 C CB  . ASP B 1 29 ? -3.843  -16.214 3.648   1.00 95.46  ? 24  ASP B CB  1 
ATOM   604 C CG  . ASP B 1 29 ? -4.418  -16.674 4.975   1.00 117.51 ? 24  ASP B CG  1 
ATOM   605 O OD1 . ASP B 1 29 ? -3.674  -17.305 5.758   1.00 115.82 ? 24  ASP B OD1 1 
ATOM   606 O OD2 . ASP B 1 29 ? -5.610  -16.411 5.235   1.00 131.33 ? 24  ASP B OD2 1 
ATOM   607 N N   . ASP B 1 30 ? -1.527  -18.505 4.548   1.00 90.94  ? 25  ASP B N   1 
ATOM   608 C CA  . ASP B 1 30 ? -1.245  -19.937 4.631   1.00 101.94 ? 25  ASP B CA  1 
ATOM   609 C C   . ASP B 1 30 ? -0.468  -20.424 3.408   1.00 86.33  ? 25  ASP B C   1 
ATOM   610 O O   . ASP B 1 30 ? -0.691  -21.523 2.897   1.00 102.82 ? 25  ASP B O   1 
ATOM   611 C CB  . ASP B 1 30 ? -2.538  -20.737 4.816   1.00 82.24  ? 25  ASP B CB  1 
ATOM   612 N N   . GLY B 1 31 ? 0.468   -19.601 2.940   1.00 74.36  ? 26  GLY B N   1 
ATOM   613 C CA  . GLY B 1 31 ? 1.353   -19.982 1.858   1.00 76.10  ? 26  GLY B CA  1 
ATOM   614 C C   . GLY B 1 31 ? 0.807   -19.791 0.458   1.00 81.33  ? 26  GLY B C   1 
ATOM   615 O O   . GLY B 1 31 ? 1.488   -20.166 -0.506  1.00 78.88  ? 26  GLY B O   1 
ATOM   616 N N   . LEU B 1 32 ? -0.387  -19.225 0.307   1.00 70.88  ? 27  LEU B N   1 
ATOM   617 C CA  . LEU B 1 32 ? -0.990  -18.993 -0.997  1.00 65.79  ? 27  LEU B CA  1 
ATOM   618 C C   . LEU B 1 32 ? -1.125  -17.497 -1.256  1.00 64.28  ? 27  LEU B C   1 
ATOM   619 O O   . LEU B 1 32 ? -1.281  -16.703 -0.325  1.00 66.22  ? 27  LEU B O   1 
ATOM   620 C CB  . LEU B 1 32 ? -2.363  -19.667 -1.089  1.00 70.10  ? 27  LEU B CB  1 
ATOM   621 C CG  . LEU B 1 32 ? -2.373  -21.189 -0.935  1.00 63.00  ? 27  LEU B CG  1 
ATOM   622 C CD1 . LEU B 1 32 ? -3.796  -21.703 -0.925  1.00 59.99  ? 27  LEU B CD1 1 
ATOM   623 C CD2 . LEU B 1 32 ? -1.559  -21.863 -2.034  1.00 62.07  ? 27  LEU B CD2 1 
ATOM   624 N N   . ARG B 1 33 ? -1.080  -17.116 -2.530  1.00 67.36  ? 28  ARG B N   1 
ATOM   625 C CA  . ARG B 1 33 ? -1.109  -15.714 -2.933  1.00 62.82  ? 28  ARG B CA  1 
ATOM   626 C C   . ARG B 1 33 ? -2.440  -15.361 -3.586  1.00 63.53  ? 28  ARG B C   1 
ATOM   627 O O   . ARG B 1 33 ? -2.953  -16.107 -4.426  1.00 60.19  ? 28  ARG B O   1 
ATOM   628 C CB  . ARG B 1 33 ? 0.039   -15.385 -3.894  1.00 57.40  ? 28  ARG B CB  1 
ATOM   629 C CG  . ARG B 1 33 ? 1.411   -15.411 -3.249  1.00 82.68  ? 28  ARG B CG  1 
ATOM   630 C CD  . ARG B 1 33 ? 2.340   -14.421 -3.921  1.00 89.02  ? 28  ARG B CD  1 
ATOM   631 N NE  . ARG B 1 33 ? 2.256   -14.517 -5.373  1.00 106.55 ? 28  ARG B NE  1 
ATOM   632 C CZ  . ARG B 1 33 ? 2.755   -13.616 -6.213  1.00 128.94 ? 28  ARG B CZ  1 
ATOM   633 N NH1 . ARG B 1 33 ? 3.376   -12.541 -5.743  1.00 130.69 ? 28  ARG B NH1 1 
ATOM   634 N NH2 . ARG B 1 33 ? 2.630   -13.787 -7.521  1.00 137.62 ? 28  ARG B NH2 1 
ATOM   635 N N   . TYR B 1 34 ? -2.986  -14.210 -3.199  1.00 61.05  ? 29  TYR B N   1 
ATOM   636 C CA  . TYR B 1 34 ? -4.260  -13.727 -3.705  1.00 57.69  ? 29  TYR B CA  1 
ATOM   637 C C   . TYR B 1 34 ? -4.101  -12.324 -4.271  1.00 58.75  ? 29  TYR B C   1 
ATOM   638 O O   . TYR B 1 34 ? -3.264  -11.540 -3.812  1.00 60.71  ? 29  TYR B O   1 
ATOM   639 C CB  . TYR B 1 34 ? -5.329  -13.708 -2.606  1.00 54.92  ? 29  TYR B CB  1 
ATOM   640 C CG  . TYR B 1 34 ? -5.699  -15.074 -2.099  1.00 63.60  ? 29  TYR B CG  1 
ATOM   641 C CD1 . TYR B 1 34 ? -5.046  -15.629 -1.011  1.00 65.03  ? 29  TYR B CD1 1 
ATOM   642 C CD2 . TYR B 1 34 ? -6.694  -15.818 -2.719  1.00 65.38  ? 29  TYR B CD2 1 
ATOM   643 C CE1 . TYR B 1 34 ? -5.379  -16.885 -0.546  1.00 64.28  ? 29  TYR B CE1 1 
ATOM   644 C CE2 . TYR B 1 34 ? -7.034  -17.067 -2.263  1.00 58.84  ? 29  TYR B CE2 1 
ATOM   645 C CZ  . TYR B 1 34 ? -6.374  -17.598 -1.178  1.00 58.48  ? 29  TYR B CZ  1 
ATOM   646 O OH  . TYR B 1 34 ? -6.714  -18.847 -0.720  1.00 64.82  ? 29  TYR B OH  1 
ATOM   647 N N   . ARG B 1 35 ? -4.922  -12.014 -5.267  1.00 58.96  ? 30  ARG B N   1 
ATOM   648 C CA  . ARG B 1 35 ? -5.006  -10.681 -5.849  1.00 51.37  ? 30  ARG B CA  1 
ATOM   649 C C   . ARG B 1 35 ? -6.349  -10.075 -5.471  1.00 58.80  ? 30  ARG B C   1 
ATOM   650 O O   . ARG B 1 35 ? -7.402  -10.589 -5.869  1.00 62.43  ? 30  ARG B O   1 
ATOM   651 C CB  . ARG B 1 35 ? -4.847  -10.736 -7.367  1.00 57.03  ? 30  ARG B CB  1 
ATOM   652 C CG  . ARG B 1 35 ? -4.978  -9.385  -8.052  1.00 63.53  ? 30  ARG B CG  1 
ATOM   653 C CD  . ARG B 1 35 ? -4.706  -9.523  -9.540  1.00 85.09  ? 30  ARG B CD  1 
ATOM   654 N NE  . ARG B 1 35 ? -4.412  -8.241  -10.173 1.00 108.34 ? 30  ARG B NE  1 
ATOM   655 C CZ  . ARG B 1 35 ? -5.219  -7.645  -11.045 1.00 121.58 ? 30  ARG B CZ  1 
ATOM   656 N NH1 . ARG B 1 35 ? -6.368  -8.217  -11.382 1.00 125.84 ? 30  ARG B NH1 1 
ATOM   657 N NH2 . ARG B 1 35 ? -4.878  -6.481  -11.584 1.00 111.79 ? 30  ARG B NH2 1 
ATOM   658 N N   . GLN B 1 36 ? -6.311  -8.997  -4.695  1.00 57.71  ? 31  GLN B N   1 
ATOM   659 C CA  . GLN B 1 36 ? -7.506  -8.291  -4.260  1.00 56.06  ? 31  GLN B CA  1 
ATOM   660 C C   . GLN B 1 36 ? -7.617  -6.956  -4.985  1.00 65.86  ? 31  GLN B C   1 
ATOM   661 O O   . GLN B 1 36 ? -6.666  -6.168  -4.997  1.00 77.32  ? 31  GLN B O   1 
ATOM   662 C CB  . GLN B 1 36 ? -7.480  -8.061  -2.752  1.00 52.09  ? 31  GLN B CB  1 
ATOM   663 C CG  . GLN B 1 36 ? -8.683  -7.308  -2.235  1.00 59.30  ? 31  GLN B CG  1 
ATOM   664 C CD  . GLN B 1 36 ? -8.708  -7.253  -0.729  1.00 71.03  ? 31  GLN B CD  1 
ATOM   665 O OE1 . GLN B 1 36 ? -9.495  -7.946  -0.087  1.00 87.11  ? 31  GLN B OE1 1 
ATOM   666 N NE2 . GLN B 1 36 ? -7.841  -6.431  -0.152  1.00 79.06  ? 31  GLN B NE2 1 
ATOM   667 N N   . LEU B 1 37 ? -8.776  -6.710  -5.587  1.00 65.27  ? 32  LEU B N   1 
ATOM   668 C CA  . LEU B 1 37 ? -9.097  -5.437  -6.213  1.00 58.71  ? 32  LEU B CA  1 
ATOM   669 C C   . LEU B 1 37 ? -10.106 -4.697  -5.346  1.00 65.22  ? 32  LEU B C   1 
ATOM   670 O O   . LEU B 1 37 ? -11.131 -5.266  -4.958  1.00 68.67  ? 32  LEU B O   1 
ATOM   671 C CB  . LEU B 1 37 ? -9.653  -5.646  -7.620  1.00 54.78  ? 32  LEU B CB  1 
ATOM   672 C CG  . LEU B 1 37 ? -8.667  -6.278  -8.601  1.00 75.56  ? 32  LEU B CG  1 
ATOM   673 C CD1 . LEU B 1 37 ? -9.352  -6.615  -9.913  1.00 87.09  ? 32  LEU B CD1 1 
ATOM   674 C CD2 . LEU B 1 37 ? -7.486  -5.352  -8.833  1.00 85.32  ? 32  LEU B CD2 1 
ATOM   675 N N   . SER B 1 38 ? -9.807  -3.437  -5.034  1.00 68.26  ? 33  SER B N   1 
ATOM   676 C CA  . SER B 1 38 ? -10.680 -2.600  -4.225  1.00 70.91  ? 33  SER B CA  1 
ATOM   677 C C   . SER B 1 38 ? -10.895 -1.266  -4.928  1.00 73.66  ? 33  SER B C   1 
ATOM   678 O O   . SER B 1 38 ? -10.173 -0.905  -5.861  1.00 73.49  ? 33  SER B O   1 
ATOM   679 C CB  . SER B 1 38 ? -10.107 -2.370  -2.823  1.00 69.77  ? 33  SER B CB  1 
ATOM   680 O OG  . SER B 1 38 ? -9.586  -3.572  -2.285  1.00 92.52  ? 33  SER B OG  1 
ATOM   681 N N   . VAL B 1 39 ? -11.921 -0.545  -4.483  1.00 73.53  ? 34  VAL B N   1 
ATOM   682 C CA  . VAL B 1 39 ? -12.190 0.816   -4.930  1.00 76.74  ? 34  VAL B CA  1 
ATOM   683 C C   . VAL B 1 39 ? -12.057 1.744   -3.732  1.00 82.80  ? 34  VAL B C   1 
ATOM   684 O O   . VAL B 1 39 ? -12.721 1.540   -2.707  1.00 79.64  ? 34  VAL B O   1 
ATOM   685 C CB  . VAL B 1 39 ? -13.580 0.946   -5.571  1.00 76.96  ? 34  VAL B CB  1 
ATOM   686 C CG1 . VAL B 1 39 ? -13.889 2.400   -5.860  1.00 90.07  ? 34  VAL B CG1 1 
ATOM   687 C CG2 . VAL B 1 39 ? -13.650 0.116   -6.849  1.00 74.19  ? 34  VAL B CG2 1 
ATOM   688 N N   . GLY B 1 40 ? -11.202 2.753   -3.858  1.00 92.44  ? 35  GLY B N   1 
ATOM   689 C CA  . GLY B 1 40 ? -11.050 3.777   -2.835  1.00 96.13  ? 35  GLY B CA  1 
ATOM   690 C C   . GLY B 1 40 ? -11.871 5.005   -3.183  1.00 107.00 ? 35  GLY B C   1 
ATOM   691 O O   . GLY B 1 40 ? -11.934 5.418   -4.341  1.00 100.26 ? 35  GLY B O   1 
ATOM   692 N N   . ILE B 1 41 ? -12.499 5.585   -2.163  1.00 116.73 ? 36  ILE B N   1 
ATOM   693 C CA  . ILE B 1 41 ? -13.364 6.749   -2.323  1.00 131.56 ? 36  ILE B CA  1 
ATOM   694 C C   . ILE B 1 41 ? -12.612 7.983   -1.840  1.00 131.76 ? 36  ILE B C   1 
ATOM   695 O O   . ILE B 1 41 ? -12.154 8.033   -0.692  1.00 116.82 ? 36  ILE B O   1 
ATOM   696 C CB  . ILE B 1 41 ? -14.685 6.571   -1.560  1.00 134.58 ? 36  ILE B CB  1 
ATOM   697 C CG1 . ILE B 1 41 ? -15.259 5.173   -1.807  1.00 113.62 ? 36  ILE B CG1 1 
ATOM   698 C CG2 . ILE B 1 41 ? -15.681 7.651   -1.958  1.00 141.14 ? 36  ILE B CG2 1 
ATOM   699 C CD1 . ILE B 1 41 ? -15.668 4.929   -3.246  1.00 97.74  ? 36  ILE B CD1 1 
ATOM   700 N N   . LYS B 1 42 ? -12.497 8.984   -2.710  1.00 141.30 ? 37  LYS B N   1 
ATOM   701 C CA  . LYS B 1 42 ? -11.756 10.201  -2.418  1.00 153.51 ? 37  LYS B CA  1 
ATOM   702 C C   . LYS B 1 42 ? -12.718 11.353  -2.160  1.00 163.10 ? 37  LYS B C   1 
ATOM   703 O O   . LYS B 1 42 ? -13.767 11.457  -2.806  1.00 153.29 ? 37  LYS B O   1 
ATOM   704 C CB  . LYS B 1 42 ? -10.813 10.558  -3.570  1.00 142.11 ? 37  LYS B CB  1 
ATOM   705 N N   . ASP B 1 43 ? -12.357 12.215  -1.214  1.00 169.81 ? 38  ASP B N   1 
ATOM   706 C CA  . ASP B 1 43 ? -13.150 13.388  -0.885  1.00 173.67 ? 38  ASP B CA  1 
ATOM   707 C C   . ASP B 1 43 ? -12.643 14.596  -1.675  1.00 177.16 ? 38  ASP B C   1 
ATOM   708 O O   . ASP B 1 43 ? -11.847 14.469  -2.610  1.00 179.44 ? 38  ASP B O   1 
ATOM   709 C CB  . ASP B 1 43 ? -13.129 13.626  0.625   1.00 171.59 ? 38  ASP B CB  1 
ATOM   710 C CG  . ASP B 1 43 ? -11.733 13.895  1.159   1.00 169.70 ? 38  ASP B CG  1 
ATOM   711 O OD1 . ASP B 1 43 ? -10.780 13.958  0.353   1.00 168.68 ? 38  ASP B OD1 1 
ATOM   712 O OD2 . ASP B 1 43 ? -11.585 14.038  2.391   1.00 157.67 ? 38  ASP B OD2 1 
ATOM   713 N N   . GLU B 1 44 ? -13.114 15.789  -1.305  1.00 178.31 ? 39  GLU B N   1 
ATOM   714 C CA  . GLU B 1 44 ? -12.681 17.007  -1.983  1.00 175.38 ? 39  GLU B CA  1 
ATOM   715 C C   . GLU B 1 44 ? -11.208 17.306  -1.733  1.00 175.33 ? 39  GLU B C   1 
ATOM   716 O O   . GLU B 1 44 ? -10.560 17.952  -2.565  1.00 176.05 ? 39  GLU B O   1 
ATOM   717 C CB  . GLU B 1 44 ? -13.545 18.189  -1.539  1.00 161.03 ? 39  GLU B CB  1 
ATOM   718 N N   . ASN B 1 45 ? -10.662 16.847  -0.608  1.00 173.63 ? 40  ASN B N   1 
ATOM   719 C CA  . ASN B 1 45 ? -9.293  17.150  -0.209  1.00 168.83 ? 40  ASN B CA  1 
ATOM   720 C C   . ASN B 1 45 ? -8.264  16.201  -0.816  1.00 171.03 ? 40  ASN B C   1 
ATOM   721 O O   . ASN B 1 45 ? -7.094  16.242  -0.421  1.00 161.34 ? 40  ASN B O   1 
ATOM   722 C CB  . ASN B 1 45 ? -9.180  17.131  1.318   1.00 161.92 ? 40  ASN B CB  1 
ATOM   723 N N   . GLY B 1 46 ? -8.668  15.352  -1.756  1.00 173.80 ? 41  GLY B N   1 
ATOM   724 C CA  . GLY B 1 46 ? -7.756  14.428  -2.397  1.00 171.01 ? 41  GLY B CA  1 
ATOM   725 C C   . GLY B 1 46 ? -7.404  13.203  -1.585  1.00 167.11 ? 41  GLY B C   1 
ATOM   726 O O   . GLY B 1 46 ? -6.597  12.386  -2.047  1.00 162.05 ? 41  GLY B O   1 
ATOM   727 N N   . ASP B 1 47 ? -7.967  13.052  -0.391  1.00 160.92 ? 42  ASP B N   1 
ATOM   728 C CA  . ASP B 1 47 ? -7.728  11.892  0.454   1.00 155.44 ? 42  ASP B CA  1 
ATOM   729 C C   . ASP B 1 47 ? -8.775  10.812  0.191   1.00 157.79 ? 42  ASP B C   1 
ATOM   730 O O   . ASP B 1 47 ? -9.871  11.079  -0.310  1.00 153.31 ? 42  ASP B O   1 
ATOM   731 C CB  . ASP B 1 47 ? -7.735  12.291  1.931   1.00 143.92 ? 42  ASP B CB  1 
ATOM   732 N N   . ILE B 1 48 ? -8.417  9.578   0.531   1.00 144.95 ? 43  ILE B N   1 
ATOM   733 C CA  . ILE B 1 48 ? -9.311  8.431   0.392   1.00 139.20 ? 43  ILE B CA  1 
ATOM   734 C C   . ILE B 1 48 ? -10.129 8.292   1.668   1.00 130.26 ? 43  ILE B C   1 
ATOM   735 O O   . ILE B 1 48 ? -9.569  8.221   2.769   1.00 123.69 ? 43  ILE B O   1 
ATOM   736 C CB  . ILE B 1 48 ? -8.519  7.146   0.098   1.00 118.20 ? 43  ILE B CB  1 
ATOM   737 N N   . ILE B 1 49 ? -11.456 8.252   1.527   1.00 123.96 ? 44  ILE B N   1 
ATOM   738 C CA  . ILE B 1 49 ? -12.336 8.214   2.689   1.00 129.45 ? 44  ILE B CA  1 
ATOM   739 C C   . ILE B 1 49 ? -12.910 6.827   2.974   1.00 130.85 ? 44  ILE B C   1 
ATOM   740 O O   . ILE B 1 49 ? -13.362 6.581   4.104   1.00 121.77 ? 44  ILE B O   1 
ATOM   741 C CB  . ILE B 1 49 ? -13.486 9.233   2.534   1.00 101.03 ? 44  ILE B CB  1 
ATOM   742 N N   . ARG B 1 50 ? -12.912 5.922   1.998   1.00 133.25 ? 45  ARG B N   1 
ATOM   743 C CA  . ARG B 1 50 ? -13.429 4.577   2.215   1.00 117.82 ? 45  ARG B CA  1 
ATOM   744 C C   . ARG B 1 50 ? -12.850 3.643   1.162   1.00 112.86 ? 45  ARG B C   1 
ATOM   745 O O   . ARG B 1 50 ? -12.779 4.001   -0.017  1.00 113.23 ? 45  ARG B O   1 
ATOM   746 C CB  . ARG B 1 50 ? -14.961 4.554   2.169   1.00 109.92 ? 45  ARG B CB  1 
ATOM   747 N N   . ILE B 1 51 ? -12.444 2.449   1.590   1.00 108.36 ? 46  ILE B N   1 
ATOM   748 C CA  . ILE B 1 51 ? -11.981 1.395   0.692   1.00 105.71 ? 46  ILE B CA  1 
ATOM   749 C C   . ILE B 1 51 ? -13.039 0.301   0.665   1.00 94.43  ? 46  ILE B C   1 
ATOM   750 O O   . ILE B 1 51 ? -13.446 -0.205  1.717   1.00 94.03  ? 46  ILE B O   1 
ATOM   751 C CB  . ILE B 1 51 ? -10.615 0.838   1.128   1.00 92.68  ? 46  ILE B CB  1 
ATOM   752 N N   . VAL B 1 52 ? -13.478 -0.063  -0.533  1.00 87.33  ? 47  VAL B N   1 
ATOM   753 C CA  . VAL B 1 52 ? -14.522 -1.059  -0.734  1.00 83.68  ? 47  VAL B CA  1 
ATOM   754 C C   . VAL B 1 52 ? -13.945 -2.229  -1.523  1.00 75.70  ? 47  VAL B C   1 
ATOM   755 O O   . VAL B 1 52 ? -13.778 -2.148  -2.740  1.00 65.46  ? 47  VAL B O   1 
ATOM   756 C CB  . VAL B 1 52 ? -15.743 -0.458  -1.452  1.00 89.94  ? 47  VAL B CB  1 
ATOM   757 C CG1 . VAL B 1 52 ? -16.740 -1.553  -1.803  1.00 75.14  ? 47  VAL B CG1 1 
ATOM   758 C CG2 . VAL B 1 52 ? -16.387 0.603   -0.576  1.00 109.89 ? 47  VAL B CG2 1 
ATOM   759 N N   . PRO B 1 53 ? -13.623 -3.338  -0.858  1.00 73.98  ? 48  PRO B N   1 
ATOM   760 C CA  . PRO B 1 53 ? -13.119 -4.510  -1.586  1.00 69.20  ? 48  PRO B CA  1 
ATOM   761 C C   . PRO B 1 53 ? -14.151 -5.023  -2.581  1.00 70.27  ? 48  PRO B C   1 
ATOM   762 O O   . PRO B 1 53 ? -15.340 -5.126  -2.272  1.00 74.60  ? 48  PRO B O   1 
ATOM   763 C CB  . PRO B 1 53 ? -12.855 -5.531  -0.474  1.00 67.90  ? 48  PRO B CB  1 
ATOM   764 C CG  . PRO B 1 53 ? -12.735 -4.721  0.773   1.00 76.02  ? 48  PRO B CG  1 
ATOM   765 C CD  . PRO B 1 53 ? -13.671 -3.569  0.593   1.00 73.68  ? 48  PRO B CD  1 
ATOM   766 N N   . ILE B 1 54 ? -13.681 -5.354  -3.781  1.00 61.58  ? 49  ILE B N   1 
ATOM   767 C CA  . ILE B 1 54 ? -14.545 -5.783  -4.870  1.00 64.14  ? 49  ILE B CA  1 
ATOM   768 C C   . ILE B 1 54 ? -14.410 -7.275  -5.147  1.00 67.35  ? 49  ILE B C   1 
ATOM   769 O O   . ILE B 1 54 ? -15.412 -7.961  -5.351  1.00 72.42  ? 49  ILE B O   1 
ATOM   770 C CB  . ILE B 1 54 ? -14.264 -4.963  -6.147  1.00 71.62  ? 49  ILE B CB  1 
ATOM   771 C CG1 . ILE B 1 54 ? -14.578 -3.487  -5.904  1.00 67.66  ? 49  ILE B CG1 1 
ATOM   772 C CG2 . ILE B 1 54 ? -15.066 -5.513  -7.323  1.00 58.42  ? 49  ILE B CG2 1 
ATOM   773 C CD1 . ILE B 1 54 ? -15.957 -3.249  -5.348  1.00 71.91  ? 49  ILE B CD1 1 
ATOM   774 N N   . SER B 1 55 ? -13.184 -7.793  -5.163  1.00 66.21  ? 50  SER B N   1 
ATOM   775 C CA  . SER B 1 55 ? -12.980 -9.193  -5.496  1.00 57.90  ? 50  SER B CA  1 
ATOM   776 C C   . SER B 1 55 ? -11.596 -9.624  -5.042  1.00 64.25  ? 50  SER B C   1 
ATOM   777 O O   . SER B 1 55 ? -10.640 -8.851  -5.121  1.00 75.66  ? 50  SER B O   1 
ATOM   778 C CB  . SER B 1 55 ? -13.135 -9.429  -6.999  1.00 59.83  ? 50  SER B CB  1 
ATOM   779 O OG  . SER B 1 55 ? -11.958 -9.053  -7.697  1.00 66.37  ? 50  SER B OG  1 
ATOM   780 N N   . THR B 1 56 ? -11.500 -10.863 -4.573  1.00 64.31  ? 51  THR B N   1 
ATOM   781 C CA  . THR B 1 56 ? -10.227 -11.488 -4.256  1.00 56.60  ? 51  THR B CA  1 
ATOM   782 C C   . THR B 1 56 ? -10.190 -12.831 -4.962  1.00 58.03  ? 51  THR B C   1 
ATOM   783 O O   . THR B 1 56 ? -11.185 -13.559 -4.976  1.00 68.58  ? 51  THR B O   1 
ATOM   784 C CB  . THR B 1 56 ? -10.042 -11.680 -2.746  1.00 59.32  ? 51  THR B CB  1 
ATOM   785 O OG1 . THR B 1 56 ? -10.283 -10.442 -2.065  1.00 69.72  ? 51  THR B OG1 1 
ATOM   786 C CG2 . THR B 1 56 ? -8.627  -12.146 -2.439  1.00 53.77  ? 51  THR B CG2 1 
ATOM   787 N N   . VAL B 1 57 ? -9.050  -13.157 -5.554  1.00 58.08  ? 52  VAL B N   1 
ATOM   788 C CA  . VAL B 1 57 ? -8.923  -14.389 -6.318  1.00 55.63  ? 52  VAL B CA  1 
ATOM   789 C C   . VAL B 1 57 ? -7.551  -14.985 -6.055  1.00 54.18  ? 52  VAL B C   1 
ATOM   790 O O   . VAL B 1 57 ? -6.567  -14.259 -5.879  1.00 62.45  ? 52  VAL B O   1 
ATOM   791 C CB  . VAL B 1 57 ? -9.141  -14.157 -7.827  1.00 51.11  ? 52  VAL B CB  1 
ATOM   792 C CG1 . VAL B 1 57 ? -7.911  -13.509 -8.446  1.00 62.97  ? 52  VAL B CG1 1 
ATOM   793 C CG2 . VAL B 1 57 ? -9.456  -15.467 -8.515  1.00 57.85  ? 52  VAL B CG2 1 
ATOM   794 N N   . LEU B 1 58 ? -7.494  -16.312 -6.021  1.00 59.79  ? 53  LEU B N   1 
ATOM   795 C CA  . LEU B 1 58 ? -6.232  -17.021 -5.885  1.00 54.74  ? 53  LEU B CA  1 
ATOM   796 C C   . LEU B 1 58 ? -5.414  -16.853 -7.159  1.00 59.19  ? 53  LEU B C   1 
ATOM   797 O O   . LEU B 1 58 ? -5.939  -16.998 -8.267  1.00 61.72  ? 53  LEU B O   1 
ATOM   798 C CB  . LEU B 1 58 ? -6.503  -18.499 -5.616  1.00 52.50  ? 53  LEU B CB  1 
ATOM   799 C CG  . LEU B 1 58 ? -5.375  -19.468 -5.275  1.00 56.37  ? 53  LEU B CG  1 
ATOM   800 C CD1 . LEU B 1 58 ? -4.849  -19.201 -3.872  1.00 57.70  ? 53  LEU B CD1 1 
ATOM   801 C CD2 . LEU B 1 58 ? -5.875  -20.901 -5.410  1.00 52.20  ? 53  LEU B CD2 1 
ATOM   802 N N   . ILE B 1 59 ? -4.131  -16.538 -7.008  1.00 71.79  ? 54  ILE B N   1 
ATOM   803 C CA  . ILE B 1 59 ? -3.238  -16.439 -8.161  1.00 71.90  ? 54  ILE B CA  1 
ATOM   804 C C   . ILE B 1 59 ? -2.025  -17.328 -7.942  1.00 79.62  ? 54  ILE B C   1 
ATOM   805 O O   . ILE B 1 59 ? -1.217  -17.531 -8.850  1.00 78.39  ? 54  ILE B O   1 
ATOM   806 C CB  . ILE B 1 59 ? -2.800  -14.986 -8.432  1.00 61.68  ? 54  ILE B CB  1 
ATOM   807 C CG1 . ILE B 1 59 ? -2.063  -14.411 -7.218  1.00 65.26  ? 54  ILE B CG1 1 
ATOM   808 C CG2 . ILE B 1 59 ? -3.998  -14.125 -8.803  1.00 63.28  ? 54  ILE B CG2 1 
ATOM   809 C CD1 . ILE B 1 59 ? -1.632  -12.970 -7.389  1.00 64.41  ? 54  ILE B CD1 1 
ATOM   810 O OXT . ILE B 1 59 ? -1.821  -17.865 -6.851  1.00 87.36  ? 54  ILE B OXT 1 
HETATM 811 N N   . NO3 C 2 .  ? 12.061  8.309   17.212  0.69 94.94  ? 101 NO3 A N   1 
HETATM 812 O O1  . NO3 C 2 .  ? 11.222  7.470   16.774  0.69 79.21  ? 101 NO3 A O1  1 
HETATM 813 O O2  . NO3 C 2 .  ? 11.747  9.536   17.270  0.69 90.31  ? 101 NO3 A O2  1 
HETATM 814 O O3  . NO3 C 2 .  ? 13.208  7.920   17.590  0.69 74.12  ? 101 NO3 A O3  1 
HETATM 815 N N   . NO3 D 2 .  ? 7.569   -11.027 3.066   1.00 109.87 ? 102 NO3 A N   1 
HETATM 816 O O1  . NO3 D 2 .  ? 7.826   -11.238 4.286   1.00 102.66 ? 102 NO3 A O1  1 
HETATM 817 O O2  . NO3 D 2 .  ? 6.369   -10.859 2.695   1.00 104.01 ? 102 NO3 A O2  1 
HETATM 818 O O3  . NO3 D 2 .  ? 8.511   -10.986 2.220   1.00 89.31  ? 102 NO3 A O3  1 
HETATM 819 N N   . NO3 E 2 .  ? 4.721   5.518   2.719   1.00 119.65 ? 103 NO3 A N   1 
HETATM 820 O O1  . NO3 E 2 .  ? 5.827   5.169   3.227   1.00 107.70 ? 103 NO3 A O1  1 
HETATM 821 O O2  . NO3 E 2 .  ? 3.665   4.862   2.962   1.00 83.49  ? 103 NO3 A O2  1 
HETATM 822 O O3  . NO3 E 2 .  ? 4.672   6.531   1.965   1.00 119.37 ? 103 NO3 A O3  1 
HETATM 823 N N   . NO3 F 2 .  ? 10.690  13.731  -1.985  1.00 102.35 ? 104 NO3 A N   1 
HETATM 824 O O1  . NO3 F 2 .  ? 10.051  14.649  -1.398  1.00 92.66  ? 104 NO3 A O1  1 
HETATM 825 O O2  . NO3 F 2 .  ? 10.206  13.199  -3.027  1.00 79.93  ? 104 NO3 A O2  1 
HETATM 826 O O3  . NO3 F 2 .  ? 11.808  13.350  -1.529  1.00 82.64  ? 104 NO3 A O3  1 
HETATM 827 N N   . NO3 G 2 .  ? 1.833   -2.553  2.974   1.00 99.94  ? 105 NO3 A N   1 
HETATM 828 O O1  . NO3 G 2 .  ? 1.626   -3.098  4.097   1.00 95.97  ? 105 NO3 A O1  1 
HETATM 829 O O2  . NO3 G 2 .  ? 1.397   -1.386  2.758   1.00 97.89  ? 105 NO3 A O2  1 
HETATM 830 O O3  . NO3 G 2 .  ? 2.471   -3.166  2.067   1.00 70.10  ? 105 NO3 A O3  1 
HETATM 831 N N   . NO3 H 2 .  ? -1.717  2.679   -2.394  1.00 103.06 ? 101 NO3 B N   1 
HETATM 832 O O1  . NO3 H 2 .  ? -2.002  1.793   -1.540  1.00 91.51  ? 101 NO3 B O1  1 
HETATM 833 O O2  . NO3 H 2 .  ? -1.887  3.900   -2.107  1.00 104.53 ? 101 NO3 B O2  1 
HETATM 834 O O3  . NO3 H 2 .  ? -1.266  2.347   -3.531  1.00 79.43  ? 101 NO3 B O3  1 
HETATM 835 N N   . NO3 I 2 .  ? -6.461  -3.012  0.491   1.00 133.09 ? 102 NO3 B N   1 
HETATM 836 O O1  . NO3 I 2 .  ? -7.269  -3.346  1.406   1.00 126.60 ? 102 NO3 B O1  1 
HETATM 837 O O2  . NO3 I 2 .  ? -6.565  -3.531  -0.658  1.00 126.99 ? 102 NO3 B O2  1 
HETATM 838 O O3  . NO3 I 2 .  ? -5.553  -2.160  0.730   1.00 110.17 ? 102 NO3 B O3  1 
HETATM 839 C C1  . MPD J 3 .  ? -8.945  -15.406 3.096   1.00 107.04 ? 103 MPD B C1  1 
HETATM 840 C C2  . MPD J 3 .  ? -8.563  -14.366 2.048   1.00 91.99  ? 103 MPD B C2  1 
HETATM 841 O O2  . MPD J 3 .  ? -9.383  -13.183 2.235   1.00 100.55 ? 103 MPD B O2  1 
HETATM 842 C CM  . MPD J 3 .  ? -7.102  -13.966 2.215   1.00 108.79 ? 103 MPD B CM  1 
HETATM 843 C C3  . MPD J 3 .  ? -8.779  -14.921 0.646   1.00 84.00  ? 103 MPD B C3  1 
HETATM 844 C C4  . MPD J 3 .  ? -10.255 -14.942 0.258   1.00 83.96  ? 103 MPD B C4  1 
HETATM 845 O O4  . MPD J 3 .  ? -10.808 -13.662 0.467   1.00 92.12  ? 103 MPD B O4  1 
HETATM 846 C C5  . MPD J 3 .  ? -10.440 -15.352 -1.200  1.00 59.90  ? 103 MPD B C5  1 
HETATM 847 H H11 . MPD J 3 .  ? -9.556  -16.180 2.633   1.00 128.58 ? 103 MPD B H11 1 
HETATM 848 H H12 . MPD J 3 .  ? -9.509  -14.926 3.895   1.00 128.58 ? 103 MPD B H12 1 
HETATM 849 H H13 . MPD J 3 .  ? -8.041  -15.854 3.509   1.00 128.58 ? 103 MPD B H13 1 
HETATM 850 H HO2 . MPD J 3 .  ? -9.284  -12.592 1.460   1.00 120.79 ? 103 MPD B HO2 1 
HETATM 851 H HM1 . MPD J 3 .  ? -6.486  -14.545 1.527   1.00 130.68 ? 103 MPD B HM1 1 
HETATM 852 H HM2 . MPD J 3 .  ? -6.785  -14.162 3.239   1.00 130.68 ? 103 MPD B HM2 1 
HETATM 853 H HM3 . MPD J 3 .  ? -6.989  -12.903 1.997   1.00 130.68 ? 103 MPD B HM3 1 
HETATM 854 H H31 . MPD J 3 .  ? -8.229  -14.311 -0.070  1.00 100.93 ? 103 MPD B H31 1 
HETATM 855 H H32 . MPD J 3 .  ? -8.382  -15.935 0.596   1.00 100.93 ? 103 MPD B H32 1 
HETATM 856 H H4  . MPD J 3 .  ? -10.769 -15.673 0.883   1.00 100.88 ? 103 MPD B H4  1 
HETATM 857 H HO4 . MPD J 3 .  ? -10.484 -13.050 -0.226  1.00 110.68 ? 103 MPD B HO4 1 
HETATM 858 H H51 . MPD J 3 .  ? -10.927 -14.544 -1.747  1.00 72.02  ? 103 MPD B H51 1 
HETATM 859 H H52 . MPD J 3 .  ? -11.060 -16.248 -1.250  1.00 72.02  ? 103 MPD B H52 1 
HETATM 860 H H53 . MPD J 3 .  ? -9.468  -15.558 -1.647  1.00 72.02  ? 103 MPD B H53 1 
HETATM 861 O O   . HOH K 4 .  ? 13.416  13.101  -2.539  1.00 60.34  ? 201 HOH A O   1 
HETATM 862 O O   . HOH K 4 .  ? 16.122  2.160   -3.463  1.00 61.85  ? 202 HOH A O   1 
HETATM 863 O O   . HOH L 4 .  ? -9.284  -9.859  -7.906  1.00 63.03  ? 201 HOH B O   1 
# 
